data_5ZOH
# 
_entry.id   5ZOH 
# 
_audit_conform.dict_name       mmcif_pdbx.dic 
_audit_conform.dict_version    5.397 
_audit_conform.dict_location   http://mmcif.pdb.org/dictionaries/ascii/mmcif_pdbx.dic 
# 
loop_
_database_2.database_id 
_database_2.database_code 
_database_2.pdbx_database_accession 
_database_2.pdbx_DOI 
PDB   5ZOH         pdb_00005zoh 10.2210/pdb5zoh/pdb 
WWPDB D_1300007440 ?            ?                   
# 
loop_
_pdbx_audit_revision_history.ordinal 
_pdbx_audit_revision_history.data_content_type 
_pdbx_audit_revision_history.major_revision 
_pdbx_audit_revision_history.minor_revision 
_pdbx_audit_revision_history.revision_date 
1 'Structure model' 1 0 2019-04-17 
2 'Structure model' 1 1 2019-05-08 
3 'Structure model' 1 2 2023-11-22 
4 'Structure model' 1 3 2024-10-30 
# 
_pdbx_audit_revision_details.ordinal             1 
_pdbx_audit_revision_details.revision_ordinal    1 
_pdbx_audit_revision_details.data_content_type   'Structure model' 
_pdbx_audit_revision_details.provider            repository 
_pdbx_audit_revision_details.type                'Initial release' 
_pdbx_audit_revision_details.description         ? 
_pdbx_audit_revision_details.details             ? 
# 
loop_
_pdbx_audit_revision_group.ordinal 
_pdbx_audit_revision_group.revision_ordinal 
_pdbx_audit_revision_group.data_content_type 
_pdbx_audit_revision_group.group 
1 2 'Structure model' 'Data collection'        
2 2 'Structure model' 'Database references'    
3 3 'Structure model' 'Data collection'        
4 3 'Structure model' 'Database references'    
5 3 'Structure model' 'Refinement description' 
6 4 'Structure model' 'Structure summary'      
# 
loop_
_pdbx_audit_revision_category.ordinal 
_pdbx_audit_revision_category.revision_ordinal 
_pdbx_audit_revision_category.data_content_type 
_pdbx_audit_revision_category.category 
1 2 'Structure model' citation                      
2 2 'Structure model' citation_author               
3 3 'Structure model' chem_comp_atom                
4 3 'Structure model' chem_comp_bond                
5 3 'Structure model' database_2                    
6 3 'Structure model' pdbx_initial_refinement_model 
7 4 'Structure model' pdbx_entry_details            
8 4 'Structure model' pdbx_modification_feature     
# 
loop_
_pdbx_audit_revision_item.ordinal 
_pdbx_audit_revision_item.revision_ordinal 
_pdbx_audit_revision_item.data_content_type 
_pdbx_audit_revision_item.item 
1 2 'Structure model' '_citation.journal_volume'            
2 2 'Structure model' '_citation.page_first'                
3 2 'Structure model' '_citation.page_last'                 
4 2 'Structure model' '_citation_author.identifier_ORCID'   
5 3 'Structure model' '_database_2.pdbx_DOI'                
6 3 'Structure model' '_database_2.pdbx_database_accession' 
# 
_pdbx_database_status.status_code                     REL 
_pdbx_database_status.status_code_sf                  REL 
_pdbx_database_status.status_code_mr                  ? 
_pdbx_database_status.entry_id                        5ZOH 
_pdbx_database_status.recvd_initial_deposition_date   2018-04-13 
_pdbx_database_status.SG_entry                        N 
_pdbx_database_status.deposit_site                    PDBJ 
_pdbx_database_status.process_site                    PDBJ 
_pdbx_database_status.status_code_cs                  ? 
_pdbx_database_status.methods_development_category    ? 
_pdbx_database_status.pdb_format_compatible           Y 
_pdbx_database_status.status_code_nmr_data            ? 
# 
_pdbx_database_related.db_name        PDB 
_pdbx_database_related.details        'the wild-type protein' 
_pdbx_database_related.db_id          3W2Z 
_pdbx_database_related.content_type   unspecified 
# 
loop_
_audit_author.name 
_audit_author.pdbx_ordinal 
_audit_author.identifier_ORCID 
'Miyazaki, T.' 1 0000-0003-1809-0641 
'Fushimi, K.'  2 ?                   
'Narikawa, R.' 3 ?                   
# 
_citation.abstract                  ? 
_citation.abstract_id_CAS           ? 
_citation.book_id_ISBN              ? 
_citation.book_publisher            ? 
_citation.book_publisher_city       ? 
_citation.book_title                ? 
_citation.coordinate_linkage        ? 
_citation.country                   US 
_citation.database_id_Medline       ? 
_citation.details                   ? 
_citation.id                        primary 
_citation.journal_abbrev            'Proc. Natl. Acad. Sci. U.S.A.' 
_citation.journal_id_ASTM           PNASA6 
_citation.journal_id_CSD            0040 
_citation.journal_id_ISSN           1091-6490 
_citation.journal_full              ? 
_citation.journal_issue             ? 
_citation.journal_volume            116 
_citation.language                  ? 
_citation.page_first                8301 
_citation.page_last                 8309 
_citation.title                     
'Rational conversion of chromophore selectivity of cyanobacteriochromes to accept mammalian intrinsic biliverdin.' 
_citation.year                      2019 
_citation.database_id_CSD           ? 
_citation.pdbx_database_id_DOI      10.1073/pnas.1818836116 
_citation.pdbx_database_id_PubMed   30948637 
_citation.unpublished_flag          ? 
# 
loop_
_citation_author.citation_id 
_citation_author.name 
_citation_author.ordinal 
_citation_author.identifier_ORCID 
primary 'Fushimi, K.'   1  ? 
primary 'Miyazaki, T.'  2  ? 
primary 'Kuwasaki, Y.'  3  ? 
primary 'Nakajima, T.'  4  ? 
primary 'Yamamoto, T.'  5  ? 
primary 'Suzuki, K.'    6  ? 
primary 'Ueda, Y.'      7  ? 
primary 'Miyake, K.'    8  ? 
primary 'Takeda, Y.'    9  ? 
primary 'Choi, J.H.'    10 ? 
primary 'Kawagishi, H.' 11 ? 
primary 'Park, E.Y.'    12 ? 
primary 'Ikeuchi, M.'   13 ? 
primary 'Sato, M.'      14 ? 
primary 'Narikawa, R.'  15 ? 
# 
loop_
_entity.id 
_entity.type 
_entity.src_method 
_entity.pdbx_description 
_entity.formula_weight 
_entity.pdbx_number_of_molecules 
_entity.pdbx_ec 
_entity.pdbx_mutation 
_entity.pdbx_fragment 
_entity.details 
1 polymer     man 'Methyl-accepting chemotaxis protein' 22641.479 1  ? 'H293Y, F308T, H318Y, I336V' ? ? 
2 non-polymer syn 'BILIVERDINE IX ALPHA'                582.646   1  ? ?                            ? ? 
3 non-polymer syn GLYCEROL                              92.094    1  ? ?                            ? ? 
4 water       nat water                                 18.015    89 ? ?                            ? ? 
# 
_entity_name_com.entity_id   1 
_entity_name_com.name        Cyanobacteriochrome 
# 
_entity_poly.entity_id                      1 
_entity_poly.type                           'polypeptide(L)' 
_entity_poly.nstd_linkage                   no 
_entity_poly.nstd_monomer                   no 
_entity_poly.pdbx_seq_one_letter_code       
;GSSHHHHHHSSGLVPRGSHMAVSKVMEKILRVSNIDKIFQTTTQEIRQLLKCDRVAVYRFNPDWSGEFVAESVGSGWVKL
VGPDIKTVWEDTYLQETQGGRYRHQESTVVNDIYEAGYFSCHLEILEQFEIKAYIVVPVFAAEKLWGLLAAYQNSGTREW
VEWESSFLTQVGLQFGIAISHAEYLEQTRLQSEQMIR
;
_entity_poly.pdbx_seq_one_letter_code_can   
;GSSHHHHHHSSGLVPRGSHMAVSKVMEKILRVSNIDKIFQTTTQEIRQLLKCDRVAVYRFNPDWSGEFVAESVGSGWVKL
VGPDIKTVWEDTYLQETQGGRYRHQESTVVNDIYEAGYFSCHLEILEQFEIKAYIVVPVFAAEKLWGLLAAYQNSGTREW
VEWESSFLTQVGLQFGIAISHAEYLEQTRLQSEQMIR
;
_entity_poly.pdbx_strand_id                 A 
_entity_poly.pdbx_target_identifier         ? 
# 
loop_
_pdbx_entity_nonpoly.entity_id 
_pdbx_entity_nonpoly.name 
_pdbx_entity_nonpoly.comp_id 
2 'BILIVERDINE IX ALPHA' BLA 
3 GLYCEROL               GOL 
4 water                  HOH 
# 
loop_
_entity_poly_seq.entity_id 
_entity_poly_seq.num 
_entity_poly_seq.mon_id 
_entity_poly_seq.hetero 
1 1   GLY n 
1 2   SER n 
1 3   SER n 
1 4   HIS n 
1 5   HIS n 
1 6   HIS n 
1 7   HIS n 
1 8   HIS n 
1 9   HIS n 
1 10  SER n 
1 11  SER n 
1 12  GLY n 
1 13  LEU n 
1 14  VAL n 
1 15  PRO n 
1 16  ARG n 
1 17  GLY n 
1 18  SER n 
1 19  HIS n 
1 20  MET n 
1 21  ALA n 
1 22  VAL n 
1 23  SER n 
1 24  LYS n 
1 25  VAL n 
1 26  MET n 
1 27  GLU n 
1 28  LYS n 
1 29  ILE n 
1 30  LEU n 
1 31  ARG n 
1 32  VAL n 
1 33  SER n 
1 34  ASN n 
1 35  ILE n 
1 36  ASP n 
1 37  LYS n 
1 38  ILE n 
1 39  PHE n 
1 40  GLN n 
1 41  THR n 
1 42  THR n 
1 43  THR n 
1 44  GLN n 
1 45  GLU n 
1 46  ILE n 
1 47  ARG n 
1 48  GLN n 
1 49  LEU n 
1 50  LEU n 
1 51  LYS n 
1 52  CYS n 
1 53  ASP n 
1 54  ARG n 
1 55  VAL n 
1 56  ALA n 
1 57  VAL n 
1 58  TYR n 
1 59  ARG n 
1 60  PHE n 
1 61  ASN n 
1 62  PRO n 
1 63  ASP n 
1 64  TRP n 
1 65  SER n 
1 66  GLY n 
1 67  GLU n 
1 68  PHE n 
1 69  VAL n 
1 70  ALA n 
1 71  GLU n 
1 72  SER n 
1 73  VAL n 
1 74  GLY n 
1 75  SER n 
1 76  GLY n 
1 77  TRP n 
1 78  VAL n 
1 79  LYS n 
1 80  LEU n 
1 81  VAL n 
1 82  GLY n 
1 83  PRO n 
1 84  ASP n 
1 85  ILE n 
1 86  LYS n 
1 87  THR n 
1 88  VAL n 
1 89  TRP n 
1 90  GLU n 
1 91  ASP n 
1 92  THR n 
1 93  TYR n 
1 94  LEU n 
1 95  GLN n 
1 96  GLU n 
1 97  THR n 
1 98  GLN n 
1 99  GLY n 
1 100 GLY n 
1 101 ARG n 
1 102 TYR n 
1 103 ARG n 
1 104 HIS n 
1 105 GLN n 
1 106 GLU n 
1 107 SER n 
1 108 THR n 
1 109 VAL n 
1 110 VAL n 
1 111 ASN n 
1 112 ASP n 
1 113 ILE n 
1 114 TYR n 
1 115 GLU n 
1 116 ALA n 
1 117 GLY n 
1 118 TYR n 
1 119 PHE n 
1 120 SER n 
1 121 CYS n 
1 122 HIS n 
1 123 LEU n 
1 124 GLU n 
1 125 ILE n 
1 126 LEU n 
1 127 GLU n 
1 128 GLN n 
1 129 PHE n 
1 130 GLU n 
1 131 ILE n 
1 132 LYS n 
1 133 ALA n 
1 134 TYR n 
1 135 ILE n 
1 136 VAL n 
1 137 VAL n 
1 138 PRO n 
1 139 VAL n 
1 140 PHE n 
1 141 ALA n 
1 142 ALA n 
1 143 GLU n 
1 144 LYS n 
1 145 LEU n 
1 146 TRP n 
1 147 GLY n 
1 148 LEU n 
1 149 LEU n 
1 150 ALA n 
1 151 ALA n 
1 152 TYR n 
1 153 GLN n 
1 154 ASN n 
1 155 SER n 
1 156 GLY n 
1 157 THR n 
1 158 ARG n 
1 159 GLU n 
1 160 TRP n 
1 161 VAL n 
1 162 GLU n 
1 163 TRP n 
1 164 GLU n 
1 165 SER n 
1 166 SER n 
1 167 PHE n 
1 168 LEU n 
1 169 THR n 
1 170 GLN n 
1 171 VAL n 
1 172 GLY n 
1 173 LEU n 
1 174 GLN n 
1 175 PHE n 
1 176 GLY n 
1 177 ILE n 
1 178 ALA n 
1 179 ILE n 
1 180 SER n 
1 181 HIS n 
1 182 ALA n 
1 183 GLU n 
1 184 TYR n 
1 185 LEU n 
1 186 GLU n 
1 187 GLN n 
1 188 THR n 
1 189 ARG n 
1 190 LEU n 
1 191 GLN n 
1 192 SER n 
1 193 GLU n 
1 194 GLN n 
1 195 MET n 
1 196 ILE n 
1 197 ARG n 
# 
_entity_src_gen.entity_id                          1 
_entity_src_gen.pdbx_src_id                        1 
_entity_src_gen.pdbx_alt_source_flag               sample 
_entity_src_gen.pdbx_seq_type                      'Biological sequence' 
_entity_src_gen.pdbx_beg_seq_num                   1 
_entity_src_gen.pdbx_end_seq_num                   197 
_entity_src_gen.gene_src_common_name               ? 
_entity_src_gen.gene_src_genus                     ? 
_entity_src_gen.pdbx_gene_src_gene                 all1069 
_entity_src_gen.gene_src_species                   ? 
_entity_src_gen.gene_src_strain                    'PCC 7120 / SAG 25.82 / UTEX 2576' 
_entity_src_gen.gene_src_tissue                    ? 
_entity_src_gen.gene_src_tissue_fraction           ? 
_entity_src_gen.gene_src_details                   ? 
_entity_src_gen.pdbx_gene_src_fragment             ? 
_entity_src_gen.pdbx_gene_src_scientific_name      'Nostoc sp.' 
_entity_src_gen.pdbx_gene_src_ncbi_taxonomy_id     103690 
_entity_src_gen.pdbx_gene_src_variant              ? 
_entity_src_gen.pdbx_gene_src_cell_line            ? 
_entity_src_gen.pdbx_gene_src_atcc                 ? 
_entity_src_gen.pdbx_gene_src_organ                ? 
_entity_src_gen.pdbx_gene_src_organelle            ? 
_entity_src_gen.pdbx_gene_src_cell                 ? 
_entity_src_gen.pdbx_gene_src_cellular_location    ? 
_entity_src_gen.host_org_common_name               ? 
_entity_src_gen.pdbx_host_org_scientific_name      'Escherichia coli' 
_entity_src_gen.pdbx_host_org_ncbi_taxonomy_id     562 
_entity_src_gen.host_org_genus                     ? 
_entity_src_gen.pdbx_host_org_gene                 ? 
_entity_src_gen.pdbx_host_org_organ                ? 
_entity_src_gen.host_org_species                   ? 
_entity_src_gen.pdbx_host_org_tissue               ? 
_entity_src_gen.pdbx_host_org_tissue_fraction      ? 
_entity_src_gen.pdbx_host_org_strain               C41 
_entity_src_gen.pdbx_host_org_variant              ? 
_entity_src_gen.pdbx_host_org_cell_line            ? 
_entity_src_gen.pdbx_host_org_atcc                 ? 
_entity_src_gen.pdbx_host_org_culture_collection   ? 
_entity_src_gen.pdbx_host_org_cell                 ? 
_entity_src_gen.pdbx_host_org_organelle            ? 
_entity_src_gen.pdbx_host_org_cellular_location    ? 
_entity_src_gen.pdbx_host_org_vector_type          plasmid 
_entity_src_gen.pdbx_host_org_vector               ? 
_entity_src_gen.host_org_details                   ? 
_entity_src_gen.expression_system_id               ? 
_entity_src_gen.plasmid_name                       pET28a 
_entity_src_gen.plasmid_details                    ? 
_entity_src_gen.pdbx_description                   ? 
# 
loop_
_chem_comp.id 
_chem_comp.type 
_chem_comp.mon_nstd_flag 
_chem_comp.name 
_chem_comp.pdbx_synonyms 
_chem_comp.formula 
_chem_comp.formula_weight 
ALA 'L-peptide linking' y ALANINE                ?                               'C3 H7 N O2'     89.093  
ARG 'L-peptide linking' y ARGININE               ?                               'C6 H15 N4 O2 1' 175.209 
ASN 'L-peptide linking' y ASPARAGINE             ?                               'C4 H8 N2 O3'    132.118 
ASP 'L-peptide linking' y 'ASPARTIC ACID'        ?                               'C4 H7 N O4'     133.103 
BLA non-polymer         . 'BILIVERDINE IX ALPHA' ?                               'C33 H34 N4 O6'  582.646 
CYS 'L-peptide linking' y CYSTEINE               ?                               'C3 H7 N O2 S'   121.158 
GLN 'L-peptide linking' y GLUTAMINE              ?                               'C5 H10 N2 O3'   146.144 
GLU 'L-peptide linking' y 'GLUTAMIC ACID'        ?                               'C5 H9 N O4'     147.129 
GLY 'peptide linking'   y GLYCINE                ?                               'C2 H5 N O2'     75.067  
GOL non-polymer         . GLYCEROL               'GLYCERIN; PROPANE-1,2,3-TRIOL' 'C3 H8 O3'       92.094  
HIS 'L-peptide linking' y HISTIDINE              ?                               'C6 H10 N3 O2 1' 156.162 
HOH non-polymer         . WATER                  ?                               'H2 O'           18.015  
ILE 'L-peptide linking' y ISOLEUCINE             ?                               'C6 H13 N O2'    131.173 
LEU 'L-peptide linking' y LEUCINE                ?                               'C6 H13 N O2'    131.173 
LYS 'L-peptide linking' y LYSINE                 ?                               'C6 H15 N2 O2 1' 147.195 
MET 'L-peptide linking' y METHIONINE             ?                               'C5 H11 N O2 S'  149.211 
PHE 'L-peptide linking' y PHENYLALANINE          ?                               'C9 H11 N O2'    165.189 
PRO 'L-peptide linking' y PROLINE                ?                               'C5 H9 N O2'     115.130 
SER 'L-peptide linking' y SERINE                 ?                               'C3 H7 N O3'     105.093 
THR 'L-peptide linking' y THREONINE              ?                               'C4 H9 N O3'     119.119 
TRP 'L-peptide linking' y TRYPTOPHAN             ?                               'C11 H12 N2 O2'  204.225 
TYR 'L-peptide linking' y TYROSINE               ?                               'C9 H11 N O3'    181.189 
VAL 'L-peptide linking' y VALINE                 ?                               'C5 H11 N O2'    117.146 
# 
loop_
_pdbx_poly_seq_scheme.asym_id 
_pdbx_poly_seq_scheme.entity_id 
_pdbx_poly_seq_scheme.seq_id 
_pdbx_poly_seq_scheme.mon_id 
_pdbx_poly_seq_scheme.ndb_seq_num 
_pdbx_poly_seq_scheme.pdb_seq_num 
_pdbx_poly_seq_scheme.auth_seq_num 
_pdbx_poly_seq_scheme.pdb_mon_id 
_pdbx_poly_seq_scheme.auth_mon_id 
_pdbx_poly_seq_scheme.pdb_strand_id 
_pdbx_poly_seq_scheme.pdb_ins_code 
_pdbx_poly_seq_scheme.hetero 
A 1 1   GLY 1   201 ?   ?   ?   A . n 
A 1 2   SER 2   202 ?   ?   ?   A . n 
A 1 3   SER 3   203 ?   ?   ?   A . n 
A 1 4   HIS 4   204 ?   ?   ?   A . n 
A 1 5   HIS 5   205 ?   ?   ?   A . n 
A 1 6   HIS 6   206 ?   ?   ?   A . n 
A 1 7   HIS 7   207 ?   ?   ?   A . n 
A 1 8   HIS 8   208 ?   ?   ?   A . n 
A 1 9   HIS 9   209 ?   ?   ?   A . n 
A 1 10  SER 10  210 ?   ?   ?   A . n 
A 1 11  SER 11  211 ?   ?   ?   A . n 
A 1 12  GLY 12  212 ?   ?   ?   A . n 
A 1 13  LEU 13  213 ?   ?   ?   A . n 
A 1 14  VAL 14  214 ?   ?   ?   A . n 
A 1 15  PRO 15  215 ?   ?   ?   A . n 
A 1 16  ARG 16  216 ?   ?   ?   A . n 
A 1 17  GLY 17  217 ?   ?   ?   A . n 
A 1 18  SER 18  218 ?   ?   ?   A . n 
A 1 19  HIS 19  219 ?   ?   ?   A . n 
A 1 20  MET 20  220 220 MET MET A . n 
A 1 21  ALA 21  221 221 ALA ALA A . n 
A 1 22  VAL 22  222 222 VAL VAL A . n 
A 1 23  SER 23  223 223 SER SER A . n 
A 1 24  LYS 24  224 224 LYS LYS A . n 
A 1 25  VAL 25  225 225 VAL VAL A . n 
A 1 26  MET 26  226 226 MET MET A . n 
A 1 27  GLU 27  227 227 GLU GLU A . n 
A 1 28  LYS 28  228 228 LYS LYS A . n 
A 1 29  ILE 29  229 229 ILE ILE A . n 
A 1 30  LEU 30  230 230 LEU LEU A . n 
A 1 31  ARG 31  231 231 ARG ARG A . n 
A 1 32  VAL 32  232 232 VAL VAL A . n 
A 1 33  SER 33  233 233 SER SER A . n 
A 1 34  ASN 34  234 234 ASN ASN A . n 
A 1 35  ILE 35  235 235 ILE ILE A . n 
A 1 36  ASP 36  236 236 ASP ASP A . n 
A 1 37  LYS 37  237 237 LYS LYS A . n 
A 1 38  ILE 38  238 238 ILE ILE A . n 
A 1 39  PHE 39  239 239 PHE PHE A . n 
A 1 40  GLN 40  240 240 GLN GLN A . n 
A 1 41  THR 41  241 241 THR THR A . n 
A 1 42  THR 42  242 242 THR THR A . n 
A 1 43  THR 43  243 243 THR THR A . n 
A 1 44  GLN 44  244 244 GLN GLN A . n 
A 1 45  GLU 45  245 245 GLU GLU A . n 
A 1 46  ILE 46  246 246 ILE ILE A . n 
A 1 47  ARG 47  247 247 ARG ARG A . n 
A 1 48  GLN 48  248 248 GLN GLN A . n 
A 1 49  LEU 49  249 249 LEU LEU A . n 
A 1 50  LEU 50  250 250 LEU LEU A . n 
A 1 51  LYS 51  251 251 LYS LYS A . n 
A 1 52  CYS 52  252 252 CYS CYS A . n 
A 1 53  ASP 53  253 253 ASP ASP A . n 
A 1 54  ARG 54  254 254 ARG ARG A . n 
A 1 55  VAL 55  255 255 VAL VAL A . n 
A 1 56  ALA 56  256 256 ALA ALA A . n 
A 1 57  VAL 57  257 257 VAL VAL A . n 
A 1 58  TYR 58  258 258 TYR TYR A . n 
A 1 59  ARG 59  259 259 ARG ARG A . n 
A 1 60  PHE 60  260 260 PHE PHE A . n 
A 1 61  ASN 61  261 261 ASN ASN A . n 
A 1 62  PRO 62  262 262 PRO PRO A . n 
A 1 63  ASP 63  263 263 ASP ASP A . n 
A 1 64  TRP 64  264 264 TRP TRP A . n 
A 1 65  SER 65  265 265 SER SER A . n 
A 1 66  GLY 66  266 266 GLY GLY A . n 
A 1 67  GLU 67  267 267 GLU GLU A . n 
A 1 68  PHE 68  268 268 PHE PHE A . n 
A 1 69  VAL 69  269 269 VAL VAL A . n 
A 1 70  ALA 70  270 270 ALA ALA A . n 
A 1 71  GLU 71  271 271 GLU GLU A . n 
A 1 72  SER 72  272 272 SER SER A . n 
A 1 73  VAL 73  273 273 VAL VAL A . n 
A 1 74  GLY 74  274 274 GLY GLY A . n 
A 1 75  SER 75  275 275 SER SER A . n 
A 1 76  GLY 76  276 276 GLY GLY A . n 
A 1 77  TRP 77  277 277 TRP TRP A . n 
A 1 78  VAL 78  278 278 VAL VAL A . n 
A 1 79  LYS 79  279 279 LYS LYS A . n 
A 1 80  LEU 80  280 280 LEU LEU A . n 
A 1 81  VAL 81  281 281 VAL VAL A . n 
A 1 82  GLY 82  282 282 GLY GLY A . n 
A 1 83  PRO 83  283 283 PRO PRO A . n 
A 1 84  ASP 84  284 284 ASP ASP A . n 
A 1 85  ILE 85  285 285 ILE ILE A . n 
A 1 86  LYS 86  286 286 LYS LYS A . n 
A 1 87  THR 87  287 287 THR THR A . n 
A 1 88  VAL 88  288 288 VAL VAL A . n 
A 1 89  TRP 89  289 289 TRP TRP A . n 
A 1 90  GLU 90  290 290 GLU GLU A . n 
A 1 91  ASP 91  291 291 ASP ASP A . n 
A 1 92  THR 92  292 292 THR THR A . n 
A 1 93  TYR 93  293 293 TYR TYR A . n 
A 1 94  LEU 94  294 294 LEU LEU A . n 
A 1 95  GLN 95  295 295 GLN GLN A . n 
A 1 96  GLU 96  296 296 GLU GLU A . n 
A 1 97  THR 97  297 297 THR THR A . n 
A 1 98  GLN 98  298 298 GLN GLN A . n 
A 1 99  GLY 99  299 299 GLY GLY A . n 
A 1 100 GLY 100 300 300 GLY GLY A . n 
A 1 101 ARG 101 301 301 ARG ARG A . n 
A 1 102 TYR 102 302 302 TYR TYR A . n 
A 1 103 ARG 103 303 303 ARG ARG A . n 
A 1 104 HIS 104 304 304 HIS HIS A . n 
A 1 105 GLN 105 305 305 GLN GLN A . n 
A 1 106 GLU 106 306 306 GLU GLU A . n 
A 1 107 SER 107 307 307 SER SER A . n 
A 1 108 THR 108 308 308 THR THR A . n 
A 1 109 VAL 109 309 309 VAL VAL A . n 
A 1 110 VAL 110 310 310 VAL VAL A . n 
A 1 111 ASN 111 311 311 ASN ASN A . n 
A 1 112 ASP 112 312 312 ASP ASP A . n 
A 1 113 ILE 113 313 313 ILE ILE A . n 
A 1 114 TYR 114 314 314 TYR TYR A . n 
A 1 115 GLU 115 315 315 GLU GLU A . n 
A 1 116 ALA 116 316 316 ALA ALA A . n 
A 1 117 GLY 117 317 317 GLY GLY A . n 
A 1 118 TYR 118 318 318 TYR TYR A . n 
A 1 119 PHE 119 319 319 PHE PHE A . n 
A 1 120 SER 120 320 320 SER SER A . n 
A 1 121 CYS 121 321 321 CYS CYS A . n 
A 1 122 HIS 122 322 322 HIS HIS A . n 
A 1 123 LEU 123 323 323 LEU LEU A . n 
A 1 124 GLU 124 324 324 GLU GLU A . n 
A 1 125 ILE 125 325 325 ILE ILE A . n 
A 1 126 LEU 126 326 326 LEU LEU A . n 
A 1 127 GLU 127 327 327 GLU GLU A . n 
A 1 128 GLN 128 328 328 GLN GLN A . n 
A 1 129 PHE 129 329 329 PHE PHE A . n 
A 1 130 GLU 130 330 330 GLU GLU A . n 
A 1 131 ILE 131 331 331 ILE ILE A . n 
A 1 132 LYS 132 332 332 LYS LYS A . n 
A 1 133 ALA 133 333 333 ALA ALA A . n 
A 1 134 TYR 134 334 334 TYR TYR A . n 
A 1 135 ILE 135 335 335 ILE ILE A . n 
A 1 136 VAL 136 336 336 VAL VAL A . n 
A 1 137 VAL 137 337 337 VAL VAL A . n 
A 1 138 PRO 138 338 338 PRO PRO A . n 
A 1 139 VAL 139 339 339 VAL VAL A . n 
A 1 140 PHE 140 340 340 PHE PHE A . n 
A 1 141 ALA 141 341 341 ALA ALA A . n 
A 1 142 ALA 142 342 342 ALA ALA A . n 
A 1 143 GLU 143 343 343 GLU GLU A . n 
A 1 144 LYS 144 344 344 LYS LYS A . n 
A 1 145 LEU 145 345 345 LEU LEU A . n 
A 1 146 TRP 146 346 346 TRP TRP A . n 
A 1 147 GLY 147 347 347 GLY GLY A . n 
A 1 148 LEU 148 348 348 LEU LEU A . n 
A 1 149 LEU 149 349 349 LEU LEU A . n 
A 1 150 ALA 150 350 350 ALA ALA A . n 
A 1 151 ALA 151 351 351 ALA ALA A . n 
A 1 152 TYR 152 352 352 TYR TYR A . n 
A 1 153 GLN 153 353 353 GLN GLN A . n 
A 1 154 ASN 154 354 354 ASN ASN A . n 
A 1 155 SER 155 355 355 SER SER A . n 
A 1 156 GLY 156 356 356 GLY GLY A . n 
A 1 157 THR 157 357 357 THR THR A . n 
A 1 158 ARG 158 358 358 ARG ARG A . n 
A 1 159 GLU 159 359 359 GLU GLU A . n 
A 1 160 TRP 160 360 360 TRP TRP A . n 
A 1 161 VAL 161 361 361 VAL VAL A . n 
A 1 162 GLU 162 362 362 GLU GLU A . n 
A 1 163 TRP 163 363 363 TRP TRP A . n 
A 1 164 GLU 164 364 364 GLU GLU A . n 
A 1 165 SER 165 365 365 SER SER A . n 
A 1 166 SER 166 366 366 SER SER A . n 
A 1 167 PHE 167 367 367 PHE PHE A . n 
A 1 168 LEU 168 368 368 LEU LEU A . n 
A 1 169 THR 169 369 369 THR THR A . n 
A 1 170 GLN 170 370 370 GLN GLN A . n 
A 1 171 VAL 171 371 371 VAL VAL A . n 
A 1 172 GLY 172 372 372 GLY GLY A . n 
A 1 173 LEU 173 373 373 LEU LEU A . n 
A 1 174 GLN 174 374 374 GLN GLN A . n 
A 1 175 PHE 175 375 375 PHE PHE A . n 
A 1 176 GLY 176 376 376 GLY GLY A . n 
A 1 177 ILE 177 377 377 ILE ILE A . n 
A 1 178 ALA 178 378 378 ALA ALA A . n 
A 1 179 ILE 179 379 379 ILE ILE A . n 
A 1 180 SER 180 380 380 SER SER A . n 
A 1 181 HIS 181 381 381 HIS HIS A . n 
A 1 182 ALA 182 382 382 ALA ALA A . n 
A 1 183 GLU 183 383 383 GLU GLU A . n 
A 1 184 TYR 184 384 384 TYR TYR A . n 
A 1 185 LEU 185 385 385 LEU LEU A . n 
A 1 186 GLU 186 386 386 GLU GLU A . n 
A 1 187 GLN 187 387 387 GLN GLN A . n 
A 1 188 THR 188 388 388 THR THR A . n 
A 1 189 ARG 189 389 389 ARG ARG A . n 
A 1 190 LEU 190 390 390 LEU LEU A . n 
A 1 191 GLN 191 391 391 GLN GLN A . n 
A 1 192 SER 192 392 392 SER SER A . n 
A 1 193 GLU 193 393 393 GLU GLU A . n 
A 1 194 GLN 194 394 ?   ?   ?   A . n 
A 1 195 MET 195 395 ?   ?   ?   A . n 
A 1 196 ILE 196 396 ?   ?   ?   A . n 
A 1 197 ARG 197 397 ?   ?   ?   A . n 
# 
loop_
_pdbx_nonpoly_scheme.asym_id 
_pdbx_nonpoly_scheme.entity_id 
_pdbx_nonpoly_scheme.mon_id 
_pdbx_nonpoly_scheme.ndb_seq_num 
_pdbx_nonpoly_scheme.pdb_seq_num 
_pdbx_nonpoly_scheme.auth_seq_num 
_pdbx_nonpoly_scheme.pdb_mon_id 
_pdbx_nonpoly_scheme.auth_mon_id 
_pdbx_nonpoly_scheme.pdb_strand_id 
_pdbx_nonpoly_scheme.pdb_ins_code 
B 2 BLA 1  400 400 BLA BLA A . 
C 3 GOL 1  401 401 GOL GOL A . 
D 4 HOH 1  501 66  HOH HOH A . 
D 4 HOH 2  502 31  HOH HOH A . 
D 4 HOH 3  503 63  HOH HOH A . 
D 4 HOH 4  504 51  HOH HOH A . 
D 4 HOH 5  505 17  HOH HOH A . 
D 4 HOH 6  506 65  HOH HOH A . 
D 4 HOH 7  507 22  HOH HOH A . 
D 4 HOH 8  508 33  HOH HOH A . 
D 4 HOH 9  509 26  HOH HOH A . 
D 4 HOH 10 510 37  HOH HOH A . 
D 4 HOH 11 511 77  HOH HOH A . 
D 4 HOH 12 512 39  HOH HOH A . 
D 4 HOH 13 513 29  HOH HOH A . 
D 4 HOH 14 514 61  HOH HOH A . 
D 4 HOH 15 515 6   HOH HOH A . 
D 4 HOH 16 516 4   HOH HOH A . 
D 4 HOH 17 517 28  HOH HOH A . 
D 4 HOH 18 518 67  HOH HOH A . 
D 4 HOH 19 519 74  HOH HOH A . 
D 4 HOH 20 520 45  HOH HOH A . 
D 4 HOH 21 521 8   HOH HOH A . 
D 4 HOH 22 522 38  HOH HOH A . 
D 4 HOH 23 523 16  HOH HOH A . 
D 4 HOH 24 524 79  HOH HOH A . 
D 4 HOH 25 525 21  HOH HOH A . 
D 4 HOH 26 526 87  HOH HOH A . 
D 4 HOH 27 527 2   HOH HOH A . 
D 4 HOH 28 528 62  HOH HOH A . 
D 4 HOH 29 529 3   HOH HOH A . 
D 4 HOH 30 530 81  HOH HOH A . 
D 4 HOH 31 531 54  HOH HOH A . 
D 4 HOH 32 532 84  HOH HOH A . 
D 4 HOH 33 533 13  HOH HOH A . 
D 4 HOH 34 534 5   HOH HOH A . 
D 4 HOH 35 535 53  HOH HOH A . 
D 4 HOH 36 536 36  HOH HOH A . 
D 4 HOH 37 537 60  HOH HOH A . 
D 4 HOH 38 538 18  HOH HOH A . 
D 4 HOH 39 539 71  HOH HOH A . 
D 4 HOH 40 540 86  HOH HOH A . 
D 4 HOH 41 541 24  HOH HOH A . 
D 4 HOH 42 542 43  HOH HOH A . 
D 4 HOH 43 543 52  HOH HOH A . 
D 4 HOH 44 544 23  HOH HOH A . 
D 4 HOH 45 545 19  HOH HOH A . 
D 4 HOH 46 546 20  HOH HOH A . 
D 4 HOH 47 547 7   HOH HOH A . 
D 4 HOH 48 548 9   HOH HOH A . 
D 4 HOH 49 549 42  HOH HOH A . 
D 4 HOH 50 550 72  HOH HOH A . 
D 4 HOH 51 551 1   HOH HOH A . 
D 4 HOH 52 552 27  HOH HOH A . 
D 4 HOH 53 553 25  HOH HOH A . 
D 4 HOH 54 554 14  HOH HOH A . 
D 4 HOH 55 555 40  HOH HOH A . 
D 4 HOH 56 556 35  HOH HOH A . 
D 4 HOH 57 557 41  HOH HOH A . 
D 4 HOH 58 558 88  HOH HOH A . 
D 4 HOH 59 559 12  HOH HOH A . 
D 4 HOH 60 560 64  HOH HOH A . 
D 4 HOH 61 561 11  HOH HOH A . 
D 4 HOH 62 562 58  HOH HOH A . 
D 4 HOH 63 563 32  HOH HOH A . 
D 4 HOH 64 564 75  HOH HOH A . 
D 4 HOH 65 565 78  HOH HOH A . 
D 4 HOH 66 566 46  HOH HOH A . 
D 4 HOH 67 567 34  HOH HOH A . 
D 4 HOH 68 568 82  HOH HOH A . 
D 4 HOH 69 569 55  HOH HOH A . 
D 4 HOH 70 570 89  HOH HOH A . 
D 4 HOH 71 571 48  HOH HOH A . 
D 4 HOH 72 572 56  HOH HOH A . 
D 4 HOH 73 573 15  HOH HOH A . 
D 4 HOH 74 574 10  HOH HOH A . 
D 4 HOH 75 575 30  HOH HOH A . 
D 4 HOH 76 576 69  HOH HOH A . 
D 4 HOH 77 577 70  HOH HOH A . 
D 4 HOH 78 578 85  HOH HOH A . 
D 4 HOH 79 579 49  HOH HOH A . 
D 4 HOH 80 580 47  HOH HOH A . 
D 4 HOH 81 581 44  HOH HOH A . 
D 4 HOH 82 582 76  HOH HOH A . 
D 4 HOH 83 583 50  HOH HOH A . 
D 4 HOH 84 584 73  HOH HOH A . 
D 4 HOH 85 585 59  HOH HOH A . 
D 4 HOH 86 586 57  HOH HOH A . 
D 4 HOH 87 587 80  HOH HOH A . 
D 4 HOH 88 588 83  HOH HOH A . 
D 4 HOH 89 589 68  HOH HOH A . 
# 
loop_
_software.citation_id 
_software.classification 
_software.compiler_name 
_software.compiler_version 
_software.contact_author 
_software.contact_author_email 
_software.date 
_software.description 
_software.dependencies 
_software.hardware 
_software.language 
_software.location 
_software.mods 
_software.name 
_software.os 
_software.os_version 
_software.type 
_software.version 
_software.pdbx_ordinal 
? refinement       ? ? ? ? ? ? ? ? ? ? ? REFMAC   ? ? ? 5.8.0049 1 
? 'data reduction' ? ? ? ? ? ? ? ? ? ? ? HKL-2000 ? ? ? .        2 
? 'data scaling'   ? ? ? ? ? ? ? ? ? ? ? HKL-2000 ? ? ? .        3 
? phasing          ? ? ? ? ? ? ? ? ? ? ? MOLREP   ? ? ? .        4 
# 
_cell.angle_alpha                  90.00 
_cell.angle_alpha_esd              ? 
_cell.angle_beta                   108.59 
_cell.angle_beta_esd               ? 
_cell.angle_gamma                  90.00 
_cell.angle_gamma_esd              ? 
_cell.entry_id                     5ZOH 
_cell.details                      ? 
_cell.formula_units_Z              ? 
_cell.length_a                     65.957 
_cell.length_a_esd                 ? 
_cell.length_b                     60.650 
_cell.length_b_esd                 ? 
_cell.length_c                     55.475 
_cell.length_c_esd                 ? 
_cell.volume                       ? 
_cell.volume_esd                   ? 
_cell.Z_PDB                        4 
_cell.reciprocal_angle_alpha       ? 
_cell.reciprocal_angle_beta        ? 
_cell.reciprocal_angle_gamma       ? 
_cell.reciprocal_angle_alpha_esd   ? 
_cell.reciprocal_angle_beta_esd    ? 
_cell.reciprocal_angle_gamma_esd   ? 
_cell.reciprocal_length_a          ? 
_cell.reciprocal_length_b          ? 
_cell.reciprocal_length_c          ? 
_cell.reciprocal_length_a_esd      ? 
_cell.reciprocal_length_b_esd      ? 
_cell.reciprocal_length_c_esd      ? 
_cell.pdbx_unique_axis             ? 
# 
_symmetry.entry_id                         5ZOH 
_symmetry.cell_setting                     ? 
_symmetry.Int_Tables_number                5 
_symmetry.space_group_name_Hall            ? 
_symmetry.space_group_name_H-M             'C 1 2 1' 
_symmetry.pdbx_full_space_group_name_H-M   ? 
# 
_exptl.absorpt_coefficient_mu     ? 
_exptl.absorpt_correction_T_max   ? 
_exptl.absorpt_correction_T_min   ? 
_exptl.absorpt_correction_type    ? 
_exptl.absorpt_process_details    ? 
_exptl.entry_id                   5ZOH 
_exptl.crystals_number            1 
_exptl.details                    ? 
_exptl.method                     'X-RAY DIFFRACTION' 
_exptl.method_details             ? 
# 
_exptl_crystal.colour                      ? 
_exptl_crystal.density_diffrn              ? 
_exptl_crystal.density_Matthews            2.32 
_exptl_crystal.density_method              ? 
_exptl_crystal.density_percent_sol         47.04 
_exptl_crystal.description                 ? 
_exptl_crystal.F_000                       ? 
_exptl_crystal.id                          1 
_exptl_crystal.preparation                 ? 
_exptl_crystal.size_max                    ? 
_exptl_crystal.size_mid                    ? 
_exptl_crystal.size_min                    ? 
_exptl_crystal.size_rad                    ? 
_exptl_crystal.colour_lustre               ? 
_exptl_crystal.colour_modifier             ? 
_exptl_crystal.colour_primary              ? 
_exptl_crystal.density_meas                ? 
_exptl_crystal.density_meas_esd            ? 
_exptl_crystal.density_meas_gt             ? 
_exptl_crystal.density_meas_lt             ? 
_exptl_crystal.density_meas_temp           ? 
_exptl_crystal.density_meas_temp_esd       ? 
_exptl_crystal.density_meas_temp_gt        ? 
_exptl_crystal.density_meas_temp_lt        ? 
_exptl_crystal.pdbx_crystal_image_url      ? 
_exptl_crystal.pdbx_crystal_image_format   ? 
_exptl_crystal.pdbx_mosaicity              ? 
_exptl_crystal.pdbx_mosaicity_esd          ? 
# 
_exptl_crystal_grow.apparatus       ? 
_exptl_crystal_grow.atmosphere      ? 
_exptl_crystal_grow.crystal_id      1 
_exptl_crystal_grow.details         ? 
_exptl_crystal_grow.method          'VAPOR DIFFUSION, HANGING DROP' 
_exptl_crystal_grow.method_ref      ? 
_exptl_crystal_grow.pH              6.3 
_exptl_crystal_grow.pressure        ? 
_exptl_crystal_grow.pressure_esd    ? 
_exptl_crystal_grow.seeding         ? 
_exptl_crystal_grow.seeding_ref     ? 
_exptl_crystal_grow.temp            293 
_exptl_crystal_grow.temp_details    ? 
_exptl_crystal_grow.temp_esd        ? 
_exptl_crystal_grow.time            ? 
_exptl_crystal_grow.pdbx_details    '0.1 M sodium cacodylate, 26% PEG 3350, 0.2 M ammonium sulfate' 
_exptl_crystal_grow.pdbx_pH_range   6.0-6.5 
# 
_diffrn.ambient_environment    ? 
_diffrn.ambient_temp           100 
_diffrn.ambient_temp_details   ? 
_diffrn.ambient_temp_esd       ? 
_diffrn.crystal_id             1 
_diffrn.crystal_support        ? 
_diffrn.crystal_treatment      ? 
_diffrn.details                ? 
_diffrn.id                     1 
_diffrn.ambient_pressure       ? 
_diffrn.ambient_pressure_esd   ? 
_diffrn.ambient_pressure_gt    ? 
_diffrn.ambient_pressure_lt    ? 
_diffrn.ambient_temp_gt        ? 
_diffrn.ambient_temp_lt        ? 
# 
_diffrn_detector.details                      ? 
_diffrn_detector.detector                     CCD 
_diffrn_detector.diffrn_id                    1 
_diffrn_detector.type                         'ADSC QUANTUM 270' 
_diffrn_detector.area_resol_mean              ? 
_diffrn_detector.dtime                        ? 
_diffrn_detector.pdbx_frames_total            ? 
_diffrn_detector.pdbx_collection_time_total   ? 
_diffrn_detector.pdbx_collection_date         2017-11-25 
# 
_diffrn_radiation.collimation                      ? 
_diffrn_radiation.diffrn_id                        1 
_diffrn_radiation.filter_edge                      ? 
_diffrn_radiation.inhomogeneity                    ? 
_diffrn_radiation.monochromator                    ? 
_diffrn_radiation.polarisn_norm                    ? 
_diffrn_radiation.polarisn_ratio                   ? 
_diffrn_radiation.probe                            ? 
_diffrn_radiation.type                             ? 
_diffrn_radiation.xray_symbol                      ? 
_diffrn_radiation.wavelength_id                    1 
_diffrn_radiation.pdbx_monochromatic_or_laue_m_l   M 
_diffrn_radiation.pdbx_wavelength_list             ? 
_diffrn_radiation.pdbx_wavelength                  ? 
_diffrn_radiation.pdbx_diffrn_protocol             'SINGLE WAVELENGTH' 
_diffrn_radiation.pdbx_analyzer                    ? 
_diffrn_radiation.pdbx_scattering_type             x-ray 
# 
_diffrn_radiation_wavelength.id           1 
_diffrn_radiation_wavelength.wavelength   1.0 
_diffrn_radiation_wavelength.wt           1.0 
# 
_diffrn_source.current                     ? 
_diffrn_source.details                     ? 
_diffrn_source.diffrn_id                   1 
_diffrn_source.power                       ? 
_diffrn_source.size                        ? 
_diffrn_source.source                      SYNCHROTRON 
_diffrn_source.target                      ? 
_diffrn_source.type                        'PHOTON FACTORY BEAMLINE AR-NW12A' 
_diffrn_source.voltage                     ? 
_diffrn_source.take-off_angle              ? 
_diffrn_source.pdbx_wavelength_list        1.0 
_diffrn_source.pdbx_wavelength             ? 
_diffrn_source.pdbx_synchrotron_beamline   AR-NW12A 
_diffrn_source.pdbx_synchrotron_site       'Photon Factory' 
# 
_reflns.B_iso_Wilson_estimate            ? 
_reflns.entry_id                         5ZOH 
_reflns.data_reduction_details           ? 
_reflns.data_reduction_method            ? 
_reflns.d_resolution_high                1.6 
_reflns.d_resolution_low                 50 
_reflns.details                          ? 
_reflns.limit_h_max                      ? 
_reflns.limit_h_min                      ? 
_reflns.limit_k_max                      ? 
_reflns.limit_k_min                      ? 
_reflns.limit_l_max                      ? 
_reflns.limit_l_min                      ? 
_reflns.number_all                       ? 
_reflns.number_obs                       27039 
_reflns.observed_criterion               ? 
_reflns.observed_criterion_F_max         ? 
_reflns.observed_criterion_F_min         ? 
_reflns.observed_criterion_I_max         ? 
_reflns.observed_criterion_I_min         ? 
_reflns.observed_criterion_sigma_F       ? 
_reflns.observed_criterion_sigma_I       ? 
_reflns.percent_possible_obs             98.0 
_reflns.R_free_details                   ? 
_reflns.Rmerge_F_all                     ? 
_reflns.Rmerge_F_obs                     ? 
_reflns.Friedel_coverage                 ? 
_reflns.number_gt                        ? 
_reflns.threshold_expression             ? 
_reflns.pdbx_redundancy                  3.6 
_reflns.pdbx_Rmerge_I_obs                0.041 
_reflns.pdbx_Rmerge_I_all                ? 
_reflns.pdbx_Rsym_value                  ? 
_reflns.pdbx_netI_over_av_sigmaI         ? 
_reflns.pdbx_netI_over_sigmaI            28.2 
_reflns.pdbx_res_netI_over_av_sigmaI_2   ? 
_reflns.pdbx_res_netI_over_sigmaI_2      ? 
_reflns.pdbx_chi_squared                 ? 
_reflns.pdbx_scaling_rejects             ? 
_reflns.pdbx_d_res_high_opt              ? 
_reflns.pdbx_d_res_low_opt               ? 
_reflns.pdbx_d_res_opt_method            ? 
_reflns.phase_calculation_details        ? 
_reflns.pdbx_Rrim_I_all                  ? 
_reflns.pdbx_Rpim_I_all                  ? 
_reflns.pdbx_d_opt                       ? 
_reflns.pdbx_number_measured_all         ? 
_reflns.pdbx_diffrn_id                   1 
_reflns.pdbx_ordinal                     1 
_reflns.pdbx_CC_half                     ? 
_reflns.pdbx_R_split                     ? 
# 
_reflns_shell.d_res_high                  1.60 
_reflns_shell.d_res_low                   1.66 
_reflns_shell.meanI_over_sigI_all         ? 
_reflns_shell.meanI_over_sigI_obs         3.1 
_reflns_shell.number_measured_all         ? 
_reflns_shell.number_measured_obs         ? 
_reflns_shell.number_possible             ? 
_reflns_shell.number_unique_all           ? 
_reflns_shell.number_unique_obs           2737 
_reflns_shell.percent_possible_all        99.9 
_reflns_shell.percent_possible_obs        ? 
_reflns_shell.Rmerge_F_all                ? 
_reflns_shell.Rmerge_F_obs                ? 
_reflns_shell.Rmerge_I_all                ? 
_reflns_shell.Rmerge_I_obs                0.388 
_reflns_shell.meanI_over_sigI_gt          ? 
_reflns_shell.meanI_over_uI_all           ? 
_reflns_shell.meanI_over_uI_gt            ? 
_reflns_shell.number_measured_gt          ? 
_reflns_shell.number_unique_gt            ? 
_reflns_shell.percent_possible_gt         ? 
_reflns_shell.Rmerge_F_gt                 ? 
_reflns_shell.Rmerge_I_gt                 ? 
_reflns_shell.pdbx_redundancy             3.7 
_reflns_shell.pdbx_Rsym_value             ? 
_reflns_shell.pdbx_chi_squared            ? 
_reflns_shell.pdbx_netI_over_sigmaI_all   ? 
_reflns_shell.pdbx_netI_over_sigmaI_obs   ? 
_reflns_shell.pdbx_Rrim_I_all             ? 
_reflns_shell.pdbx_Rpim_I_all             ? 
_reflns_shell.pdbx_rejects                ? 
_reflns_shell.pdbx_ordinal                1 
_reflns_shell.pdbx_diffrn_id              1 
_reflns_shell.pdbx_CC_half                ? 
_reflns_shell.pdbx_R_split                ? 
# 
_refine.aniso_B[1][1]                            -0.01 
_refine.aniso_B[1][2]                            -0.00 
_refine.aniso_B[1][3]                            -0.01 
_refine.aniso_B[2][2]                            0.01 
_refine.aniso_B[2][3]                            -0.00 
_refine.aniso_B[3][3]                            0.00 
_refine.B_iso_max                                ? 
_refine.B_iso_mean                               26.308 
_refine.B_iso_min                                ? 
_refine.correlation_coeff_Fo_to_Fc               0.940 
_refine.correlation_coeff_Fo_to_Fc_free          0.922 
_refine.details                                  'HYDROGENS HAVE BEEN ADDED IN THE RIDING POSITIONS' 
_refine.diff_density_max                         ? 
_refine.diff_density_max_esd                     ? 
_refine.diff_density_min                         ? 
_refine.diff_density_min_esd                     ? 
_refine.diff_density_rms                         ? 
_refine.diff_density_rms_esd                     ? 
_refine.entry_id                                 5ZOH 
_refine.pdbx_refine_id                           'X-RAY DIFFRACTION' 
_refine.ls_abs_structure_details                 ? 
_refine.ls_abs_structure_Flack                   ? 
_refine.ls_abs_structure_Flack_esd               ? 
_refine.ls_abs_structure_Rogers                  ? 
_refine.ls_abs_structure_Rogers_esd              ? 
_refine.ls_d_res_high                            1.60 
_refine.ls_d_res_low                             31.67 
_refine.ls_extinction_coef                       ? 
_refine.ls_extinction_coef_esd                   ? 
_refine.ls_extinction_expression                 ? 
_refine.ls_extinction_method                     ? 
_refine.ls_goodness_of_fit_all                   ? 
_refine.ls_goodness_of_fit_all_esd               ? 
_refine.ls_goodness_of_fit_obs                   ? 
_refine.ls_goodness_of_fit_obs_esd               ? 
_refine.ls_hydrogen_treatment                    ? 
_refine.ls_matrix_type                           ? 
_refine.ls_number_constraints                    ? 
_refine.ls_number_parameters                     ? 
_refine.ls_number_reflns_all                     ? 
_refine.ls_number_reflns_obs                     25495 
_refine.ls_number_reflns_R_free                  1346 
_refine.ls_number_reflns_R_work                  ? 
_refine.ls_number_restraints                     ? 
_refine.ls_percent_reflns_obs                    97.91 
_refine.ls_percent_reflns_R_free                 5.0 
_refine.ls_R_factor_all                          ? 
_refine.ls_R_factor_obs                          0.20785 
_refine.ls_R_factor_R_free                       0.24075 
_refine.ls_R_factor_R_free_error                 ? 
_refine.ls_R_factor_R_free_error_details         ? 
_refine.ls_R_factor_R_work                       0.20607 
_refine.ls_R_Fsqd_factor_obs                     ? 
_refine.ls_R_I_factor_obs                        ? 
_refine.ls_redundancy_reflns_all                 ? 
_refine.ls_redundancy_reflns_obs                 ? 
_refine.ls_restrained_S_all                      ? 
_refine.ls_restrained_S_obs                      ? 
_refine.ls_shift_over_esd_max                    ? 
_refine.ls_shift_over_esd_mean                   ? 
_refine.ls_structure_factor_coef                 ? 
_refine.ls_weighting_details                     ? 
_refine.ls_weighting_scheme                      ? 
_refine.ls_wR_factor_all                         ? 
_refine.ls_wR_factor_obs                         ? 
_refine.ls_wR_factor_R_free                      ? 
_refine.ls_wR_factor_R_work                      ? 
_refine.occupancy_max                            ? 
_refine.occupancy_min                            ? 
_refine.solvent_model_details                    ? 
_refine.solvent_model_param_bsol                 ? 
_refine.solvent_model_param_ksol                 ? 
_refine.ls_R_factor_gt                           ? 
_refine.ls_goodness_of_fit_gt                    ? 
_refine.ls_goodness_of_fit_ref                   ? 
_refine.ls_shift_over_su_max                     ? 
_refine.ls_shift_over_su_max_lt                  ? 
_refine.ls_shift_over_su_mean                    ? 
_refine.ls_shift_over_su_mean_lt                 ? 
_refine.pdbx_ls_sigma_I                          ? 
_refine.pdbx_ls_sigma_F                          ? 
_refine.pdbx_ls_sigma_Fsqd                       ? 
_refine.pdbx_data_cutoff_high_absF               ? 
_refine.pdbx_data_cutoff_high_rms_absF           ? 
_refine.pdbx_data_cutoff_low_absF                ? 
_refine.pdbx_isotropic_thermal_model             ? 
_refine.pdbx_ls_cross_valid_method               THROUGHOUT 
_refine.pdbx_method_to_determine_struct          'MOLECULAR REPLACEMENT' 
_refine.pdbx_starting_model                      3W2Z 
_refine.pdbx_stereochemistry_target_values       ? 
_refine.pdbx_R_Free_selection_details            RANDOM 
_refine.pdbx_stereochem_target_val_spec_case     ? 
_refine.pdbx_overall_ESU_R                       0.097 
_refine.pdbx_overall_ESU_R_Free                  0.098 
_refine.pdbx_solvent_vdw_probe_radii             1.20 
_refine.pdbx_solvent_ion_probe_radii             0.80 
_refine.pdbx_solvent_shrinkage_radii             0.80 
_refine.pdbx_real_space_R                        ? 
_refine.pdbx_density_correlation                 ? 
_refine.pdbx_pd_number_of_powder_patterns        ? 
_refine.pdbx_pd_number_of_points                 ? 
_refine.pdbx_pd_meas_number_of_points            ? 
_refine.pdbx_pd_proc_ls_prof_R_factor            ? 
_refine.pdbx_pd_proc_ls_prof_wR_factor           ? 
_refine.pdbx_pd_Marquardt_correlation_coeff      ? 
_refine.pdbx_pd_Fsqrd_R_factor                   ? 
_refine.pdbx_pd_ls_matrix_band_width             ? 
_refine.pdbx_overall_phase_error                 ? 
_refine.pdbx_overall_SU_R_free_Cruickshank_DPI   ? 
_refine.pdbx_overall_SU_R_free_Blow_DPI          ? 
_refine.pdbx_overall_SU_R_Blow_DPI               ? 
_refine.pdbx_TLS_residual_ADP_flag               ? 
_refine.pdbx_diffrn_id                           1 
_refine.overall_SU_B                             1.881 
_refine.overall_SU_ML                            0.066 
_refine.overall_SU_R_Cruickshank_DPI             ? 
_refine.overall_SU_R_free                        ? 
_refine.overall_FOM_free_R_set                   ? 
_refine.overall_FOM_work_R_set                   ? 
_refine.pdbx_average_fsc_overall                 ? 
_refine.pdbx_average_fsc_work                    ? 
_refine.pdbx_average_fsc_free                    ? 
# 
_refine_hist.pdbx_refine_id                   'X-RAY DIFFRACTION' 
_refine_hist.cycle_id                         1 
_refine_hist.pdbx_number_atoms_protein        1417 
_refine_hist.pdbx_number_atoms_nucleic_acid   0 
_refine_hist.pdbx_number_atoms_ligand         49 
_refine_hist.number_atoms_solvent             89 
_refine_hist.number_atoms_total               1555 
_refine_hist.d_res_high                       1.60 
_refine_hist.d_res_low                        31.67 
# 
loop_
_refine_ls_restr.pdbx_refine_id 
_refine_ls_restr.criterion 
_refine_ls_restr.dev_ideal 
_refine_ls_restr.dev_ideal_target 
_refine_ls_restr.number 
_refine_ls_restr.rejects 
_refine_ls_restr.type 
_refine_ls_restr.weight 
_refine_ls_restr.pdbx_restraint_function 
'X-RAY DIFFRACTION' ? 0.013  0.020  1519 ? r_bond_refined_d             ? ? 
'X-RAY DIFFRACTION' ? 0.004  0.020  1410 ? r_bond_other_d               ? ? 
'X-RAY DIFFRACTION' ? 2.083  1.965  2071 ? r_angle_refined_deg          ? ? 
'X-RAY DIFFRACTION' ? 0.885  3.000  3234 ? r_angle_other_deg            ? ? 
'X-RAY DIFFRACTION' ? 6.188  5.000  181  ? r_dihedral_angle_1_deg       ? ? 
'X-RAY DIFFRACTION' ? 37.995 24.384 73   ? r_dihedral_angle_2_deg       ? ? 
'X-RAY DIFFRACTION' ? 12.129 15.000 252  ? r_dihedral_angle_3_deg       ? ? 
'X-RAY DIFFRACTION' ? 19.113 15.000 8    ? r_dihedral_angle_4_deg       ? ? 
'X-RAY DIFFRACTION' ? 0.093  0.200  222  ? r_chiral_restr               ? ? 
'X-RAY DIFFRACTION' ? 0.011  0.020  1722 ? r_gen_planes_refined         ? ? 
'X-RAY DIFFRACTION' ? 0.017  0.020  371  ? r_gen_planes_other           ? ? 
'X-RAY DIFFRACTION' ? ?      ?      ?    ? r_nbd_refined                ? ? 
'X-RAY DIFFRACTION' ? ?      ?      ?    ? r_nbd_other                  ? ? 
'X-RAY DIFFRACTION' ? ?      ?      ?    ? r_nbtor_refined              ? ? 
'X-RAY DIFFRACTION' ? ?      ?      ?    ? r_nbtor_other                ? ? 
'X-RAY DIFFRACTION' ? ?      ?      ?    ? r_xyhbond_nbd_refined        ? ? 
'X-RAY DIFFRACTION' ? ?      ?      ?    ? r_xyhbond_nbd_other          ? ? 
'X-RAY DIFFRACTION' ? ?      ?      ?    ? r_metal_ion_refined          ? ? 
'X-RAY DIFFRACTION' ? ?      ?      ?    ? r_metal_ion_other            ? ? 
'X-RAY DIFFRACTION' ? ?      ?      ?    ? r_symmetry_vdw_refined       ? ? 
'X-RAY DIFFRACTION' ? ?      ?      ?    ? r_symmetry_vdw_other         ? ? 
'X-RAY DIFFRACTION' ? ?      ?      ?    ? r_symmetry_hbond_refined     ? ? 
'X-RAY DIFFRACTION' ? ?      ?      ?    ? r_symmetry_hbond_other       ? ? 
'X-RAY DIFFRACTION' ? ?      ?      ?    ? r_symmetry_metal_ion_refined ? ? 
'X-RAY DIFFRACTION' ? ?      ?      ?    ? r_symmetry_metal_ion_other   ? ? 
'X-RAY DIFFRACTION' ? 2.162  2.425  703  ? r_mcbond_it                  ? ? 
'X-RAY DIFFRACTION' ? 2.136  2.420  702  ? r_mcbond_other               ? ? 
'X-RAY DIFFRACTION' ? 3.501  3.620  879  ? r_mcangle_it                 ? ? 
'X-RAY DIFFRACTION' ? 3.499  3.624  880  ? r_mcangle_other              ? ? 
'X-RAY DIFFRACTION' ? 2.412  2.714  816  ? r_scbond_it                  ? ? 
'X-RAY DIFFRACTION' ? 2.402  2.714  816  ? r_scbond_other               ? ? 
'X-RAY DIFFRACTION' ? ?      ?      ?    ? r_scangle_it                 ? ? 
'X-RAY DIFFRACTION' ? 3.926  3.942  1189 ? r_scangle_other              ? ? 
'X-RAY DIFFRACTION' ? 6.176  20.387 1912 ? r_long_range_B_refined       ? ? 
'X-RAY DIFFRACTION' ? 6.119  20.270 1892 ? r_long_range_B_other         ? ? 
'X-RAY DIFFRACTION' ? ?      ?      ?    ? r_rigid_bond_restr           ? ? 
'X-RAY DIFFRACTION' ? ?      ?      ?    ? r_sphericity_free            ? ? 
'X-RAY DIFFRACTION' ? ?      ?      ?    ? r_sphericity_bonded          ? ? 
# 
_refine_ls_shell.pdbx_refine_id                   'X-RAY DIFFRACTION' 
_refine_ls_shell.d_res_high                       1.600 
_refine_ls_shell.d_res_low                        1.641 
_refine_ls_shell.number_reflns_all                ? 
_refine_ls_shell.number_reflns_obs                ? 
_refine_ls_shell.number_reflns_R_free             111 
_refine_ls_shell.number_reflns_R_work             1885 
_refine_ls_shell.percent_reflns_obs               99.11 
_refine_ls_shell.percent_reflns_R_free            ? 
_refine_ls_shell.R_factor_all                     ? 
_refine_ls_shell.R_factor_obs                     ? 
_refine_ls_shell.R_factor_R_free                  0.313 
_refine_ls_shell.R_factor_R_free_error            ? 
_refine_ls_shell.R_factor_R_work                  0.258 
_refine_ls_shell.redundancy_reflns_all            ? 
_refine_ls_shell.redundancy_reflns_obs            ? 
_refine_ls_shell.wR_factor_all                    ? 
_refine_ls_shell.wR_factor_obs                    ? 
_refine_ls_shell.wR_factor_R_free                 ? 
_refine_ls_shell.wR_factor_R_work                 ? 
_refine_ls_shell.pdbx_total_number_of_bins_used   20 
_refine_ls_shell.pdbx_phase_error                 ? 
_refine_ls_shell.pdbx_fsc_work                    ? 
_refine_ls_shell.pdbx_fsc_free                    ? 
# 
_struct.entry_id                     5ZOH 
_struct.title                        
'Crystal structure of a far-red light-absorbing form of AnPixJg2_BV4 in complex with biliverdin' 
_struct.pdbx_model_details           ? 
_struct.pdbx_formula_weight          ? 
_struct.pdbx_formula_weight_method   ? 
_struct.pdbx_model_type_details      ? 
_struct.pdbx_CASP_flag               N 
# 
_struct_keywords.entry_id        5ZOH 
_struct_keywords.text            'Photoreceptor, Cyanobacteriochrome, Complex, Tetrapyrrole, Biliverdin, SIGNALING PROTEIN' 
_struct_keywords.pdbx_keywords   'SIGNALING PROTEIN' 
# 
loop_
_struct_asym.id 
_struct_asym.pdbx_blank_PDB_chainid_flag 
_struct_asym.pdbx_modified 
_struct_asym.entity_id 
_struct_asym.details 
A N N 1 ? 
B N N 2 ? 
C N N 3 ? 
D N N 4 ? 
# 
_struct_ref.id                         1 
_struct_ref.db_name                    UNP 
_struct_ref.db_code                    Q8YXY7_NOSS1 
_struct_ref.pdbx_db_accession          Q8YXY7 
_struct_ref.pdbx_db_isoform            ? 
_struct_ref.entity_id                  1 
_struct_ref.pdbx_seq_one_letter_code   
;AVSKVMEKILRVSNIDKIFQTTTQEIRQLLKCDRVAVYRFNPDWSGEFVAESVGSGWVKLVGPDIKTVWEDTHLQETQGG
RYRHQESFVVNDIYEAGHFSCHLEILEQFEIKAYIIVPVFAAEKLWGLLAAYQNSGTREWVEWESSFLTQVGLQFGIAIS
HAEYLEQTRLQSEQMIR
;
_struct_ref.pdbx_align_begin           221 
# 
_struct_ref_seq.align_id                      1 
_struct_ref_seq.ref_id                        1 
_struct_ref_seq.pdbx_PDB_id_code              5ZOH 
_struct_ref_seq.pdbx_strand_id                A 
_struct_ref_seq.seq_align_beg                 21 
_struct_ref_seq.pdbx_seq_align_beg_ins_code   ? 
_struct_ref_seq.seq_align_end                 197 
_struct_ref_seq.pdbx_seq_align_end_ins_code   ? 
_struct_ref_seq.pdbx_db_accession             Q8YXY7 
_struct_ref_seq.db_align_beg                  221 
_struct_ref_seq.pdbx_db_align_beg_ins_code    ? 
_struct_ref_seq.db_align_end                  397 
_struct_ref_seq.pdbx_db_align_end_ins_code    ? 
_struct_ref_seq.pdbx_auth_seq_align_beg       221 
_struct_ref_seq.pdbx_auth_seq_align_end       397 
# 
loop_
_struct_ref_seq_dif.align_id 
_struct_ref_seq_dif.pdbx_pdb_id_code 
_struct_ref_seq_dif.mon_id 
_struct_ref_seq_dif.pdbx_pdb_strand_id 
_struct_ref_seq_dif.seq_num 
_struct_ref_seq_dif.pdbx_pdb_ins_code 
_struct_ref_seq_dif.pdbx_seq_db_name 
_struct_ref_seq_dif.pdbx_seq_db_accession_code 
_struct_ref_seq_dif.db_mon_id 
_struct_ref_seq_dif.pdbx_seq_db_seq_num 
_struct_ref_seq_dif.details 
_struct_ref_seq_dif.pdbx_auth_seq_num 
_struct_ref_seq_dif.pdbx_ordinal 
1 5ZOH GLY A 1   ? UNP Q8YXY7 ?   ?   'expression tag'      201 1  
1 5ZOH SER A 2   ? UNP Q8YXY7 ?   ?   'expression tag'      202 2  
1 5ZOH SER A 3   ? UNP Q8YXY7 ?   ?   'expression tag'      203 3  
1 5ZOH HIS A 4   ? UNP Q8YXY7 ?   ?   'expression tag'      204 4  
1 5ZOH HIS A 5   ? UNP Q8YXY7 ?   ?   'expression tag'      205 5  
1 5ZOH HIS A 6   ? UNP Q8YXY7 ?   ?   'expression tag'      206 6  
1 5ZOH HIS A 7   ? UNP Q8YXY7 ?   ?   'expression tag'      207 7  
1 5ZOH HIS A 8   ? UNP Q8YXY7 ?   ?   'expression tag'      208 8  
1 5ZOH HIS A 9   ? UNP Q8YXY7 ?   ?   'expression tag'      209 9  
1 5ZOH SER A 10  ? UNP Q8YXY7 ?   ?   'expression tag'      210 10 
1 5ZOH SER A 11  ? UNP Q8YXY7 ?   ?   'expression tag'      211 11 
1 5ZOH GLY A 12  ? UNP Q8YXY7 ?   ?   'expression tag'      212 12 
1 5ZOH LEU A 13  ? UNP Q8YXY7 ?   ?   'expression tag'      213 13 
1 5ZOH VAL A 14  ? UNP Q8YXY7 ?   ?   'expression tag'      214 14 
1 5ZOH PRO A 15  ? UNP Q8YXY7 ?   ?   'expression tag'      215 15 
1 5ZOH ARG A 16  ? UNP Q8YXY7 ?   ?   'expression tag'      216 16 
1 5ZOH GLY A 17  ? UNP Q8YXY7 ?   ?   'expression tag'      217 17 
1 5ZOH SER A 18  ? UNP Q8YXY7 ?   ?   'expression tag'      218 18 
1 5ZOH HIS A 19  ? UNP Q8YXY7 ?   ?   'expression tag'      219 19 
1 5ZOH MET A 20  ? UNP Q8YXY7 ?   ?   'expression tag'      220 20 
1 5ZOH TYR A 93  ? UNP Q8YXY7 HIS 293 'engineered mutation' 293 21 
1 5ZOH THR A 108 ? UNP Q8YXY7 PHE 308 'engineered mutation' 308 22 
1 5ZOH TYR A 118 ? UNP Q8YXY7 HIS 318 'engineered mutation' 318 23 
1 5ZOH VAL A 136 ? UNP Q8YXY7 ILE 336 'engineered mutation' 336 24 
# 
loop_
_pdbx_struct_assembly.id 
_pdbx_struct_assembly.details 
_pdbx_struct_assembly.method_details 
_pdbx_struct_assembly.oligomeric_details 
_pdbx_struct_assembly.oligomeric_count 
1 author_defined_assembly   ?    monomeric 1 
2 software_defined_assembly PISA dimeric   2 
# 
loop_
_pdbx_struct_assembly_prop.biol_id 
_pdbx_struct_assembly_prop.type 
_pdbx_struct_assembly_prop.value 
_pdbx_struct_assembly_prop.details 
1 'ABSA (A^2)' 1460  ? 
1 MORE         -18   ? 
1 'SSA (A^2)'  9950  ? 
2 'ABSA (A^2)' 5560  ? 
2 MORE         -52   ? 
2 'SSA (A^2)'  17260 ? 
# 
loop_
_pdbx_struct_assembly_gen.assembly_id 
_pdbx_struct_assembly_gen.oper_expression 
_pdbx_struct_assembly_gen.asym_id_list 
1 1   A,B,C,D 
2 1,2 A,B,C,D 
# 
_pdbx_struct_assembly_auth_evidence.id                     1 
_pdbx_struct_assembly_auth_evidence.assembly_id            1 
_pdbx_struct_assembly_auth_evidence.experimental_support   'gel filtration' 
_pdbx_struct_assembly_auth_evidence.details                ? 
# 
loop_
_pdbx_struct_oper_list.id 
_pdbx_struct_oper_list.type 
_pdbx_struct_oper_list.name 
_pdbx_struct_oper_list.symmetry_operation 
_pdbx_struct_oper_list.matrix[1][1] 
_pdbx_struct_oper_list.matrix[1][2] 
_pdbx_struct_oper_list.matrix[1][3] 
_pdbx_struct_oper_list.vector[1] 
_pdbx_struct_oper_list.matrix[2][1] 
_pdbx_struct_oper_list.matrix[2][2] 
_pdbx_struct_oper_list.matrix[2][3] 
_pdbx_struct_oper_list.vector[2] 
_pdbx_struct_oper_list.matrix[3][1] 
_pdbx_struct_oper_list.matrix[3][2] 
_pdbx_struct_oper_list.matrix[3][3] 
_pdbx_struct_oper_list.vector[3] 
1 'identity operation'         1_555 x,y,z   1.0000000000 0.0000000000 0.0000000000 0.0000000000 0.0000000000 1.0000000000  0.0000000000 0.0000000000   0.0000000000 0.0000000000 1.0000000000  0.0000000000  
2 'crystal symmetry operation' 2_555 -x,y,-z 0.7287198343 0.0323531240 0.6840472780 2.6304927025 0.0323531240 -0.9993945088 0.0128019972 -29.5963630433 0.6840472780 0.0128019972 -0.7293253255 -5.2479561298 
# 
loop_
_struct_conf.conf_type_id 
_struct_conf.id 
_struct_conf.pdbx_PDB_helix_id 
_struct_conf.beg_label_comp_id 
_struct_conf.beg_label_asym_id 
_struct_conf.beg_label_seq_id 
_struct_conf.pdbx_beg_PDB_ins_code 
_struct_conf.end_label_comp_id 
_struct_conf.end_label_asym_id 
_struct_conf.end_label_seq_id 
_struct_conf.pdbx_end_PDB_ins_code 
_struct_conf.beg_auth_comp_id 
_struct_conf.beg_auth_asym_id 
_struct_conf.beg_auth_seq_id 
_struct_conf.end_auth_comp_id 
_struct_conf.end_auth_asym_id 
_struct_conf.end_auth_seq_id 
_struct_conf.pdbx_PDB_helix_class 
_struct_conf.details 
_struct_conf.pdbx_PDB_helix_length 
HELX_P HELX_P1 AA1 ALA A 21  ? LEU A 30  ? ALA A 221 LEU A 230 1 ? 10 
HELX_P HELX_P2 AA2 ASN A 34  ? LYS A 51  ? ASN A 234 LYS A 251 1 ? 18 
HELX_P HELX_P3 AA3 ASP A 91  ? GLN A 98  ? ASP A 291 GLN A 298 1 ? 8  
HELX_P HELX_P4 AA4 GLY A 99  ? GLN A 105 ? GLY A 299 GLN A 305 5 ? 7  
HELX_P HELX_P5 AA5 ASP A 112 ? ALA A 116 ? ASP A 312 ALA A 316 5 ? 5  
HELX_P HELX_P6 AA6 PHE A 119 ? PHE A 129 ? PHE A 319 PHE A 329 1 ? 11 
HELX_P HELX_P7 AA7 VAL A 161 ? GLN A 187 ? VAL A 361 GLN A 387 1 ? 27 
# 
_struct_conf_type.id          HELX_P 
_struct_conf_type.criteria    ? 
_struct_conf_type.reference   ? 
# 
_struct_conn.id                            covale1 
_struct_conn.conn_type_id                  covale 
_struct_conn.pdbx_leaving_atom_flag        none 
_struct_conn.pdbx_PDB_id                   ? 
_struct_conn.ptnr1_label_asym_id           A 
_struct_conn.ptnr1_label_comp_id           CYS 
_struct_conn.ptnr1_label_seq_id            121 
_struct_conn.ptnr1_label_atom_id           SG 
_struct_conn.pdbx_ptnr1_label_alt_id       ? 
_struct_conn.pdbx_ptnr1_PDB_ins_code       ? 
_struct_conn.pdbx_ptnr1_standard_comp_id   ? 
_struct_conn.ptnr1_symmetry                1_555 
_struct_conn.ptnr2_label_asym_id           B 
_struct_conn.ptnr2_label_comp_id           BLA 
_struct_conn.ptnr2_label_seq_id            . 
_struct_conn.ptnr2_label_atom_id           CBC 
_struct_conn.pdbx_ptnr2_label_alt_id       ? 
_struct_conn.pdbx_ptnr2_PDB_ins_code       ? 
_struct_conn.ptnr1_auth_asym_id            A 
_struct_conn.ptnr1_auth_comp_id            CYS 
_struct_conn.ptnr1_auth_seq_id             321 
_struct_conn.ptnr2_auth_asym_id            A 
_struct_conn.ptnr2_auth_comp_id            BLA 
_struct_conn.ptnr2_auth_seq_id             400 
_struct_conn.ptnr2_symmetry                1_555 
_struct_conn.pdbx_ptnr3_label_atom_id      ? 
_struct_conn.pdbx_ptnr3_label_seq_id       ? 
_struct_conn.pdbx_ptnr3_label_comp_id      ? 
_struct_conn.pdbx_ptnr3_label_asym_id      ? 
_struct_conn.pdbx_ptnr3_label_alt_id       ? 
_struct_conn.pdbx_ptnr3_PDB_ins_code       ? 
_struct_conn.details                       ? 
_struct_conn.pdbx_dist_value               1.648 
_struct_conn.pdbx_value_order              ? 
_struct_conn.pdbx_role                     ? 
# 
_struct_conn_type.id          covale 
_struct_conn_type.criteria    ? 
_struct_conn_type.reference   ? 
# 
_pdbx_modification_feature.ordinal                            1 
_pdbx_modification_feature.label_comp_id                      BLA 
_pdbx_modification_feature.label_asym_id                      B 
_pdbx_modification_feature.label_seq_id                       . 
_pdbx_modification_feature.label_alt_id                       ? 
_pdbx_modification_feature.modified_residue_label_comp_id     CYS 
_pdbx_modification_feature.modified_residue_label_asym_id     A 
_pdbx_modification_feature.modified_residue_label_seq_id      121 
_pdbx_modification_feature.modified_residue_label_alt_id      ? 
_pdbx_modification_feature.auth_comp_id                       BLA 
_pdbx_modification_feature.auth_asym_id                       A 
_pdbx_modification_feature.auth_seq_id                        400 
_pdbx_modification_feature.PDB_ins_code                       ? 
_pdbx_modification_feature.symmetry                           1_555 
_pdbx_modification_feature.modified_residue_auth_comp_id      CYS 
_pdbx_modification_feature.modified_residue_auth_asym_id      A 
_pdbx_modification_feature.modified_residue_auth_seq_id       321 
_pdbx_modification_feature.modified_residue_PDB_ins_code      ? 
_pdbx_modification_feature.modified_residue_symmetry          1_555 
_pdbx_modification_feature.comp_id_linking_atom               CBC 
_pdbx_modification_feature.modified_residue_id_linking_atom   SG 
_pdbx_modification_feature.modified_residue_id                CYS 
_pdbx_modification_feature.ref_pcm_id                         2 
_pdbx_modification_feature.ref_comp_id                        BLA 
_pdbx_modification_feature.type                               None 
_pdbx_modification_feature.category                           'Covalent chemical modification' 
# 
_struct_sheet.id               AA1 
_struct_sheet.type             ? 
_struct_sheet.number_strands   6 
_struct_sheet.details          ? 
# 
loop_
_struct_sheet_order.sheet_id 
_struct_sheet_order.range_id_1 
_struct_sheet_order.range_id_2 
_struct_sheet_order.offset 
_struct_sheet_order.sense 
AA1 1 2 ? anti-parallel 
AA1 2 3 ? anti-parallel 
AA1 3 4 ? anti-parallel 
AA1 4 5 ? anti-parallel 
AA1 5 6 ? anti-parallel 
# 
loop_
_struct_sheet_range.sheet_id 
_struct_sheet_range.id 
_struct_sheet_range.beg_label_comp_id 
_struct_sheet_range.beg_label_asym_id 
_struct_sheet_range.beg_label_seq_id 
_struct_sheet_range.pdbx_beg_PDB_ins_code 
_struct_sheet_range.end_label_comp_id 
_struct_sheet_range.end_label_asym_id 
_struct_sheet_range.end_label_seq_id 
_struct_sheet_range.pdbx_end_PDB_ins_code 
_struct_sheet_range.beg_auth_comp_id 
_struct_sheet_range.beg_auth_asym_id 
_struct_sheet_range.beg_auth_seq_id 
_struct_sheet_range.end_auth_comp_id 
_struct_sheet_range.end_auth_asym_id 
_struct_sheet_range.end_auth_seq_id 
AA1 1 VAL A 88  ? TRP A 89  ? VAL A 288 TRP A 289 
AA1 2 GLY A 66  ? VAL A 73  ? GLY A 266 VAL A 273 
AA1 3 ARG A 54  ? PHE A 60  ? ARG A 254 PHE A 260 
AA1 4 LYS A 144 ? GLN A 153 ? LYS A 344 GLN A 353 
AA1 5 ALA A 133 ? ALA A 141 ? ALA A 333 ALA A 341 
AA1 6 THR A 108 ? VAL A 110 ? THR A 308 VAL A 310 
# 
loop_
_pdbx_struct_sheet_hbond.sheet_id 
_pdbx_struct_sheet_hbond.range_id_1 
_pdbx_struct_sheet_hbond.range_id_2 
_pdbx_struct_sheet_hbond.range_1_label_atom_id 
_pdbx_struct_sheet_hbond.range_1_label_comp_id 
_pdbx_struct_sheet_hbond.range_1_label_asym_id 
_pdbx_struct_sheet_hbond.range_1_label_seq_id 
_pdbx_struct_sheet_hbond.range_1_PDB_ins_code 
_pdbx_struct_sheet_hbond.range_1_auth_atom_id 
_pdbx_struct_sheet_hbond.range_1_auth_comp_id 
_pdbx_struct_sheet_hbond.range_1_auth_asym_id 
_pdbx_struct_sheet_hbond.range_1_auth_seq_id 
_pdbx_struct_sheet_hbond.range_2_label_atom_id 
_pdbx_struct_sheet_hbond.range_2_label_comp_id 
_pdbx_struct_sheet_hbond.range_2_label_asym_id 
_pdbx_struct_sheet_hbond.range_2_label_seq_id 
_pdbx_struct_sheet_hbond.range_2_PDB_ins_code 
_pdbx_struct_sheet_hbond.range_2_auth_atom_id 
_pdbx_struct_sheet_hbond.range_2_auth_comp_id 
_pdbx_struct_sheet_hbond.range_2_auth_asym_id 
_pdbx_struct_sheet_hbond.range_2_auth_seq_id 
AA1 1 2 O TRP A 89  ? O TRP A 289 N GLY A 66  ? N GLY A 266 
AA1 2 3 O GLU A 67  ? O GLU A 267 N ARG A 59  ? N ARG A 259 
AA1 3 4 N ARG A 54  ? N ARG A 254 O TYR A 152 ? O TYR A 352 
AA1 4 5 O GLN A 153 ? O GLN A 353 N ALA A 133 ? N ALA A 333 
AA1 5 6 O TYR A 134 ? O TYR A 334 N VAL A 110 ? N VAL A 310 
# 
loop_
_struct_site.id 
_struct_site.pdbx_evidence_code 
_struct_site.pdbx_auth_asym_id 
_struct_site.pdbx_auth_comp_id 
_struct_site.pdbx_auth_seq_id 
_struct_site.pdbx_auth_ins_code 
_struct_site.pdbx_num_residues 
_struct_site.details 
AC1 Software A BLA 400 ? 23 'binding site for residue BLA A 400' 
AC2 Software A GOL 401 ? 8  'binding site for residue GOL A 401' 
# 
loop_
_struct_site_gen.id 
_struct_site_gen.site_id 
_struct_site_gen.pdbx_num_res 
_struct_site_gen.label_comp_id 
_struct_site_gen.label_asym_id 
_struct_site_gen.label_seq_id 
_struct_site_gen.pdbx_auth_ins_code 
_struct_site_gen.auth_comp_id 
_struct_site_gen.auth_asym_id 
_struct_site_gen.auth_seq_id 
_struct_site_gen.label_atom_id 
_struct_site_gen.label_alt_id 
_struct_site_gen.symmetry 
_struct_site_gen.details 
1  AC1 23 TYR A 58  ? TYR A 258 . ? 1_555 ? 
2  AC1 23 PHE A 68  ? PHE A 268 . ? 1_555 ? 
3  AC1 23 TRP A 89  ? TRP A 289 . ? 1_555 ? 
4  AC1 23 GLU A 90  ? GLU A 290 . ? 1_555 ? 
5  AC1 23 ASP A 91  ? ASP A 291 . ? 1_555 ? 
6  AC1 23 THR A 92  ? THR A 292 . ? 1_555 ? 
7  AC1 23 TYR A 93  ? TYR A 293 . ? 1_555 ? 
8  AC1 23 LEU A 94  ? LEU A 294 . ? 1_555 ? 
9  AC1 23 TYR A 102 ? TYR A 302 . ? 1_555 ? 
10 AC1 23 THR A 108 ? THR A 308 . ? 1_555 ? 
11 AC1 23 TYR A 118 ? TYR A 318 . ? 1_555 ? 
12 AC1 23 PHE A 119 ? PHE A 319 . ? 1_555 ? 
13 AC1 23 CYS A 121 ? CYS A 321 . ? 1_555 ? 
14 AC1 23 HIS A 122 ? HIS A 322 . ? 1_555 ? 
15 AC1 23 ILE A 125 ? ILE A 325 . ? 1_555 ? 
16 AC1 23 TYR A 134 ? TYR A 334 . ? 1_555 ? 
17 AC1 23 VAL A 136 ? VAL A 336 . ? 1_555 ? 
18 AC1 23 TYR A 152 ? TYR A 352 . ? 1_555 ? 
19 AC1 23 HOH D .   ? HOH A 516 . ? 1_555 ? 
20 AC1 23 HOH D .   ? HOH A 522 . ? 1_555 ? 
21 AC1 23 HOH D .   ? HOH A 526 . ? 1_555 ? 
22 AC1 23 HOH D .   ? HOH A 531 . ? 1_555 ? 
23 AC1 23 HOH D .   ? HOH A 551 . ? 1_555 ? 
24 AC2 8  VAL A 109 ? VAL A 309 . ? 1_555 ? 
25 AC2 8  VAL A 110 ? VAL A 310 . ? 1_555 ? 
26 AC2 8  ASN A 111 ? ASN A 311 . ? 1_555 ? 
27 AC2 8  ASP A 112 ? ASP A 312 . ? 1_555 ? 
28 AC2 8  ALA A 116 ? ALA A 316 . ? 1_555 ? 
29 AC2 8  HOH D .   ? HOH A 502 . ? 1_555 ? 
30 AC2 8  HOH D .   ? HOH A 504 . ? 1_555 ? 
31 AC2 8  HOH D .   ? HOH A 519 . ? 1_555 ? 
# 
_pdbx_entry_details.entry_id                   5ZOH 
_pdbx_entry_details.compound_details           ? 
_pdbx_entry_details.source_details             ? 
_pdbx_entry_details.nonpolymer_details         ? 
_pdbx_entry_details.sequence_details           ? 
_pdbx_entry_details.has_ligand_of_interest     ? 
_pdbx_entry_details.has_protein_modification   Y 
# 
loop_
_pdbx_validate_torsion.id 
_pdbx_validate_torsion.PDB_model_num 
_pdbx_validate_torsion.auth_comp_id 
_pdbx_validate_torsion.auth_asym_id 
_pdbx_validate_torsion.auth_seq_id 
_pdbx_validate_torsion.PDB_ins_code 
_pdbx_validate_torsion.label_alt_id 
_pdbx_validate_torsion.phi 
_pdbx_validate_torsion.psi 
1 1 ASN A 234 ? ? 70.84  84.58   
2 1 ALA A 342 ? ? 62.23  -135.59 
3 1 GLN A 387 ? ? -69.90 2.31    
4 1 THR A 388 ? ? -80.85 44.23   
# 
loop_
_pdbx_unobs_or_zero_occ_residues.id 
_pdbx_unobs_or_zero_occ_residues.PDB_model_num 
_pdbx_unobs_or_zero_occ_residues.polymer_flag 
_pdbx_unobs_or_zero_occ_residues.occupancy_flag 
_pdbx_unobs_or_zero_occ_residues.auth_asym_id 
_pdbx_unobs_or_zero_occ_residues.auth_comp_id 
_pdbx_unobs_or_zero_occ_residues.auth_seq_id 
_pdbx_unobs_or_zero_occ_residues.PDB_ins_code 
_pdbx_unobs_or_zero_occ_residues.label_asym_id 
_pdbx_unobs_or_zero_occ_residues.label_comp_id 
_pdbx_unobs_or_zero_occ_residues.label_seq_id 
1  1 Y 1 A GLY 201 ? A GLY 1   
2  1 Y 1 A SER 202 ? A SER 2   
3  1 Y 1 A SER 203 ? A SER 3   
4  1 Y 1 A HIS 204 ? A HIS 4   
5  1 Y 1 A HIS 205 ? A HIS 5   
6  1 Y 1 A HIS 206 ? A HIS 6   
7  1 Y 1 A HIS 207 ? A HIS 7   
8  1 Y 1 A HIS 208 ? A HIS 8   
9  1 Y 1 A HIS 209 ? A HIS 9   
10 1 Y 1 A SER 210 ? A SER 10  
11 1 Y 1 A SER 211 ? A SER 11  
12 1 Y 1 A GLY 212 ? A GLY 12  
13 1 Y 1 A LEU 213 ? A LEU 13  
14 1 Y 1 A VAL 214 ? A VAL 14  
15 1 Y 1 A PRO 215 ? A PRO 15  
16 1 Y 1 A ARG 216 ? A ARG 16  
17 1 Y 1 A GLY 217 ? A GLY 17  
18 1 Y 1 A SER 218 ? A SER 18  
19 1 Y 1 A HIS 219 ? A HIS 19  
20 1 Y 1 A GLN 394 ? A GLN 194 
21 1 Y 1 A MET 395 ? A MET 195 
22 1 Y 1 A ILE 396 ? A ILE 196 
23 1 Y 1 A ARG 397 ? A ARG 197 
# 
loop_
_chem_comp_atom.comp_id 
_chem_comp_atom.atom_id 
_chem_comp_atom.type_symbol 
_chem_comp_atom.pdbx_aromatic_flag 
_chem_comp_atom.pdbx_stereo_config 
_chem_comp_atom.pdbx_ordinal 
ALA N    N N N 1   
ALA CA   C N S 2   
ALA C    C N N 3   
ALA O    O N N 4   
ALA CB   C N N 5   
ALA OXT  O N N 6   
ALA H    H N N 7   
ALA H2   H N N 8   
ALA HA   H N N 9   
ALA HB1  H N N 10  
ALA HB2  H N N 11  
ALA HB3  H N N 12  
ALA HXT  H N N 13  
ARG N    N N N 14  
ARG CA   C N S 15  
ARG C    C N N 16  
ARG O    O N N 17  
ARG CB   C N N 18  
ARG CG   C N N 19  
ARG CD   C N N 20  
ARG NE   N N N 21  
ARG CZ   C N N 22  
ARG NH1  N N N 23  
ARG NH2  N N N 24  
ARG OXT  O N N 25  
ARG H    H N N 26  
ARG H2   H N N 27  
ARG HA   H N N 28  
ARG HB2  H N N 29  
ARG HB3  H N N 30  
ARG HG2  H N N 31  
ARG HG3  H N N 32  
ARG HD2  H N N 33  
ARG HD3  H N N 34  
ARG HE   H N N 35  
ARG HH11 H N N 36  
ARG HH12 H N N 37  
ARG HH21 H N N 38  
ARG HH22 H N N 39  
ARG HXT  H N N 40  
ASN N    N N N 41  
ASN CA   C N S 42  
ASN C    C N N 43  
ASN O    O N N 44  
ASN CB   C N N 45  
ASN CG   C N N 46  
ASN OD1  O N N 47  
ASN ND2  N N N 48  
ASN OXT  O N N 49  
ASN H    H N N 50  
ASN H2   H N N 51  
ASN HA   H N N 52  
ASN HB2  H N N 53  
ASN HB3  H N N 54  
ASN HD21 H N N 55  
ASN HD22 H N N 56  
ASN HXT  H N N 57  
ASP N    N N N 58  
ASP CA   C N S 59  
ASP C    C N N 60  
ASP O    O N N 61  
ASP CB   C N N 62  
ASP CG   C N N 63  
ASP OD1  O N N 64  
ASP OD2  O N N 65  
ASP OXT  O N N 66  
ASP H    H N N 67  
ASP H2   H N N 68  
ASP HA   H N N 69  
ASP HB2  H N N 70  
ASP HB3  H N N 71  
ASP HD2  H N N 72  
ASP HXT  H N N 73  
BLA CHA  C N N 74  
BLA NA   N Y N 75  
BLA C1A  C Y N 76  
BLA C2A  C Y N 77  
BLA C3A  C Y N 78  
BLA C4A  C Y N 79  
BLA CMA  C N N 80  
BLA CAA  C N N 81  
BLA CBA  C N N 82  
BLA CGA  C N N 83  
BLA O1A  O N N 84  
BLA O2A  O N N 85  
BLA CHB  C N N 86  
BLA NB   N N N 87  
BLA C1B  C N N 88  
BLA C2B  C N N 89  
BLA C3B  C N N 90  
BLA C4B  C N N 91  
BLA CMB  C N N 92  
BLA OB   O N N 93  
BLA CAB  C N N 94  
BLA CBB  C N N 95  
BLA NC   N N N 96  
BLA C1C  C N N 97  
BLA C2C  C N N 98  
BLA C3C  C N N 99  
BLA C4C  C N N 100 
BLA CMC  C N N 101 
BLA OC   O N N 102 
BLA CAC  C N N 103 
BLA CBC  C N N 104 
BLA CHD  C N N 105 
BLA ND   N N N 106 
BLA C1D  C N N 107 
BLA C2D  C N N 108 
BLA C3D  C N N 109 
BLA C4D  C N N 110 
BLA CMD  C N N 111 
BLA CAD  C N N 112 
BLA CBD  C N N 113 
BLA CGD  C N N 114 
BLA O1D  O N N 115 
BLA O2D  O N N 116 
BLA HHA  H N N 117 
BLA HA   H N N 118 
BLA HMA1 H N N 119 
BLA HMA2 H N N 120 
BLA HMA3 H N N 121 
BLA HAA1 H N N 122 
BLA HAA2 H N N 123 
BLA HBA1 H N N 124 
BLA HBA2 H N N 125 
BLA H2A  H N N 126 
BLA HHB  H N N 127 
BLA HB   H N N 128 
BLA HMB1 H N N 129 
BLA HMB2 H N N 130 
BLA HMB3 H N N 131 
BLA HAB  H N N 132 
BLA HBB1 H N N 133 
BLA HBB2 H N N 134 
BLA HC   H N N 135 
BLA HMC1 H N N 136 
BLA HMC2 H N N 137 
BLA HMC3 H N N 138 
BLA HAC  H N N 139 
BLA HBC1 H N N 140 
BLA HBC2 H N N 141 
BLA HHD  H N N 142 
BLA HMD1 H N N 143 
BLA HMD2 H N N 144 
BLA HMD3 H N N 145 
BLA HAD1 H N N 146 
BLA HAD2 H N N 147 
BLA HBD1 H N N 148 
BLA HBD2 H N N 149 
BLA H2D  H N N 150 
CYS N    N N N 151 
CYS CA   C N R 152 
CYS C    C N N 153 
CYS O    O N N 154 
CYS CB   C N N 155 
CYS SG   S N N 156 
CYS OXT  O N N 157 
CYS H    H N N 158 
CYS H2   H N N 159 
CYS HA   H N N 160 
CYS HB2  H N N 161 
CYS HB3  H N N 162 
CYS HG   H N N 163 
CYS HXT  H N N 164 
GLN N    N N N 165 
GLN CA   C N S 166 
GLN C    C N N 167 
GLN O    O N N 168 
GLN CB   C N N 169 
GLN CG   C N N 170 
GLN CD   C N N 171 
GLN OE1  O N N 172 
GLN NE2  N N N 173 
GLN OXT  O N N 174 
GLN H    H N N 175 
GLN H2   H N N 176 
GLN HA   H N N 177 
GLN HB2  H N N 178 
GLN HB3  H N N 179 
GLN HG2  H N N 180 
GLN HG3  H N N 181 
GLN HE21 H N N 182 
GLN HE22 H N N 183 
GLN HXT  H N N 184 
GLU N    N N N 185 
GLU CA   C N S 186 
GLU C    C N N 187 
GLU O    O N N 188 
GLU CB   C N N 189 
GLU CG   C N N 190 
GLU CD   C N N 191 
GLU OE1  O N N 192 
GLU OE2  O N N 193 
GLU OXT  O N N 194 
GLU H    H N N 195 
GLU H2   H N N 196 
GLU HA   H N N 197 
GLU HB2  H N N 198 
GLU HB3  H N N 199 
GLU HG2  H N N 200 
GLU HG3  H N N 201 
GLU HE2  H N N 202 
GLU HXT  H N N 203 
GLY N    N N N 204 
GLY CA   C N N 205 
GLY C    C N N 206 
GLY O    O N N 207 
GLY OXT  O N N 208 
GLY H    H N N 209 
GLY H2   H N N 210 
GLY HA2  H N N 211 
GLY HA3  H N N 212 
GLY HXT  H N N 213 
GOL C1   C N N 214 
GOL O1   O N N 215 
GOL C2   C N N 216 
GOL O2   O N N 217 
GOL C3   C N N 218 
GOL O3   O N N 219 
GOL H11  H N N 220 
GOL H12  H N N 221 
GOL HO1  H N N 222 
GOL H2   H N N 223 
GOL HO2  H N N 224 
GOL H31  H N N 225 
GOL H32  H N N 226 
GOL HO3  H N N 227 
HIS N    N N N 228 
HIS CA   C N S 229 
HIS C    C N N 230 
HIS O    O N N 231 
HIS CB   C N N 232 
HIS CG   C Y N 233 
HIS ND1  N Y N 234 
HIS CD2  C Y N 235 
HIS CE1  C Y N 236 
HIS NE2  N Y N 237 
HIS OXT  O N N 238 
HIS H    H N N 239 
HIS H2   H N N 240 
HIS HA   H N N 241 
HIS HB2  H N N 242 
HIS HB3  H N N 243 
HIS HD1  H N N 244 
HIS HD2  H N N 245 
HIS HE1  H N N 246 
HIS HE2  H N N 247 
HIS HXT  H N N 248 
HOH O    O N N 249 
HOH H1   H N N 250 
HOH H2   H N N 251 
ILE N    N N N 252 
ILE CA   C N S 253 
ILE C    C N N 254 
ILE O    O N N 255 
ILE CB   C N S 256 
ILE CG1  C N N 257 
ILE CG2  C N N 258 
ILE CD1  C N N 259 
ILE OXT  O N N 260 
ILE H    H N N 261 
ILE H2   H N N 262 
ILE HA   H N N 263 
ILE HB   H N N 264 
ILE HG12 H N N 265 
ILE HG13 H N N 266 
ILE HG21 H N N 267 
ILE HG22 H N N 268 
ILE HG23 H N N 269 
ILE HD11 H N N 270 
ILE HD12 H N N 271 
ILE HD13 H N N 272 
ILE HXT  H N N 273 
LEU N    N N N 274 
LEU CA   C N S 275 
LEU C    C N N 276 
LEU O    O N N 277 
LEU CB   C N N 278 
LEU CG   C N N 279 
LEU CD1  C N N 280 
LEU CD2  C N N 281 
LEU OXT  O N N 282 
LEU H    H N N 283 
LEU H2   H N N 284 
LEU HA   H N N 285 
LEU HB2  H N N 286 
LEU HB3  H N N 287 
LEU HG   H N N 288 
LEU HD11 H N N 289 
LEU HD12 H N N 290 
LEU HD13 H N N 291 
LEU HD21 H N N 292 
LEU HD22 H N N 293 
LEU HD23 H N N 294 
LEU HXT  H N N 295 
LYS N    N N N 296 
LYS CA   C N S 297 
LYS C    C N N 298 
LYS O    O N N 299 
LYS CB   C N N 300 
LYS CG   C N N 301 
LYS CD   C N N 302 
LYS CE   C N N 303 
LYS NZ   N N N 304 
LYS OXT  O N N 305 
LYS H    H N N 306 
LYS H2   H N N 307 
LYS HA   H N N 308 
LYS HB2  H N N 309 
LYS HB3  H N N 310 
LYS HG2  H N N 311 
LYS HG3  H N N 312 
LYS HD2  H N N 313 
LYS HD3  H N N 314 
LYS HE2  H N N 315 
LYS HE3  H N N 316 
LYS HZ1  H N N 317 
LYS HZ2  H N N 318 
LYS HZ3  H N N 319 
LYS HXT  H N N 320 
MET N    N N N 321 
MET CA   C N S 322 
MET C    C N N 323 
MET O    O N N 324 
MET CB   C N N 325 
MET CG   C N N 326 
MET SD   S N N 327 
MET CE   C N N 328 
MET OXT  O N N 329 
MET H    H N N 330 
MET H2   H N N 331 
MET HA   H N N 332 
MET HB2  H N N 333 
MET HB3  H N N 334 
MET HG2  H N N 335 
MET HG3  H N N 336 
MET HE1  H N N 337 
MET HE2  H N N 338 
MET HE3  H N N 339 
MET HXT  H N N 340 
PHE N    N N N 341 
PHE CA   C N S 342 
PHE C    C N N 343 
PHE O    O N N 344 
PHE CB   C N N 345 
PHE CG   C Y N 346 
PHE CD1  C Y N 347 
PHE CD2  C Y N 348 
PHE CE1  C Y N 349 
PHE CE2  C Y N 350 
PHE CZ   C Y N 351 
PHE OXT  O N N 352 
PHE H    H N N 353 
PHE H2   H N N 354 
PHE HA   H N N 355 
PHE HB2  H N N 356 
PHE HB3  H N N 357 
PHE HD1  H N N 358 
PHE HD2  H N N 359 
PHE HE1  H N N 360 
PHE HE2  H N N 361 
PHE HZ   H N N 362 
PHE HXT  H N N 363 
PRO N    N N N 364 
PRO CA   C N S 365 
PRO C    C N N 366 
PRO O    O N N 367 
PRO CB   C N N 368 
PRO CG   C N N 369 
PRO CD   C N N 370 
PRO OXT  O N N 371 
PRO H    H N N 372 
PRO HA   H N N 373 
PRO HB2  H N N 374 
PRO HB3  H N N 375 
PRO HG2  H N N 376 
PRO HG3  H N N 377 
PRO HD2  H N N 378 
PRO HD3  H N N 379 
PRO HXT  H N N 380 
SER N    N N N 381 
SER CA   C N S 382 
SER C    C N N 383 
SER O    O N N 384 
SER CB   C N N 385 
SER OG   O N N 386 
SER OXT  O N N 387 
SER H    H N N 388 
SER H2   H N N 389 
SER HA   H N N 390 
SER HB2  H N N 391 
SER HB3  H N N 392 
SER HG   H N N 393 
SER HXT  H N N 394 
THR N    N N N 395 
THR CA   C N S 396 
THR C    C N N 397 
THR O    O N N 398 
THR CB   C N R 399 
THR OG1  O N N 400 
THR CG2  C N N 401 
THR OXT  O N N 402 
THR H    H N N 403 
THR H2   H N N 404 
THR HA   H N N 405 
THR HB   H N N 406 
THR HG1  H N N 407 
THR HG21 H N N 408 
THR HG22 H N N 409 
THR HG23 H N N 410 
THR HXT  H N N 411 
TRP N    N N N 412 
TRP CA   C N S 413 
TRP C    C N N 414 
TRP O    O N N 415 
TRP CB   C N N 416 
TRP CG   C Y N 417 
TRP CD1  C Y N 418 
TRP CD2  C Y N 419 
TRP NE1  N Y N 420 
TRP CE2  C Y N 421 
TRP CE3  C Y N 422 
TRP CZ2  C Y N 423 
TRP CZ3  C Y N 424 
TRP CH2  C Y N 425 
TRP OXT  O N N 426 
TRP H    H N N 427 
TRP H2   H N N 428 
TRP HA   H N N 429 
TRP HB2  H N N 430 
TRP HB3  H N N 431 
TRP HD1  H N N 432 
TRP HE1  H N N 433 
TRP HE3  H N N 434 
TRP HZ2  H N N 435 
TRP HZ3  H N N 436 
TRP HH2  H N N 437 
TRP HXT  H N N 438 
TYR N    N N N 439 
TYR CA   C N S 440 
TYR C    C N N 441 
TYR O    O N N 442 
TYR CB   C N N 443 
TYR CG   C Y N 444 
TYR CD1  C Y N 445 
TYR CD2  C Y N 446 
TYR CE1  C Y N 447 
TYR CE2  C Y N 448 
TYR CZ   C Y N 449 
TYR OH   O N N 450 
TYR OXT  O N N 451 
TYR H    H N N 452 
TYR H2   H N N 453 
TYR HA   H N N 454 
TYR HB2  H N N 455 
TYR HB3  H N N 456 
TYR HD1  H N N 457 
TYR HD2  H N N 458 
TYR HE1  H N N 459 
TYR HE2  H N N 460 
TYR HH   H N N 461 
TYR HXT  H N N 462 
VAL N    N N N 463 
VAL CA   C N S 464 
VAL C    C N N 465 
VAL O    O N N 466 
VAL CB   C N N 467 
VAL CG1  C N N 468 
VAL CG2  C N N 469 
VAL OXT  O N N 470 
VAL H    H N N 471 
VAL H2   H N N 472 
VAL HA   H N N 473 
VAL HB   H N N 474 
VAL HG11 H N N 475 
VAL HG12 H N N 476 
VAL HG13 H N N 477 
VAL HG21 H N N 478 
VAL HG22 H N N 479 
VAL HG23 H N N 480 
VAL HXT  H N N 481 
# 
loop_
_chem_comp_bond.comp_id 
_chem_comp_bond.atom_id_1 
_chem_comp_bond.atom_id_2 
_chem_comp_bond.value_order 
_chem_comp_bond.pdbx_aromatic_flag 
_chem_comp_bond.pdbx_stereo_config 
_chem_comp_bond.pdbx_ordinal 
ALA N   CA   sing N N 1   
ALA N   H    sing N N 2   
ALA N   H2   sing N N 3   
ALA CA  C    sing N N 4   
ALA CA  CB   sing N N 5   
ALA CA  HA   sing N N 6   
ALA C   O    doub N N 7   
ALA C   OXT  sing N N 8   
ALA CB  HB1  sing N N 9   
ALA CB  HB2  sing N N 10  
ALA CB  HB3  sing N N 11  
ALA OXT HXT  sing N N 12  
ARG N   CA   sing N N 13  
ARG N   H    sing N N 14  
ARG N   H2   sing N N 15  
ARG CA  C    sing N N 16  
ARG CA  CB   sing N N 17  
ARG CA  HA   sing N N 18  
ARG C   O    doub N N 19  
ARG C   OXT  sing N N 20  
ARG CB  CG   sing N N 21  
ARG CB  HB2  sing N N 22  
ARG CB  HB3  sing N N 23  
ARG CG  CD   sing N N 24  
ARG CG  HG2  sing N N 25  
ARG CG  HG3  sing N N 26  
ARG CD  NE   sing N N 27  
ARG CD  HD2  sing N N 28  
ARG CD  HD3  sing N N 29  
ARG NE  CZ   sing N N 30  
ARG NE  HE   sing N N 31  
ARG CZ  NH1  sing N N 32  
ARG CZ  NH2  doub N N 33  
ARG NH1 HH11 sing N N 34  
ARG NH1 HH12 sing N N 35  
ARG NH2 HH21 sing N N 36  
ARG NH2 HH22 sing N N 37  
ARG OXT HXT  sing N N 38  
ASN N   CA   sing N N 39  
ASN N   H    sing N N 40  
ASN N   H2   sing N N 41  
ASN CA  C    sing N N 42  
ASN CA  CB   sing N N 43  
ASN CA  HA   sing N N 44  
ASN C   O    doub N N 45  
ASN C   OXT  sing N N 46  
ASN CB  CG   sing N N 47  
ASN CB  HB2  sing N N 48  
ASN CB  HB3  sing N N 49  
ASN CG  OD1  doub N N 50  
ASN CG  ND2  sing N N 51  
ASN ND2 HD21 sing N N 52  
ASN ND2 HD22 sing N N 53  
ASN OXT HXT  sing N N 54  
ASP N   CA   sing N N 55  
ASP N   H    sing N N 56  
ASP N   H2   sing N N 57  
ASP CA  C    sing N N 58  
ASP CA  CB   sing N N 59  
ASP CA  HA   sing N N 60  
ASP C   O    doub N N 61  
ASP C   OXT  sing N N 62  
ASP CB  CG   sing N N 63  
ASP CB  HB2  sing N N 64  
ASP CB  HB3  sing N N 65  
ASP CG  OD1  doub N N 66  
ASP CG  OD2  sing N N 67  
ASP OD2 HD2  sing N N 68  
ASP OXT HXT  sing N N 69  
BLA CHA C1A  sing N N 70  
BLA CHA C4D  doub N Z 71  
BLA CHA HHA  sing N N 72  
BLA NA  C1A  sing Y N 73  
BLA NA  C4A  sing Y N 74  
BLA NA  HA   sing N N 75  
BLA C1A C2A  doub Y N 76  
BLA C2A C3A  sing Y N 77  
BLA C2A CAA  sing N N 78  
BLA C3A C4A  doub Y N 79  
BLA C3A CMA  sing N N 80  
BLA C4A CHB  sing N N 81  
BLA CMA HMA1 sing N N 82  
BLA CMA HMA2 sing N N 83  
BLA CMA HMA3 sing N N 84  
BLA CAA CBA  sing N N 85  
BLA CAA HAA1 sing N N 86  
BLA CAA HAA2 sing N N 87  
BLA CBA CGA  sing N N 88  
BLA CBA HBA1 sing N N 89  
BLA CBA HBA2 sing N N 90  
BLA CGA O1A  doub N N 91  
BLA CGA O2A  sing N N 92  
BLA O2A H2A  sing N N 93  
BLA CHB C1B  doub N Z 94  
BLA CHB HHB  sing N N 95  
BLA NB  C1B  sing N N 96  
BLA NB  C4B  sing N N 97  
BLA NB  HB   sing N N 98  
BLA C1B C2B  sing N N 99  
BLA C2B C3B  doub N N 100 
BLA C2B CMB  sing N N 101 
BLA C3B C4B  sing N N 102 
BLA C3B CAB  sing N N 103 
BLA C4B OB   doub N N 104 
BLA CMB HMB1 sing N N 105 
BLA CMB HMB2 sing N N 106 
BLA CMB HMB3 sing N N 107 
BLA CAB CBB  doub N N 108 
BLA CAB HAB  sing N N 109 
BLA CBB HBB1 sing N N 110 
BLA CBB HBB2 sing N N 111 
BLA NC  C1C  sing N N 112 
BLA NC  C4C  sing N N 113 
BLA NC  HC   sing N N 114 
BLA C1C C2C  sing N N 115 
BLA C1C OC   doub N N 116 
BLA C2C C3C  doub N N 117 
BLA C2C CMC  sing N N 118 
BLA C3C C4C  sing N N 119 
BLA C3C CAC  sing N N 120 
BLA C4C CHD  doub N Z 121 
BLA CMC HMC1 sing N N 122 
BLA CMC HMC2 sing N N 123 
BLA CMC HMC3 sing N N 124 
BLA CAC CBC  doub N N 125 
BLA CAC HAC  sing N N 126 
BLA CBC HBC1 sing N N 127 
BLA CBC HBC2 sing N N 128 
BLA CHD C1D  sing N N 129 
BLA CHD HHD  sing N N 130 
BLA ND  C1D  doub N N 131 
BLA ND  C4D  sing N N 132 
BLA C1D C2D  sing N N 133 
BLA C2D C3D  doub N N 134 
BLA C2D CMD  sing N N 135 
BLA C3D C4D  sing N N 136 
BLA C3D CAD  sing N N 137 
BLA CMD HMD1 sing N N 138 
BLA CMD HMD2 sing N N 139 
BLA CMD HMD3 sing N N 140 
BLA CAD CBD  sing N N 141 
BLA CAD HAD1 sing N N 142 
BLA CAD HAD2 sing N N 143 
BLA CBD CGD  sing N N 144 
BLA CBD HBD1 sing N N 145 
BLA CBD HBD2 sing N N 146 
BLA CGD O1D  doub N N 147 
BLA CGD O2D  sing N N 148 
BLA O2D H2D  sing N N 149 
CYS N   CA   sing N N 150 
CYS N   H    sing N N 151 
CYS N   H2   sing N N 152 
CYS CA  C    sing N N 153 
CYS CA  CB   sing N N 154 
CYS CA  HA   sing N N 155 
CYS C   O    doub N N 156 
CYS C   OXT  sing N N 157 
CYS CB  SG   sing N N 158 
CYS CB  HB2  sing N N 159 
CYS CB  HB3  sing N N 160 
CYS SG  HG   sing N N 161 
CYS OXT HXT  sing N N 162 
GLN N   CA   sing N N 163 
GLN N   H    sing N N 164 
GLN N   H2   sing N N 165 
GLN CA  C    sing N N 166 
GLN CA  CB   sing N N 167 
GLN CA  HA   sing N N 168 
GLN C   O    doub N N 169 
GLN C   OXT  sing N N 170 
GLN CB  CG   sing N N 171 
GLN CB  HB2  sing N N 172 
GLN CB  HB3  sing N N 173 
GLN CG  CD   sing N N 174 
GLN CG  HG2  sing N N 175 
GLN CG  HG3  sing N N 176 
GLN CD  OE1  doub N N 177 
GLN CD  NE2  sing N N 178 
GLN NE2 HE21 sing N N 179 
GLN NE2 HE22 sing N N 180 
GLN OXT HXT  sing N N 181 
GLU N   CA   sing N N 182 
GLU N   H    sing N N 183 
GLU N   H2   sing N N 184 
GLU CA  C    sing N N 185 
GLU CA  CB   sing N N 186 
GLU CA  HA   sing N N 187 
GLU C   O    doub N N 188 
GLU C   OXT  sing N N 189 
GLU CB  CG   sing N N 190 
GLU CB  HB2  sing N N 191 
GLU CB  HB3  sing N N 192 
GLU CG  CD   sing N N 193 
GLU CG  HG2  sing N N 194 
GLU CG  HG3  sing N N 195 
GLU CD  OE1  doub N N 196 
GLU CD  OE2  sing N N 197 
GLU OE2 HE2  sing N N 198 
GLU OXT HXT  sing N N 199 
GLY N   CA   sing N N 200 
GLY N   H    sing N N 201 
GLY N   H2   sing N N 202 
GLY CA  C    sing N N 203 
GLY CA  HA2  sing N N 204 
GLY CA  HA3  sing N N 205 
GLY C   O    doub N N 206 
GLY C   OXT  sing N N 207 
GLY OXT HXT  sing N N 208 
GOL C1  O1   sing N N 209 
GOL C1  C2   sing N N 210 
GOL C1  H11  sing N N 211 
GOL C1  H12  sing N N 212 
GOL O1  HO1  sing N N 213 
GOL C2  O2   sing N N 214 
GOL C2  C3   sing N N 215 
GOL C2  H2   sing N N 216 
GOL O2  HO2  sing N N 217 
GOL C3  O3   sing N N 218 
GOL C3  H31  sing N N 219 
GOL C3  H32  sing N N 220 
GOL O3  HO3  sing N N 221 
HIS N   CA   sing N N 222 
HIS N   H    sing N N 223 
HIS N   H2   sing N N 224 
HIS CA  C    sing N N 225 
HIS CA  CB   sing N N 226 
HIS CA  HA   sing N N 227 
HIS C   O    doub N N 228 
HIS C   OXT  sing N N 229 
HIS CB  CG   sing N N 230 
HIS CB  HB2  sing N N 231 
HIS CB  HB3  sing N N 232 
HIS CG  ND1  sing Y N 233 
HIS CG  CD2  doub Y N 234 
HIS ND1 CE1  doub Y N 235 
HIS ND1 HD1  sing N N 236 
HIS CD2 NE2  sing Y N 237 
HIS CD2 HD2  sing N N 238 
HIS CE1 NE2  sing Y N 239 
HIS CE1 HE1  sing N N 240 
HIS NE2 HE2  sing N N 241 
HIS OXT HXT  sing N N 242 
HOH O   H1   sing N N 243 
HOH O   H2   sing N N 244 
ILE N   CA   sing N N 245 
ILE N   H    sing N N 246 
ILE N   H2   sing N N 247 
ILE CA  C    sing N N 248 
ILE CA  CB   sing N N 249 
ILE CA  HA   sing N N 250 
ILE C   O    doub N N 251 
ILE C   OXT  sing N N 252 
ILE CB  CG1  sing N N 253 
ILE CB  CG2  sing N N 254 
ILE CB  HB   sing N N 255 
ILE CG1 CD1  sing N N 256 
ILE CG1 HG12 sing N N 257 
ILE CG1 HG13 sing N N 258 
ILE CG2 HG21 sing N N 259 
ILE CG2 HG22 sing N N 260 
ILE CG2 HG23 sing N N 261 
ILE CD1 HD11 sing N N 262 
ILE CD1 HD12 sing N N 263 
ILE CD1 HD13 sing N N 264 
ILE OXT HXT  sing N N 265 
LEU N   CA   sing N N 266 
LEU N   H    sing N N 267 
LEU N   H2   sing N N 268 
LEU CA  C    sing N N 269 
LEU CA  CB   sing N N 270 
LEU CA  HA   sing N N 271 
LEU C   O    doub N N 272 
LEU C   OXT  sing N N 273 
LEU CB  CG   sing N N 274 
LEU CB  HB2  sing N N 275 
LEU CB  HB3  sing N N 276 
LEU CG  CD1  sing N N 277 
LEU CG  CD2  sing N N 278 
LEU CG  HG   sing N N 279 
LEU CD1 HD11 sing N N 280 
LEU CD1 HD12 sing N N 281 
LEU CD1 HD13 sing N N 282 
LEU CD2 HD21 sing N N 283 
LEU CD2 HD22 sing N N 284 
LEU CD2 HD23 sing N N 285 
LEU OXT HXT  sing N N 286 
LYS N   CA   sing N N 287 
LYS N   H    sing N N 288 
LYS N   H2   sing N N 289 
LYS CA  C    sing N N 290 
LYS CA  CB   sing N N 291 
LYS CA  HA   sing N N 292 
LYS C   O    doub N N 293 
LYS C   OXT  sing N N 294 
LYS CB  CG   sing N N 295 
LYS CB  HB2  sing N N 296 
LYS CB  HB3  sing N N 297 
LYS CG  CD   sing N N 298 
LYS CG  HG2  sing N N 299 
LYS CG  HG3  sing N N 300 
LYS CD  CE   sing N N 301 
LYS CD  HD2  sing N N 302 
LYS CD  HD3  sing N N 303 
LYS CE  NZ   sing N N 304 
LYS CE  HE2  sing N N 305 
LYS CE  HE3  sing N N 306 
LYS NZ  HZ1  sing N N 307 
LYS NZ  HZ2  sing N N 308 
LYS NZ  HZ3  sing N N 309 
LYS OXT HXT  sing N N 310 
MET N   CA   sing N N 311 
MET N   H    sing N N 312 
MET N   H2   sing N N 313 
MET CA  C    sing N N 314 
MET CA  CB   sing N N 315 
MET CA  HA   sing N N 316 
MET C   O    doub N N 317 
MET C   OXT  sing N N 318 
MET CB  CG   sing N N 319 
MET CB  HB2  sing N N 320 
MET CB  HB3  sing N N 321 
MET CG  SD   sing N N 322 
MET CG  HG2  sing N N 323 
MET CG  HG3  sing N N 324 
MET SD  CE   sing N N 325 
MET CE  HE1  sing N N 326 
MET CE  HE2  sing N N 327 
MET CE  HE3  sing N N 328 
MET OXT HXT  sing N N 329 
PHE N   CA   sing N N 330 
PHE N   H    sing N N 331 
PHE N   H2   sing N N 332 
PHE CA  C    sing N N 333 
PHE CA  CB   sing N N 334 
PHE CA  HA   sing N N 335 
PHE C   O    doub N N 336 
PHE C   OXT  sing N N 337 
PHE CB  CG   sing N N 338 
PHE CB  HB2  sing N N 339 
PHE CB  HB3  sing N N 340 
PHE CG  CD1  doub Y N 341 
PHE CG  CD2  sing Y N 342 
PHE CD1 CE1  sing Y N 343 
PHE CD1 HD1  sing N N 344 
PHE CD2 CE2  doub Y N 345 
PHE CD2 HD2  sing N N 346 
PHE CE1 CZ   doub Y N 347 
PHE CE1 HE1  sing N N 348 
PHE CE2 CZ   sing Y N 349 
PHE CE2 HE2  sing N N 350 
PHE CZ  HZ   sing N N 351 
PHE OXT HXT  sing N N 352 
PRO N   CA   sing N N 353 
PRO N   CD   sing N N 354 
PRO N   H    sing N N 355 
PRO CA  C    sing N N 356 
PRO CA  CB   sing N N 357 
PRO CA  HA   sing N N 358 
PRO C   O    doub N N 359 
PRO C   OXT  sing N N 360 
PRO CB  CG   sing N N 361 
PRO CB  HB2  sing N N 362 
PRO CB  HB3  sing N N 363 
PRO CG  CD   sing N N 364 
PRO CG  HG2  sing N N 365 
PRO CG  HG3  sing N N 366 
PRO CD  HD2  sing N N 367 
PRO CD  HD3  sing N N 368 
PRO OXT HXT  sing N N 369 
SER N   CA   sing N N 370 
SER N   H    sing N N 371 
SER N   H2   sing N N 372 
SER CA  C    sing N N 373 
SER CA  CB   sing N N 374 
SER CA  HA   sing N N 375 
SER C   O    doub N N 376 
SER C   OXT  sing N N 377 
SER CB  OG   sing N N 378 
SER CB  HB2  sing N N 379 
SER CB  HB3  sing N N 380 
SER OG  HG   sing N N 381 
SER OXT HXT  sing N N 382 
THR N   CA   sing N N 383 
THR N   H    sing N N 384 
THR N   H2   sing N N 385 
THR CA  C    sing N N 386 
THR CA  CB   sing N N 387 
THR CA  HA   sing N N 388 
THR C   O    doub N N 389 
THR C   OXT  sing N N 390 
THR CB  OG1  sing N N 391 
THR CB  CG2  sing N N 392 
THR CB  HB   sing N N 393 
THR OG1 HG1  sing N N 394 
THR CG2 HG21 sing N N 395 
THR CG2 HG22 sing N N 396 
THR CG2 HG23 sing N N 397 
THR OXT HXT  sing N N 398 
TRP N   CA   sing N N 399 
TRP N   H    sing N N 400 
TRP N   H2   sing N N 401 
TRP CA  C    sing N N 402 
TRP CA  CB   sing N N 403 
TRP CA  HA   sing N N 404 
TRP C   O    doub N N 405 
TRP C   OXT  sing N N 406 
TRP CB  CG   sing N N 407 
TRP CB  HB2  sing N N 408 
TRP CB  HB3  sing N N 409 
TRP CG  CD1  doub Y N 410 
TRP CG  CD2  sing Y N 411 
TRP CD1 NE1  sing Y N 412 
TRP CD1 HD1  sing N N 413 
TRP CD2 CE2  doub Y N 414 
TRP CD2 CE3  sing Y N 415 
TRP NE1 CE2  sing Y N 416 
TRP NE1 HE1  sing N N 417 
TRP CE2 CZ2  sing Y N 418 
TRP CE3 CZ3  doub Y N 419 
TRP CE3 HE3  sing N N 420 
TRP CZ2 CH2  doub Y N 421 
TRP CZ2 HZ2  sing N N 422 
TRP CZ3 CH2  sing Y N 423 
TRP CZ3 HZ3  sing N N 424 
TRP CH2 HH2  sing N N 425 
TRP OXT HXT  sing N N 426 
TYR N   CA   sing N N 427 
TYR N   H    sing N N 428 
TYR N   H2   sing N N 429 
TYR CA  C    sing N N 430 
TYR CA  CB   sing N N 431 
TYR CA  HA   sing N N 432 
TYR C   O    doub N N 433 
TYR C   OXT  sing N N 434 
TYR CB  CG   sing N N 435 
TYR CB  HB2  sing N N 436 
TYR CB  HB3  sing N N 437 
TYR CG  CD1  doub Y N 438 
TYR CG  CD2  sing Y N 439 
TYR CD1 CE1  sing Y N 440 
TYR CD1 HD1  sing N N 441 
TYR CD2 CE2  doub Y N 442 
TYR CD2 HD2  sing N N 443 
TYR CE1 CZ   doub Y N 444 
TYR CE1 HE1  sing N N 445 
TYR CE2 CZ   sing Y N 446 
TYR CE2 HE2  sing N N 447 
TYR CZ  OH   sing N N 448 
TYR OH  HH   sing N N 449 
TYR OXT HXT  sing N N 450 
VAL N   CA   sing N N 451 
VAL N   H    sing N N 452 
VAL N   H2   sing N N 453 
VAL CA  C    sing N N 454 
VAL CA  CB   sing N N 455 
VAL CA  HA   sing N N 456 
VAL C   O    doub N N 457 
VAL C   OXT  sing N N 458 
VAL CB  CG1  sing N N 459 
VAL CB  CG2  sing N N 460 
VAL CB  HB   sing N N 461 
VAL CG1 HG11 sing N N 462 
VAL CG1 HG12 sing N N 463 
VAL CG1 HG13 sing N N 464 
VAL CG2 HG21 sing N N 465 
VAL CG2 HG22 sing N N 466 
VAL CG2 HG23 sing N N 467 
VAL OXT HXT  sing N N 468 
# 
_pdbx_audit_support.funding_organization   'Japan Science and Technology' 
_pdbx_audit_support.country                Japan 
_pdbx_audit_support.grant_number           ? 
_pdbx_audit_support.ordinal                1 
# 
_pdbx_initial_refinement_model.id               1 
_pdbx_initial_refinement_model.entity_id_list   ? 
_pdbx_initial_refinement_model.type             'experimental model' 
_pdbx_initial_refinement_model.source_name      PDB 
_pdbx_initial_refinement_model.accession_code   3W2Z 
_pdbx_initial_refinement_model.details          ? 
# 
_atom_sites.entry_id                    5ZOH 
_atom_sites.fract_transf_matrix[1][1]   -0.00233032 
_atom_sites.fract_transf_matrix[1][2]   -0.01439651 
_atom_sites.fract_transf_matrix[1][3]   0.00657007 
_atom_sites.fract_transf_matrix[2][1]   -0.01532905 
_atom_sites.fract_transf_matrix[2][2]   -0.00028688 
_atom_sites.fract_transf_matrix[2][3]   -0.00606564 
_atom_sites.fract_transf_matrix[3][1]   0.00521408 
_atom_sites.fract_transf_matrix[3][2]   -0.01330616 
_atom_sites.fract_transf_matrix[3][3]   -0.01254766 
_atom_sites.fract_transf_vector[1]      -0.192737 
_atom_sites.fract_transf_vector[2]      0.014755 
_atom_sites.fract_transf_vector[3]      -0.236690 
# 
loop_
_atom_type.symbol 
C 
N 
O 
S 
# 
loop_
_atom_site.group_PDB 
_atom_site.id 
_atom_site.type_symbol 
_atom_site.label_atom_id 
_atom_site.label_alt_id 
_atom_site.label_comp_id 
_atom_site.label_asym_id 
_atom_site.label_entity_id 
_atom_site.label_seq_id 
_atom_site.pdbx_PDB_ins_code 
_atom_site.Cartn_x 
_atom_site.Cartn_y 
_atom_site.Cartn_z 
_atom_site.occupancy 
_atom_site.B_iso_or_equiv 
_atom_site.pdbx_formal_charge 
_atom_site.auth_seq_id 
_atom_site.auth_comp_id 
_atom_site.auth_asym_id 
_atom_site.auth_atom_id 
_atom_site.pdbx_PDB_model_num 
ATOM   1    N N   . MET A 1 20  ? -7.266  -20.966 -26.483 1.00 44.20 ? 220 MET A N   1 
ATOM   2    C CA  . MET A 1 20  ? -6.829  -19.751 -25.705 1.00 43.25 ? 220 MET A CA  1 
ATOM   3    C C   . MET A 1 20  ? -5.305  -19.532 -25.777 1.00 41.43 ? 220 MET A C   1 
ATOM   4    O O   . MET A 1 20  ? -4.517  -20.480 -25.871 1.00 39.51 ? 220 MET A O   1 
ATOM   5    C CB  . MET A 1 20  ? -7.322  -19.833 -24.259 1.00 45.00 ? 220 MET A CB  1 
ATOM   6    C CG  . MET A 1 20  ? -7.304  -18.502 -23.528 1.00 46.95 ? 220 MET A CG  1 
ATOM   7    S SD  . MET A 1 20  ? -8.191  -18.542 -21.959 1.00 48.41 ? 220 MET A SD  1 
ATOM   8    C CE  . MET A 1 20  ? -9.878  -18.181 -22.461 1.00 48.77 ? 220 MET A CE  1 
ATOM   9    N N   . ALA A 1 21  ? -4.906  -18.262 -25.790 1.00 37.39 ? 221 ALA A N   1 
ATOM   10   C CA  . ALA A 1 21  ? -3.498  -17.895 -25.924 1.00 34.40 ? 221 ALA A CA  1 
ATOM   11   C C   . ALA A 1 21  ? -2.774  -18.291 -24.650 1.00 28.21 ? 221 ALA A C   1 
ATOM   12   O O   . ALA A 1 21  ? -3.375  -18.232 -23.614 1.00 29.12 ? 221 ALA A O   1 
ATOM   13   C CB  . ALA A 1 21  ? -3.382  -16.398 -26.118 1.00 36.35 ? 221 ALA A CB  1 
ATOM   14   N N   . VAL A 1 22  ? -1.507  -18.699 -24.736 1.00 27.97 ? 222 VAL A N   1 
ATOM   15   C CA  . VAL A 1 22  ? -0.749  -19.110 -23.520 1.00 26.90 ? 222 VAL A CA  1 
ATOM   16   C C   . VAL A 1 22  ? -0.798  -18.016 -22.436 1.00 29.46 ? 222 VAL A C   1 
ATOM   17   O O   . VAL A 1 22  ? -1.284  -18.268 -21.306 1.00 28.76 ? 222 VAL A O   1 
ATOM   18   C CB  . VAL A 1 22  ? 0.716   -19.506 -23.844 1.00 27.98 ? 222 VAL A CB  1 
ATOM   19   C CG1 . VAL A 1 22  ? 1.545   -19.695 -22.565 1.00 27.24 ? 222 VAL A CG1 1 
ATOM   20   C CG2 . VAL A 1 22  ? 0.757   -20.786 -24.688 1.00 28.30 ? 222 VAL A CG2 1 
ATOM   21   N N   . SER A 1 23  ? -0.344  -16.797 -22.780 1.00 30.23 ? 223 SER A N   1 
ATOM   22   C CA  . SER A 1 23  ? -0.292  -15.692 -21.800 1.00 29.21 ? 223 SER A CA  1 
ATOM   23   C C   . SER A 1 23  ? -1.663  -15.412 -21.194 1.00 28.67 ? 223 SER A C   1 
ATOM   24   O O   . SER A 1 23  ? -1.763  -14.986 -20.029 1.00 30.43 ? 223 SER A O   1 
ATOM   25   C CB  . SER A 1 23  ? 0.280   -14.398 -22.430 1.00 31.17 ? 223 SER A CB  1 
ATOM   26   O OG  . SER A 1 23  ? -0.596  -13.896 -23.415 1.00 36.17 ? 223 SER A OG  1 
ATOM   27   N N   . LYS A 1 24  ? -2.728  -15.671 -21.947 1.00 29.39 ? 224 LYS A N   1 
ATOM   28   C CA  . LYS A 1 24  ? -4.097  -15.466 -21.403 1.00 31.01 ? 224 LYS A CA  1 
ATOM   29   C C   . LYS A 1 24  ? -4.627  -16.587 -20.523 1.00 31.93 ? 224 LYS A C   1 
ATOM   30   O O   . LYS A 1 24  ? -5.448  -16.346 -19.635 1.00 36.10 ? 224 LYS A O   1 
ATOM   31   C CB  . LYS A 1 24  ? -5.100  -15.160 -22.519 1.00 35.27 ? 224 LYS A CB  1 
ATOM   32   C CG  . LYS A 1 24  ? -5.147  -13.681 -22.882 1.00 40.74 ? 224 LYS A CG  1 
ATOM   33   C CD  . LYS A 1 24  ? -6.054  -12.886 -21.945 1.00 41.64 ? 224 LYS A CD  1 
ATOM   34   C CE  . LYS A 1 24  ? -5.961  -11.390 -22.224 1.00 44.39 ? 224 LYS A CE  1 
ATOM   35   N NZ  . LYS A 1 24  ? -6.917  -10.629 -21.385 1.00 45.02 ? 224 LYS A NZ  1 
ATOM   36   N N   . VAL A 1 25  ? -4.183  -17.821 -20.752 1.00 30.35 ? 225 VAL A N   1 
ATOM   37   C CA  . VAL A 1 25  ? -4.514  -18.928 -19.849 1.00 26.56 ? 225 VAL A CA  1 
ATOM   38   C C   . VAL A 1 25  ? -3.791  -18.704 -18.500 1.00 22.52 ? 225 VAL A C   1 
ATOM   39   O O   . VAL A 1 25  ? -4.339  -18.945 -17.421 1.00 23.12 ? 225 VAL A O   1 
ATOM   40   C CB  . VAL A 1 25  ? -4.083  -20.282 -20.464 1.00 27.33 ? 225 VAL A CB  1 
ATOM   41   C CG1 . VAL A 1 25  ? -4.364  -21.429 -19.508 1.00 26.51 ? 225 VAL A CG1 1 
ATOM   42   C CG2 . VAL A 1 25  ? -4.814  -20.536 -21.792 1.00 28.11 ? 225 VAL A CG2 1 
ATOM   43   N N   . MET A 1 26  ? -2.556  -18.256 -18.593 1.00 23.44 ? 226 MET A N   1 
ATOM   44   C CA  . MET A 1 26  ? -1.754  -17.986 -17.390 1.00 23.99 ? 226 MET A CA  1 
ATOM   45   C C   . MET A 1 26  ? -2.414  -16.960 -16.498 1.00 25.55 ? 226 MET A C   1 
ATOM   46   O O   . MET A 1 26  ? -2.528  -17.087 -15.250 1.00 23.81 ? 226 MET A O   1 
ATOM   47   C CB  . MET A 1 26  ? -0.426  -17.420 -17.808 1.00 23.16 ? 226 MET A CB  1 
ATOM   48   C CG  . MET A 1 26  ? 0.519   -18.389 -18.496 1.00 22.85 ? 226 MET A CG  1 
ATOM   49   S SD  . MET A 1 26  ? 2.078   -17.644 -18.887 1.00 25.27 ? 226 MET A SD  1 
ATOM   50   C CE  . MET A 1 26  ? 3.050   -19.126 -19.227 1.00 26.93 ? 226 MET A CE  1 
ATOM   51   N N   . GLU A 1 27  ? -2.825  -15.904 -17.181 1.00 29.77 ? 227 GLU A N   1 
ATOM   52   C CA  . GLU A 1 27  ? -3.450  -14.780 -16.537 1.00 32.80 ? 227 GLU A CA  1 
ATOM   53   C C   . GLU A 1 27  ? -4.649  -15.252 -15.749 1.00 33.83 ? 227 GLU A C   1 
ATOM   54   O O   . GLU A 1 27  ? -4.828  -14.867 -14.583 1.00 36.32 ? 227 GLU A O   1 
ATOM   55   C CB  . GLU A 1 27  ? -3.851  -13.787 -17.619 1.00 35.18 ? 227 GLU A CB  1 
ATOM   56   C CG  . GLU A 1 27  ? -4.517  -12.539 -17.116 1.00 35.20 ? 227 GLU A CG  1 
ATOM   57   C CD  . GLU A 1 27  ? -4.970  -11.683 -18.276 1.00 35.48 ? 227 GLU A CD  1 
ATOM   58   O OE1 . GLU A 1 27  ? -6.181  -11.620 -18.514 1.00 36.55 ? 227 GLU A OE1 1 
ATOM   59   O OE2 . GLU A 1 27  ? -4.100  -11.118 -18.957 1.00 35.85 ? 227 GLU A OE2 1 
ATOM   60   N N   . LYS A 1 28  ? -5.424  -16.142 -16.361 1.00 35.47 ? 228 LYS A N   1 
ATOM   61   C CA  . LYS A 1 28  ? -6.582  -16.756 -15.721 1.00 37.35 ? 228 LYS A CA  1 
ATOM   62   C C   . LYS A 1 28  ? -6.238  -17.669 -14.542 1.00 35.91 ? 228 LYS A C   1 
ATOM   63   O O   . LYS A 1 28  ? -6.900  -17.616 -13.515 1.00 34.50 ? 228 LYS A O   1 
ATOM   64   C CB  . LYS A 1 28  ? -7.394  -17.564 -16.742 1.00 43.79 ? 228 LYS A CB  1 
ATOM   65   C CG  . LYS A 1 28  ? -7.893  -16.760 -17.932 1.00 50.12 ? 228 LYS A CG  1 
ATOM   66   C CD  . LYS A 1 28  ? -9.200  -16.042 -17.659 1.00 53.22 ? 228 LYS A CD  1 
ATOM   67   C CE  . LYS A 1 28  ? -9.680  -15.333 -18.919 1.00 57.27 ? 228 LYS A CE  1 
ATOM   68   N NZ  . LYS A 1 28  ? -10.962 -14.612 -18.695 1.00 58.69 ? 228 LYS A NZ  1 
ATOM   69   N N   . ILE A 1 29  ? -5.197  -18.504 -14.683 1.00 28.30 ? 229 ILE A N   1 
ATOM   70   C CA  . ILE A 1 29  ? -4.741  -19.378 -13.607 1.00 24.32 ? 229 ILE A CA  1 
ATOM   71   C C   . ILE A 1 29  ? -4.188  -18.627 -12.389 1.00 25.37 ? 229 ILE A C   1 
ATOM   72   O O   . ILE A 1 29  ? -4.399  -19.057 -11.265 1.00 27.72 ? 229 ILE A O   1 
ATOM   73   C CB  . ILE A 1 29  ? -3.631  -20.363 -14.117 1.00 22.24 ? 229 ILE A CB  1 
ATOM   74   C CG1 . ILE A 1 29  ? -4.245  -21.370 -15.087 1.00 23.03 ? 229 ILE A CG1 1 
ATOM   75   C CG2 . ILE A 1 29  ? -2.885  -21.063 -12.966 1.00 22.72 ? 229 ILE A CG2 1 
ATOM   76   C CD1 . ILE A 1 29  ? -3.238  -22.206 -15.857 1.00 22.03 ? 229 ILE A CD1 1 
ATOM   77   N N   . LEU A 1 30  ? -3.424  -17.555 -12.624 1.00 23.63 ? 230 LEU A N   1 
ATOM   78   C CA  . LEU A 1 30  ? -2.803  -16.795 -11.556 1.00 23.31 ? 230 LEU A CA  1 
ATOM   79   C C   . LEU A 1 30  ? -3.786  -15.829 -10.883 1.00 26.31 ? 230 LEU A C   1 
ATOM   80   O O   . LEU A 1 30  ? -3.429  -15.186 -9.897  1.00 27.18 ? 230 LEU A O   1 
ATOM   81   C CB  . LEU A 1 30  ? -1.599  -16.023 -12.071 1.00 21.96 ? 230 LEU A CB  1 
ATOM   82   C CG  . LEU A 1 30  ? -0.488  -16.945 -12.612 1.00 18.64 ? 230 LEU A CG  1 
ATOM   83   C CD1 . LEU A 1 30  ? 0.647   -16.138 -13.228 1.00 17.43 ? 230 LEU A CD1 1 
ATOM   84   C CD2 . LEU A 1 30  ? 0.042   -17.891 -11.548 1.00 20.14 ? 230 LEU A CD2 1 
ATOM   85   N N   . ARG A 1 31  ? -4.978  -15.732 -11.451 1.00 29.69 ? 231 ARG A N   1 
ATOM   86   C CA  . ARG A 1 31  ? -6.069  -14.909 -10.898 1.00 33.06 ? 231 ARG A CA  1 
ATOM   87   C C   . ARG A 1 31  ? -5.711  -13.426 -10.879 1.00 33.69 ? 231 ARG A C   1 
ATOM   88   O O   . ARG A 1 31  ? -5.917  -12.738 -9.863  1.00 36.86 ? 231 ARG A O   1 
ATOM   89   C CB  . ARG A 1 31  ? -6.452  -15.407 -9.508  1.00 35.51 ? 231 ARG A CB  1 
ATOM   90   C CG  . ARG A 1 31  ? -6.990  -16.835 -9.502  1.00 38.66 ? 231 ARG A CG  1 
ATOM   91   C CD  . ARG A 1 31  ? -8.310  -16.925 -8.750  1.00 45.46 ? 231 ARG A CD  1 
ATOM   92   N NE  . ARG A 1 31  ? -8.149  -17.144 -7.313  1.00 47.46 ? 231 ARG A NE  1 
ATOM   93   C CZ  . ARG A 1 31  ? -9.128  -17.030 -6.416  1.00 48.49 ? 231 ARG A CZ  1 
ATOM   94   N NH1 . ARG A 1 31  ? -10.357 -16.662 -6.783  1.00 48.41 ? 231 ARG A NH1 1 
ATOM   95   N NH2 . ARG A 1 31  ? -8.868  -17.271 -5.134  1.00 47.74 ? 231 ARG A NH2 1 
ATOM   96   N N   . VAL A 1 32  ? -5.171  -12.926 -11.988 1.00 29.58 ? 232 VAL A N   1 
ATOM   97   C CA  . VAL A 1 32  ? -4.773  -11.517 -12.076 1.00 32.04 ? 232 VAL A CA  1 
ATOM   98   C C   . VAL A 1 32  ? -5.182  -10.871 -13.386 1.00 35.05 ? 232 VAL A C   1 
ATOM   99   O O   . VAL A 1 32  ? -4.415  -10.143 -14.005 1.00 36.21 ? 232 VAL A O   1 
ATOM   100  C CB  . VAL A 1 32  ? -3.258  -11.275 -11.846 1.00 31.73 ? 232 VAL A CB  1 
ATOM   101  C CG1 . VAL A 1 32  ? -2.903  -11.567 -10.399 1.00 31.36 ? 232 VAL A CG1 1 
ATOM   102  C CG2 . VAL A 1 32  ? -2.407  -12.091 -12.830 1.00 29.10 ? 232 VAL A CG2 1 
ATOM   103  N N   . SER A 1 33  ? -6.406  -11.134 -13.801 1.00 40.30 ? 233 SER A N   1 
ATOM   104  C CA  . SER A 1 33  ? -7.047  -10.263 -14.760 1.00 46.15 ? 233 SER A CA  1 
ATOM   105  C C   . SER A 1 33  ? -7.391  -8.992  -13.980 1.00 46.39 ? 233 SER A C   1 
ATOM   106  O O   . SER A 1 33  ? -8.165  -9.039  -13.015 1.00 49.50 ? 233 SER A O   1 
ATOM   107  C CB  . SER A 1 33  ? -8.307  -10.919 -15.339 1.00 47.81 ? 233 SER A CB  1 
ATOM   108  O OG  . SER A 1 33  ? -7.974  -12.081 -16.083 1.00 50.91 ? 233 SER A OG  1 
ATOM   109  N N   . ASN A 1 34  ? -6.754  -7.885  -14.362 1.00 48.39 ? 234 ASN A N   1 
ATOM   110  C CA  . ASN A 1 34  ? -7.092  -6.558  -13.860 1.00 46.49 ? 234 ASN A CA  1 
ATOM   111  C C   . ASN A 1 34  ? -6.708  -6.327  -12.399 1.00 48.31 ? 234 ASN A C   1 
ATOM   112  O O   . ASN A 1 34  ? -7.545  -6.459  -11.491 1.00 43.21 ? 234 ASN A O   1 
ATOM   113  C CB  . ASN A 1 34  ? -8.587  -6.311  -14.066 1.00 49.71 ? 234 ASN A CB  1 
ATOM   114  C CG  . ASN A 1 34  ? -8.954  -4.848  -14.016 1.00 49.05 ? 234 ASN A CG  1 
ATOM   115  O OD1 . ASN A 1 34  ? -8.118  -3.977  -13.746 1.00 51.17 ? 234 ASN A OD1 1 
ATOM   116  N ND2 . ASN A 1 34  ? -10.219 -4.569  -14.288 1.00 53.18 ? 234 ASN A ND2 1 
ATOM   117  N N   . ILE A 1 35  ? -5.448  -5.942  -12.208 1.00 47.39 ? 235 ILE A N   1 
ATOM   118  C CA  . ILE A 1 35  ? -4.869  -5.746  -10.886 1.00 50.22 ? 235 ILE A CA  1 
ATOM   119  C C   . ILE A 1 35  ? -5.320  -4.422  -10.272 1.00 47.75 ? 235 ILE A C   1 
ATOM   120  O O   . ILE A 1 35  ? -5.316  -4.262  -9.044  1.00 44.39 ? 235 ILE A O   1 
ATOM   121  C CB  . ILE A 1 35  ? -3.326  -5.796  -10.935 1.00 51.04 ? 235 ILE A CB  1 
ATOM   122  C CG1 . ILE A 1 35  ? -2.759  -6.033  -9.535  1.00 52.91 ? 235 ILE A CG1 1 
ATOM   123  C CG2 . ILE A 1 35  ? -2.756  -4.518  -11.548 1.00 52.79 ? 235 ILE A CG2 1 
ATOM   124  C CD1 . ILE A 1 35  ? -1.301  -6.418  -9.528  1.00 55.20 ? 235 ILE A CD1 1 
ATOM   125  N N   . ASP A 1 36  ? -5.702  -3.469  -11.117 1.00 43.95 ? 236 ASP A N   1 
ATOM   126  C CA  . ASP A 1 36  ? -6.215  -2.215  -10.617 1.00 42.21 ? 236 ASP A CA  1 
ATOM   127  C C   . ASP A 1 36  ? -7.576  -2.420  -9.965  1.00 37.70 ? 236 ASP A C   1 
ATOM   128  O O   . ASP A 1 36  ? -7.870  -1.801  -8.949  1.00 34.18 ? 236 ASP A O   1 
ATOM   129  C CB  . ASP A 1 36  ? -6.303  -1.187  -11.733 1.00 47.93 ? 236 ASP A CB  1 
ATOM   130  C CG  . ASP A 1 36  ? -4.935  -0.814  -12.277 1.00 52.30 ? 236 ASP A CG  1 
ATOM   131  O OD1 . ASP A 1 36  ? -4.314  -1.671  -12.954 1.00 54.28 ? 236 ASP A OD1 1 
ATOM   132  O OD2 . ASP A 1 36  ? -4.488  0.330   -12.014 1.00 56.46 ? 236 ASP A OD2 1 
ATOM   133  N N   . LYS A 1 37  ? -8.400  -3.292  -10.532 1.00 33.02 ? 237 LYS A N   1 
ATOM   134  C CA  . LYS A 1 37  ? -9.719  -3.528  -9.967  1.00 34.45 ? 237 LYS A CA  1 
ATOM   135  C C   . LYS A 1 37  ? -9.573  -4.267  -8.635  1.00 30.74 ? 237 LYS A C   1 
ATOM   136  O O   . LYS A 1 37  ? -10.312 -4.013  -7.672  1.00 29.60 ? 237 LYS A O   1 
ATOM   137  C CB  . LYS A 1 37  ? -10.597 -4.327  -10.931 1.00 37.22 ? 237 LYS A CB  1 
ATOM   138  C CG  . LYS A 1 37  ? -12.000 -4.593  -10.417 1.00 41.41 ? 237 LYS A CG  1 
ATOM   139  C CD  . LYS A 1 37  ? -12.711 -3.306  -10.012 1.00 46.79 ? 237 LYS A CD  1 
ATOM   140  C CE  . LYS A 1 37  ? -14.213 -3.506  -9.851  1.00 50.31 ? 237 LYS A CE  1 
ATOM   141  N NZ  . LYS A 1 37  ? -14.915 -2.200  -9.688  1.00 52.78 ? 237 LYS A NZ  1 
ATOM   142  N N   . ILE A 1 38  ? -8.602  -5.171  -8.606  1.00 30.33 ? 238 ILE A N   1 
ATOM   143  C CA  . ILE A 1 38  ? -8.260  -5.943  -7.414  1.00 29.34 ? 238 ILE A CA  1 
ATOM   144  C C   . ILE A 1 38  ? -7.910  -4.982  -6.294  1.00 27.74 ? 238 ILE A C   1 
ATOM   145  O O   . ILE A 1 38  ? -8.515  -5.066  -5.199  1.00 27.04 ? 238 ILE A O   1 
ATOM   146  C CB  . ILE A 1 38  ? -7.129  -6.958  -7.716  1.00 30.19 ? 238 ILE A CB  1 
ATOM   147  C CG1 . ILE A 1 38  ? -7.702  -8.108  -8.553  1.00 29.22 ? 238 ILE A CG1 1 
ATOM   148  C CG2 . ILE A 1 38  ? -6.510  -7.514  -6.449  1.00 29.77 ? 238 ILE A CG2 1 
ATOM   149  C CD1 . ILE A 1 38  ? -6.650  -9.031  -9.134  1.00 31.33 ? 238 ILE A CD1 1 
ATOM   150  N N   . PHE A 1 39  ? -6.973  -4.067  -6.559  1.00 26.98 ? 239 PHE A N   1 
ATOM   151  C CA  . PHE A 1 39  ? -6.564  -3.083  -5.559  1.00 26.83 ? 239 PHE A CA  1 
ATOM   152  C C   . PHE A 1 39  ? -7.749  -2.252  -5.096  1.00 24.43 ? 239 PHE A C   1 
ATOM   153  O O   . PHE A 1 39  ? -7.953  -2.018  -3.891  1.00 22.61 ? 239 PHE A O   1 
ATOM   154  C CB  . PHE A 1 39  ? -5.507  -2.105  -6.091  1.00 26.92 ? 239 PHE A CB  1 
ATOM   155  C CG  . PHE A 1 39  ? -4.117  -2.654  -6.201  1.00 28.72 ? 239 PHE A CG  1 
ATOM   156  C CD1 . PHE A 1 39  ? -3.742  -3.862  -5.651  1.00 27.99 ? 239 PHE A CD1 1 
ATOM   157  C CD2 . PHE A 1 39  ? -3.150  -1.892  -6.852  1.00 29.69 ? 239 PHE A CD2 1 
ATOM   158  C CE1 . PHE A 1 39  ? -2.430  -4.317  -5.761  1.00 27.51 ? 239 PHE A CE1 1 
ATOM   159  C CE2 . PHE A 1 39  ? -1.852  -2.343  -6.964  1.00 30.18 ? 239 PHE A CE2 1 
ATOM   160  C CZ  . PHE A 1 39  ? -1.495  -3.557  -6.411  1.00 28.26 ? 239 PHE A CZ  1 
ATOM   161  N N   . GLN A 1 40  ? -8.576  -1.815  -6.026  1.00 24.64 ? 240 GLN A N   1 
ATOM   162  C CA  . GLN A 1 40  ? -9.657  -0.926  -5.689  1.00 23.86 ? 240 GLN A CA  1 
ATOM   163  C C   . GLN A 1 40  ? -10.710 -1.621  -4.799  1.00 23.56 ? 240 GLN A C   1 
ATOM   164  O O   . GLN A 1 40  ? -11.098 -1.114  -3.745  1.00 21.15 ? 240 GLN A O   1 
ATOM   165  C CB  . GLN A 1 40  ? -10.272 -0.402  -6.990  1.00 28.31 ? 240 GLN A CB  1 
ATOM   166  C CG  . GLN A 1 40  ? -11.458 0.493   -6.828  1.00 32.74 ? 240 GLN A CG  1 
ATOM   167  C CD  . GLN A 1 40  ? -11.919 1.010   -8.184  1.00 39.57 ? 240 GLN A CD  1 
ATOM   168  O OE1 . GLN A 1 40  ? -11.954 0.255   -9.171  1.00 46.35 ? 240 GLN A OE1 1 
ATOM   169  N NE2 . GLN A 1 40  ? -12.268 2.298   -8.248  1.00 43.92 ? 240 GLN A NE2 1 
ATOM   170  N N   . THR A 1 41  ? -11.178 -2.782  -5.225  1.00 21.73 ? 241 THR A N   1 
ATOM   171  C CA  A THR A 1 41  ? -12.208 -3.464  -4.453  0.50 21.78 ? 241 THR A CA  1 
ATOM   172  C CA  B THR A 1 41  ? -12.170 -3.556  -4.491  0.50 21.47 ? 241 THR A CA  1 
ATOM   173  C C   . THR A 1 41  ? -11.671 -3.920  -3.096  1.00 20.21 ? 241 THR A C   1 
ATOM   174  O O   . THR A 1 41  ? -12.397 -3.829  -2.106  1.00 21.66 ? 241 THR A O   1 
ATOM   175  C CB  A THR A 1 41  ? -12.818 -4.641  -5.224  0.50 22.64 ? 241 THR A CB  1 
ATOM   176  C CB  B THR A 1 41  ? -12.443 -4.870  -5.243  0.50 22.10 ? 241 THR A CB  1 
ATOM   177  O OG1 A THR A 1 41  ? -11.778 -5.535  -5.639  0.50 24.33 ? 241 THR A OG1 1 
ATOM   178  O OG1 B THR A 1 41  ? -12.799 -4.578  -6.602  0.50 23.18 ? 241 THR A OG1 1 
ATOM   179  C CG2 A THR A 1 41  ? -13.558 -4.109  -6.447  0.50 22.94 ? 241 THR A CG2 1 
ATOM   180  C CG2 B THR A 1 41  ? -13.526 -5.662  -4.562  0.50 21.96 ? 241 THR A CG2 1 
ATOM   181  N N   . THR A 1 42  ? -10.436 -4.390  -3.061  1.00 18.68 ? 242 THR A N   1 
ATOM   182  C CA  . THR A 1 42  ? -9.830  -4.935  -1.827  1.00 18.20 ? 242 THR A CA  1 
ATOM   183  C C   . THR A 1 42  ? -9.567  -3.827  -0.820  1.00 17.01 ? 242 THR A C   1 
ATOM   184  O O   . THR A 1 42  ? -9.879  -3.990  0.393   1.00 17.59 ? 242 THR A O   1 
ATOM   185  C CB  . THR A 1 42  ? -8.572  -5.759  -2.130  1.00 19.23 ? 242 THR A CB  1 
ATOM   186  O OG1 . THR A 1 42  ? -8.920  -6.818  -3.065  1.00 21.33 ? 242 THR A OG1 1 
ATOM   187  C CG2 . THR A 1 42  ? -8.007  -6.359  -0.841  1.00 19.77 ? 242 THR A CG2 1 
ATOM   188  N N   . THR A 1 43  ? -9.055  -2.684  -1.288  1.00 15.82 ? 243 THR A N   1 
ATOM   189  C CA  . THR A 1 43  ? -8.876  -1.564  -0.346  1.00 15.81 ? 243 THR A CA  1 
ATOM   190  C C   . THR A 1 43  ? -10.196 -1.135  0.247   1.00 15.24 ? 243 THR A C   1 
ATOM   191  O O   . THR A 1 43  ? -10.271 -0.842  1.417   1.00 14.90 ? 243 THR A O   1 
ATOM   192  C CB  . THR A 1 43  ? -8.130  -0.330  -0.930  1.00 16.08 ? 243 THR A CB  1 
ATOM   193  O OG1 . THR A 1 43  ? -8.833  0.194   -2.075  1.00 18.64 ? 243 THR A OG1 1 
ATOM   194  C CG2 . THR A 1 43  ? -6.692  -0.678  -1.282  1.00 17.20 ? 243 THR A CG2 1 
ATOM   195  N N   . GLN A 1 44  ? -11.289 -1.128  -0.525  1.00 14.94 ? 244 GLN A N   1 
ATOM   196  C CA  . GLN A 1 44  ? -12.607 -0.830  0.044   1.00 16.03 ? 244 GLN A CA  1 
ATOM   197  C C   . GLN A 1 44  ? -13.022 -1.827  1.098   1.00 13.79 ? 244 GLN A C   1 
ATOM   198  O O   . GLN A 1 44  ? -13.517 -1.427  2.173   1.00 13.91 ? 244 GLN A O   1 
ATOM   199  C CB  . GLN A 1 44  ? -13.675 -0.767  -1.062  1.00 19.14 ? 244 GLN A CB  1 
ATOM   200  C CG  . GLN A 1 44  ? -15.030 -0.277  -0.594  1.00 24.31 ? 244 GLN A CG  1 
ATOM   201  C CD  . GLN A 1 44  ? -16.028 -0.211  -1.736  1.00 33.00 ? 244 GLN A CD  1 
ATOM   202  O OE1 . GLN A 1 44  ? -16.275 0.858   -2.308  1.00 40.14 ? 244 GLN A OE1 1 
ATOM   203  N NE2 . GLN A 1 44  ? -16.582 -1.361  -2.098  1.00 36.60 ? 244 GLN A NE2 1 
ATOM   204  N N   . GLU A 1 45  ? -12.852 -3.118  0.805   1.00 14.69 ? 245 GLU A N   1 
ATOM   205  C CA  . GLU A 1 45  ? -13.259 -4.158  1.747   1.00 16.17 ? 245 GLU A CA  1 
ATOM   206  C C   . GLU A 1 45  ? -12.472 -4.032  3.049   1.00 14.19 ? 245 GLU A C   1 
ATOM   207  O O   . GLU A 1 45  ? -13.043 -4.178  4.127   1.00 14.49 ? 245 GLU A O   1 
ATOM   208  C CB  . GLU A 1 45  ? -13.083 -5.537  1.137   1.00 17.58 ? 245 GLU A CB  1 
ATOM   209  C CG  . GLU A 1 45  ? -14.010 -5.780  -0.046  1.00 23.06 ? 245 GLU A CG  1 
ATOM   210  C CD  . GLU A 1 45  ? -13.663 -7.038  -0.860  1.00 28.56 ? 245 GLU A CD  1 
ATOM   211  O OE1 . GLU A 1 45  ? -12.499 -7.523  -0.853  1.00 30.42 ? 245 GLU A OE1 1 
ATOM   212  O OE2 . GLU A 1 45  ? -14.578 -7.540  -1.562  1.00 33.86 ? 245 GLU A OE2 1 
ATOM   213  N N   . ILE A 1 46  ? -11.171 -3.756  2.934   1.00 12.38 ? 246 ILE A N   1 
ATOM   214  C CA  . ILE A 1 46  ? -10.335 -3.601  4.140   1.00 12.17 ? 246 ILE A CA  1 
ATOM   215  C C   . ILE A 1 46  ? -10.780 -2.409  4.941   1.00 12.32 ? 246 ILE A C   1 
ATOM   216  O O   . ILE A 1 46  ? -10.892 -2.451  6.196   1.00 11.40 ? 246 ILE A O   1 
ATOM   217  C CB  . ILE A 1 46  ? -8.854  -3.424  3.773   1.00 11.81 ? 246 ILE A CB  1 
ATOM   218  C CG1 . ILE A 1 46  ? -8.300  -4.654  3.086   1.00 13.47 ? 246 ILE A CG1 1 
ATOM   219  C CG2 . ILE A 1 46  ? -8.016  -3.098  5.009   1.00 12.24 ? 246 ILE A CG2 1 
ATOM   220  C CD1 . ILE A 1 46  ? -7.010  -4.346  2.377   1.00 14.43 ? 246 ILE A CD1 1 
ATOM   221  N N   . ARG A 1 47  ? -11.039 -1.309  4.242   1.00 11.37 ? 247 ARG A N   1 
ATOM   222  C CA  . ARG A 1 47  ? -11.467 -0.105  4.943   1.00 11.93 ? 247 ARG A CA  1 
ATOM   223  C C   . ARG A 1 47  ? -12.770 -0.366  5.731   1.00 12.14 ? 247 ARG A C   1 
ATOM   224  O O   . ARG A 1 47  ? -12.940 0.123   6.888   1.00 12.79 ? 247 ARG A O   1 
ATOM   225  C CB  . ARG A 1 47  ? -11.604 1.085   3.973   1.00 11.48 ? 247 ARG A CB  1 
ATOM   226  C CG  . ARG A 1 47  ? -11.727 2.417   4.718   1.00 12.26 ? 247 ARG A CG  1 
ATOM   227  C CD  . ARG A 1 47  ? -11.869 3.616   3.811   1.00 13.24 ? 247 ARG A CD  1 
ATOM   228  N NE  . ARG A 1 47  ? -13.215 3.694   3.258   1.00 14.38 ? 247 ARG A NE  1 
ATOM   229  C CZ  . ARG A 1 47  ? -14.259 4.177   3.907   1.00 14.62 ? 247 ARG A CZ  1 
ATOM   230  N NH1 . ARG A 1 47  ? -14.192 4.580   5.165   1.00 15.51 ? 247 ARG A NH1 1 
ATOM   231  N NH2 . ARG A 1 47  ? -15.453 4.232   3.273   1.00 16.56 ? 247 ARG A NH2 1 
ATOM   232  N N   . GLN A 1 48  ? -13.704 -1.069  5.112   1.00 13.27 ? 248 GLN A N   1 
ATOM   233  C CA  . GLN A 1 48  ? -14.917 -1.434  5.824   1.00 13.32 ? 248 GLN A CA  1 
ATOM   234  C C   . GLN A 1 48  ? -14.670 -2.326  7.052   1.00 13.87 ? 248 GLN A C   1 
ATOM   235  O O   . GLN A 1 48  ? -15.225 -2.096  8.123   1.00 14.75 ? 248 GLN A O   1 
ATOM   236  C CB  . GLN A 1 48  ? -15.906 -2.083  4.883   1.00 14.29 ? 248 GLN A CB  1 
ATOM   237  C CG  . GLN A 1 48  ? -16.405 -1.171  3.807   1.00 14.82 ? 248 GLN A CG  1 
ATOM   238  C CD  . GLN A 1 48  ? -17.243 -0.013  4.276   1.00 15.02 ? 248 GLN A CD  1 
ATOM   239  O OE1 . GLN A 1 48  ? -17.670 0.058   5.418   1.00 17.98 ? 248 GLN A OE1 1 
ATOM   240  N NE2 . GLN A 1 48  ? -17.425 0.960   3.390   1.00 17.75 ? 248 GLN A NE2 1 
ATOM   241  N N   . LEU A 1 49  ? -13.811 -3.333  6.906   1.00 12.06 ? 249 LEU A N   1 
ATOM   242  C CA  . LEU A 1 49  ? -13.487 -4.223  8.029   1.00 12.60 ? 249 LEU A CA  1 
ATOM   243  C C   . LEU A 1 49  ? -12.823 -3.509  9.200   1.00 13.64 ? 249 LEU A C   1 
ATOM   244  O O   . LEU A 1 49  ? -13.180 -3.726  10.363  1.00 14.74 ? 249 LEU A O   1 
ATOM   245  C CB  . LEU A 1 49  ? -12.597 -5.384  7.547   1.00 14.17 ? 249 LEU A CB  1 
ATOM   246  C CG  . LEU A 1 49  ? -12.111 -6.358  8.622   1.00 14.80 ? 249 LEU A CG  1 
ATOM   247  C CD1 . LEU A 1 49  ? -13.272 -7.077  9.290   1.00 16.57 ? 249 LEU A CD1 1 
ATOM   248  C CD2 . LEU A 1 49  ? -11.232 -7.427  7.977   1.00 16.71 ? 249 LEU A CD2 1 
ATOM   249  N N   . LEU A 1 50  ? -11.854 -2.659  8.874   1.00 12.86 ? 250 LEU A N   1 
ATOM   250  C CA  . LEU A 1 50  ? -11.120 -1.937  9.891   1.00 13.08 ? 250 LEU A CA  1 
ATOM   251  C C   . LEU A 1 50  ? -11.851 -0.675  10.401  1.00 14.45 ? 250 LEU A C   1 
ATOM   252  O O   . LEU A 1 50  ? -11.397 -0.054  11.351  1.00 16.01 ? 250 LEU A O   1 
ATOM   253  C CB  . LEU A 1 50  ? -9.751  -1.555  9.380   1.00 13.56 ? 250 LEU A CB  1 
ATOM   254  C CG  . LEU A 1 50  ? -8.815  -2.715  9.035   1.00 14.75 ? 250 LEU A CG  1 
ATOM   255  C CD1 . LEU A 1 50  ? -7.446  -2.181  8.667   1.00 14.67 ? 250 LEU A CD1 1 
ATOM   256  C CD2 . LEU A 1 50  ? -8.684  -3.713  10.168  1.00 15.40 ? 250 LEU A CD2 1 
ATOM   257  N N   . LYS A 1 51  ? -12.941 -0.292  9.752   1.00 13.59 ? 251 LYS A N   1 
ATOM   258  C CA  . LYS A 1 51  ? -13.657 0.920   10.103  1.00 14.75 ? 251 LYS A CA  1 
ATOM   259  C C   . LYS A 1 51  ? -12.695 2.118   10.223  1.00 12.56 ? 251 LYS A C   1 
ATOM   260  O O   . LYS A 1 51  ? -12.810 2.920   11.150  1.00 13.66 ? 251 LYS A O   1 
ATOM   261  C CB  . LYS A 1 51  ? -14.449 0.719   11.401  1.00 17.64 ? 251 LYS A CB  1 
ATOM   262  C CG  . LYS A 1 51  ? -15.380 -0.477  11.422  1.00 23.12 ? 251 LYS A CG  1 
ATOM   263  C CD  . LYS A 1 51  ? -16.802 -0.046  11.135  1.00 28.39 ? 251 LYS A CD  1 
ATOM   264  C CE  . LYS A 1 51  ? -17.781 -1.160  11.445  1.00 32.05 ? 251 LYS A CE  1 
ATOM   265  N NZ  . LYS A 1 51  ? -17.808 -2.148  10.336  1.00 36.80 ? 251 LYS A NZ  1 
ATOM   266  N N   . CYS A 1 52  ? -11.826 2.263   9.232   1.00 11.01 ? 252 CYS A N   1 
ATOM   267  C CA  . CYS A 1 52  ? -10.892 3.355   9.172   1.00 11.35 ? 252 CYS A CA  1 
ATOM   268  C C   . CYS A 1 52  ? -11.226 4.276   8.001   1.00 11.91 ? 252 CYS A C   1 
ATOM   269  O O   . CYS A 1 52  ? -12.208 4.072   7.295   1.00 12.01 ? 252 CYS A O   1 
ATOM   270  C CB  . CYS A 1 52  ? -9.450  2.812   9.155   1.00 10.90 ? 252 CYS A CB  1 
ATOM   271  S SG  . CYS A 1 52  ? -8.982  1.888   7.717   1.00 11.56 ? 252 CYS A SG  1 
ATOM   272  N N   . ASP A 1 53  ? -10.460 5.348   7.875   1.00 12.30 ? 253 ASP A N   1 
ATOM   273  C CA  . ASP A 1 53  ? -10.797 6.443   7.005   1.00 12.54 ? 253 ASP A CA  1 
ATOM   274  C C   . ASP A 1 53  ? -10.130 6.406   5.641   1.00 13.34 ? 253 ASP A C   1 
ATOM   275  O O   . ASP A 1 53  ? -10.646 6.999   4.655   1.00 13.60 ? 253 ASP A O   1 
ATOM   276  C CB  . ASP A 1 53  ? -10.559 7.760   7.747   1.00 12.86 ? 253 ASP A CB  1 
ATOM   277  C CG  . ASP A 1 53  ? -11.352 7.842   9.031   1.00 13.77 ? 253 ASP A CG  1 
ATOM   278  O OD1 . ASP A 1 53  ? -12.591 7.518   8.962   1.00 15.82 ? 253 ASP A OD1 1 
ATOM   279  O OD2 . ASP A 1 53  ? -10.827 8.225   10.106  1.00 14.52 ? 253 ASP A OD2 1 
ATOM   280  N N   . ARG A 1 54  ? -8.973  5.745   5.533   1.00 11.62 ? 254 ARG A N   1 
ATOM   281  C CA  . ARG A 1 54  ? -8.349  5.507   4.261   1.00 12.93 ? 254 ARG A CA  1 
ATOM   282  C C   . ARG A 1 54  ? -7.583  4.199   4.306   1.00 12.08 ? 254 ARG A C   1 
ATOM   283  O O   . ARG A 1 54  ? -6.970  3.889   5.355   1.00 11.68 ? 254 ARG A O   1 
ATOM   284  C CB  . ARG A 1 54  ? -7.413  6.688   3.910   1.00 12.92 ? 254 ARG A CB  1 
ATOM   285  C CG  . ARG A 1 54  ? -6.837  6.641   2.514   1.00 13.75 ? 254 ARG A CG  1 
ATOM   286  C CD  . ARG A 1 54  ? -5.657  7.591   2.306   1.00 15.05 ? 254 ARG A CD  1 
ATOM   287  N NE  . ARG A 1 54  ? -5.951  8.890   2.875   1.00 15.65 ? 254 ARG A NE  1 
ATOM   288  C CZ  . ARG A 1 54  ? -6.654  9.861   2.281   1.00 17.69 ? 254 ARG A CZ  1 
ATOM   289  N NH1 . ARG A 1 54  ? -7.144  9.713   1.057   1.00 15.70 ? 254 ARG A NH1 1 
ATOM   290  N NH2 . ARG A 1 54  ? -6.893  10.989  2.931   1.00 17.42 ? 254 ARG A NH2 1 
ATOM   291  N N   . VAL A 1 55  ? -7.579  3.456   3.197   1.00 11.39 ? 255 VAL A N   1 
ATOM   292  C CA  . VAL A 1 55  ? -6.688  2.338   2.998   1.00 12.11 ? 255 VAL A CA  1 
ATOM   293  C C   . VAL A 1 55  ? -6.082  2.555   1.636   1.00 12.77 ? 255 VAL A C   1 
ATOM   294  O O   . VAL A 1 55  ? -6.806  2.770   0.672   1.00 14.54 ? 255 VAL A O   1 
ATOM   295  C CB  . VAL A 1 55  ? -7.401  0.964   3.019   1.00 11.95 ? 255 VAL A CB  1 
ATOM   296  C CG1 . VAL A 1 55  ? -6.443  -0.148  2.646   1.00 12.34 ? 255 VAL A CG1 1 
ATOM   297  C CG2 . VAL A 1 55  ? -8.047  0.759   4.383   1.00 11.74 ? 255 VAL A CG2 1 
ATOM   298  N N   . ALA A 1 56  ? -4.761  2.563   1.578   1.00 12.68 ? 256 ALA A N   1 
ATOM   299  C CA  . ALA A 1 56  ? -4.047  2.905   0.335   1.00 13.55 ? 256 ALA A CA  1 
ATOM   300  C C   . ALA A 1 56  ? -2.892  1.980   0.022   1.00 13.83 ? 256 ALA A C   1 
ATOM   301  O O   . ALA A 1 56  ? -2.214  1.462   0.911   1.00 12.12 ? 256 ALA A O   1 
ATOM   302  C CB  . ALA A 1 56  ? -3.581  4.351   0.367   1.00 14.00 ? 256 ALA A CB  1 
ATOM   303  N N   . VAL A 1 57  ? -2.630  1.833   -1.289  1.00 15.03 ? 257 VAL A N   1 
ATOM   304  C CA  . VAL A 1 57  ? -1.514  1.085   -1.790  1.00 15.29 ? 257 VAL A CA  1 
ATOM   305  C C   . VAL A 1 57  ? -0.574  2.094   -2.444  1.00 15.62 ? 257 VAL A C   1 
ATOM   306  O O   . VAL A 1 57  ? -1.020  2.947   -3.255  1.00 16.43 ? 257 VAL A O   1 
ATOM   307  C CB  . VAL A 1 57  ? -1.929  0.005   -2.858  1.00 15.89 ? 257 VAL A CB  1 
ATOM   308  C CG1 . VAL A 1 57  ? -0.707  -0.765  -3.369  1.00 16.44 ? 257 VAL A CG1 1 
ATOM   309  C CG2 . VAL A 1 57  ? -2.996  -0.944  -2.297  1.00 16.47 ? 257 VAL A CG2 1 
ATOM   310  N N   . TYR A 1 58  ? 0.684   2.008   -2.046  1.00 16.14 ? 258 TYR A N   1 
ATOM   311  C CA  . TYR A 1 58  ? 1.738   2.912   -2.494  1.00 16.76 ? 258 TYR A CA  1 
ATOM   312  C C   . TYR A 1 58  ? 2.811   2.095   -3.163  1.00 16.88 ? 258 TYR A C   1 
ATOM   313  O O   . TYR A 1 58  ? 3.252   1.108   -2.636  1.00 17.14 ? 258 TYR A O   1 
ATOM   314  C CB  . TYR A 1 58  ? 2.297   3.610   -1.257  1.00 16.80 ? 258 TYR A CB  1 
ATOM   315  C CG  . TYR A 1 58  ? 3.517   4.481   -1.405  1.00 19.16 ? 258 TYR A CG  1 
ATOM   316  C CD1 . TYR A 1 58  ? 4.783   3.951   -1.217  1.00 19.37 ? 258 TYR A CD1 1 
ATOM   317  C CD2 . TYR A 1 58  ? 3.395   5.836   -1.669  1.00 19.48 ? 258 TYR A CD2 1 
ATOM   318  C CE1 . TYR A 1 58  ? 5.902   4.750   -1.290  1.00 21.08 ? 258 TYR A CE1 1 
ATOM   319  C CE2 . TYR A 1 58  ? 4.532   6.651   -1.742  1.00 19.21 ? 258 TYR A CE2 1 
ATOM   320  C CZ  . TYR A 1 58  ? 5.767   6.084   -1.562  1.00 20.17 ? 258 TYR A CZ  1 
ATOM   321  O OH  . TYR A 1 58  ? 6.936   6.859   -1.609  1.00 21.99 ? 258 TYR A OH  1 
ATOM   322  N N   . ARG A 1 59  ? 3.247   2.513   -4.366  1.00 19.41 ? 259 ARG A N   1 
ATOM   323  C CA  . ARG A 1 59  ? 4.285   1.797   -5.143  1.00 20.74 ? 259 ARG A CA  1 
ATOM   324  C C   . ARG A 1 59  ? 5.592   2.577   -5.169  1.00 19.69 ? 259 ARG A C   1 
ATOM   325  O O   . ARG A 1 59  ? 5.545   3.762   -5.420  1.00 20.97 ? 259 ARG A O   1 
ATOM   326  C CB  . ARG A 1 59  ? 3.816   1.638   -6.588  1.00 23.98 ? 259 ARG A CB  1 
ATOM   327  C CG  . ARG A 1 59  ? 4.818   0.925   -7.487  1.00 26.79 ? 259 ARG A CG  1 
ATOM   328  C CD  . ARG A 1 59  ? 4.303   0.886   -8.920  1.00 29.74 ? 259 ARG A CD  1 
ATOM   329  N NE  . ARG A 1 59  ? 4.139   2.256   -9.401  1.00 32.23 ? 259 ARG A NE  1 
ATOM   330  C CZ  . ARG A 1 59  ? 3.256   2.652   -10.318 1.00 35.24 ? 259 ARG A CZ  1 
ATOM   331  N NH1 . ARG A 1 59  ? 2.425   1.792   -10.909 1.00 37.41 ? 259 ARG A NH1 1 
ATOM   332  N NH2 . ARG A 1 59  ? 3.203   3.934   -10.640 1.00 37.37 ? 259 ARG A NH2 1 
ATOM   333  N N   . PHE A 1 60  ? 6.714   1.939   -4.851  1.00 20.65 ? 260 PHE A N   1 
ATOM   334  C CA  . PHE A 1 60  ? 8.029   2.602   -4.891  1.00 21.33 ? 260 PHE A CA  1 
ATOM   335  C C   . PHE A 1 60  ? 8.522   2.776   -6.330  1.00 26.67 ? 260 PHE A C   1 
ATOM   336  O O   . PHE A 1 60  ? 8.209   1.977   -7.186  1.00 25.15 ? 260 PHE A O   1 
ATOM   337  C CB  . PHE A 1 60  ? 9.074   1.803   -4.128  1.00 22.93 ? 260 PHE A CB  1 
ATOM   338  C CG  . PHE A 1 60  ? 8.964   1.902   -2.622  1.00 20.21 ? 260 PHE A CG  1 
ATOM   339  C CD1 . PHE A 1 60  ? 9.241   3.091   -1.967  1.00 21.70 ? 260 PHE A CD1 1 
ATOM   340  C CD2 . PHE A 1 60  ? 8.672   0.776   -1.843  1.00 20.72 ? 260 PHE A CD2 1 
ATOM   341  C CE1 . PHE A 1 60  ? 9.199   3.187   -0.582  1.00 20.89 ? 260 PHE A CE1 1 
ATOM   342  C CE2 . PHE A 1 60  ? 8.616   0.871   -0.446  1.00 20.06 ? 260 PHE A CE2 1 
ATOM   343  C CZ  . PHE A 1 60  ? 8.883   2.078   0.184   1.00 20.11 ? 260 PHE A CZ  1 
ATOM   344  N N   . ASN A 1 61  ? 9.287   3.838   -6.550  1.00 29.38 ? 261 ASN A N   1 
ATOM   345  C CA  . ASN A 1 61  ? 10.061  4.046   -7.785  1.00 29.59 ? 261 ASN A CA  1 
ATOM   346  C C   . ASN A 1 61  ? 11.468  3.513   -7.506  1.00 32.43 ? 261 ASN A C   1 
ATOM   347  O O   . ASN A 1 61  ? 11.843  3.296   -6.349  1.00 29.55 ? 261 ASN A O   1 
ATOM   348  C CB  . ASN A 1 61  ? 10.091  5.536   -8.145  1.00 31.25 ? 261 ASN A CB  1 
ATOM   349  C CG  . ASN A 1 61  ? 8.711   6.101   -8.478  1.00 32.71 ? 261 ASN A CG  1 
ATOM   350  O OD1 . ASN A 1 61  ? 8.341   7.195   -8.029  1.00 37.51 ? 261 ASN A OD1 1 
ATOM   351  N ND2 . ASN A 1 61  ? 7.944   5.362   -9.255  1.00 33.62 ? 261 ASN A ND2 1 
ATOM   352  N N   . PRO A 1 62  ? 12.280  3.293   -8.560  1.00 32.14 ? 262 PRO A N   1 
ATOM   353  C CA  . PRO A 1 62  ? 13.653  2.803   -8.362  1.00 32.25 ? 262 PRO A CA  1 
ATOM   354  C C   . PRO A 1 62  ? 14.502  3.612   -7.383  1.00 33.30 ? 262 PRO A C   1 
ATOM   355  O O   . PRO A 1 62  ? 15.332  3.041   -6.678  1.00 35.06 ? 262 PRO A O   1 
ATOM   356  C CB  . PRO A 1 62  ? 14.235  2.872   -9.775  1.00 34.14 ? 262 PRO A CB  1 
ATOM   357  C CG  . PRO A 1 62  ? 13.065  2.617   -10.651 1.00 33.70 ? 262 PRO A CG  1 
ATOM   358  C CD  . PRO A 1 62  ? 11.906  3.312   -9.985  1.00 34.62 ? 262 PRO A CD  1 
ATOM   359  N N   . ASP A 1 63  ? 14.285  4.920   -7.325  1.00 34.29 ? 263 ASP A N   1 
ATOM   360  C CA  . ASP A 1 63  ? 14.993  5.784   -6.383  1.00 37.76 ? 263 ASP A CA  1 
ATOM   361  C C   . ASP A 1 63  ? 14.352  5.800   -4.979  1.00 36.12 ? 263 ASP A C   1 
ATOM   362  O O   . ASP A 1 63  ? 14.719  6.626   -4.127  1.00 38.03 ? 263 ASP A O   1 
ATOM   363  C CB  . ASP A 1 63  ? 15.119  7.218   -6.944  1.00 39.01 ? 263 ASP A CB  1 
ATOM   364  C CG  . ASP A 1 63  ? 13.770  7.957   -7.052  1.00 44.58 ? 263 ASP A CG  1 
ATOM   365  O OD1 . ASP A 1 63  ? 12.704  7.338   -6.811  1.00 44.82 ? 263 ASP A OD1 1 
ATOM   366  O OD2 . ASP A 1 63  ? 13.777  9.170   -7.387  1.00 45.58 ? 263 ASP A OD2 1 
ATOM   367  N N   . TRP A 1 64  ? 13.389  4.894   -4.752  1.00 34.99 ? 264 TRP A N   1 
ATOM   368  C CA  . TRP A 1 64  ? 12.710  4.731   -3.459  1.00 32.70 ? 264 TRP A CA  1 
ATOM   369  C C   . TRP A 1 64  ? 11.828  5.926   -3.079  1.00 30.35 ? 264 TRP A C   1 
ATOM   370  O O   . TRP A 1 64  ? 11.375  6.040   -1.929  1.00 28.32 ? 264 TRP A O   1 
ATOM   371  C CB  . TRP A 1 64  ? 13.700  4.359   -2.353  1.00 31.84 ? 264 TRP A CB  1 
ATOM   372  C CG  . TRP A 1 64  ? 14.374  3.046   -2.615  1.00 33.20 ? 264 TRP A CG  1 
ATOM   373  C CD1 . TRP A 1 64  ? 15.667  2.850   -3.041  1.00 30.94 ? 264 TRP A CD1 1 
ATOM   374  C CD2 . TRP A 1 64  ? 13.800  1.744   -2.483  1.00 31.14 ? 264 TRP A CD2 1 
ATOM   375  N NE1 . TRP A 1 64  ? 15.926  1.509   -3.168  1.00 31.78 ? 264 TRP A NE1 1 
ATOM   376  C CE2 . TRP A 1 64  ? 14.793  0.805   -2.842  1.00 33.00 ? 264 TRP A CE2 1 
ATOM   377  C CE3 . TRP A 1 64  ? 12.540  1.270   -2.076  1.00 31.57 ? 264 TRP A CE3 1 
ATOM   378  C CZ2 . TRP A 1 64  ? 14.568  -0.576  -2.803  1.00 32.57 ? 264 TRP A CZ2 1 
ATOM   379  C CZ3 . TRP A 1 64  ? 12.318  -0.097  -2.056  1.00 31.13 ? 264 TRP A CZ3 1 
ATOM   380  C CH2 . TRP A 1 64  ? 13.319  -1.005  -2.409  1.00 31.88 ? 264 TRP A CH2 1 
ATOM   381  N N   . SER A 1 65  ? 11.567  6.818   -4.039  1.00 29.58 ? 265 SER A N   1 
ATOM   382  C CA  . SER A 1 65  ? 10.402  7.696   -3.926  1.00 29.35 ? 265 SER A CA  1 
ATOM   383  C C   . SER A 1 65  ? 9.243   6.797   -4.357  1.00 27.67 ? 265 SER A C   1 
ATOM   384  O O   . SER A 1 65  ? 9.431   5.613   -4.635  1.00 27.31 ? 265 SER A O   1 
ATOM   385  C CB  . SER A 1 65  ? 10.485  8.934   -4.847  1.00 29.93 ? 265 SER A CB  1 
ATOM   386  O OG  . SER A 1 65  ? 10.526  8.535   -6.204  1.00 32.79 ? 265 SER A OG  1 
ATOM   387  N N   . GLY A 1 66  ? 8.051   7.347   -4.425  1.00 26.42 ? 266 GLY A N   1 
ATOM   388  C CA  . GLY A 1 66  ? 6.938   6.558   -4.918  1.00 26.83 ? 266 GLY A CA  1 
ATOM   389  C C   . GLY A 1 66  ? 5.665   7.345   -4.945  1.00 25.56 ? 266 GLY A C   1 
ATOM   390  O O   . GLY A 1 66  ? 5.652   8.551   -4.657  1.00 25.64 ? 266 GLY A O   1 
ATOM   391  N N   . GLU A 1 67  ? 4.592   6.661   -5.308  1.00 24.88 ? 267 GLU A N   1 
ATOM   392  C CA  . GLU A 1 67  ? 3.293   7.277   -5.432  1.00 25.17 ? 267 GLU A CA  1 
ATOM   393  C C   . GLU A 1 67  ? 2.158   6.314   -5.018  1.00 23.71 ? 267 GLU A C   1 
ATOM   394  O O   . GLU A 1 67  ? 2.293   5.090   -5.095  1.00 22.48 ? 267 GLU A O   1 
ATOM   395  C CB  . GLU A 1 67  ? 3.077   7.792   -6.875  1.00 28.99 ? 267 GLU A CB  1 
ATOM   396  C CG  . GLU A 1 67  ? 2.825   6.721   -7.916  1.00 31.62 ? 267 GLU A CG  1 
ATOM   397  C CD  . GLU A 1 67  ? 2.860   7.251   -9.345  1.00 36.53 ? 267 GLU A CD  1 
ATOM   398  O OE1 . GLU A 1 67  ? 1.792   7.311   -9.975  1.00 36.52 ? 267 GLU A OE1 1 
ATOM   399  O OE2 . GLU A 1 67  ? 3.960   7.584   -9.830  1.00 38.71 ? 267 GLU A OE2 1 
ATOM   400  N N   . PHE A 1 68  ? 1.064   6.920   -4.595  1.00 21.78 ? 268 PHE A N   1 
ATOM   401  C CA  . PHE A 1 68  ? -0.189  6.203   -4.290  1.00 21.67 ? 268 PHE A CA  1 
ATOM   402  C C   . PHE A 1 68  ? -0.868  5.788   -5.583  1.00 23.42 ? 268 PHE A C   1 
ATOM   403  O O   . PHE A 1 68  ? -1.172  6.658   -6.447  1.00 24.81 ? 268 PHE A O   1 
ATOM   404  C CB  . PHE A 1 68  ? -1.111  7.062   -3.447  1.00 20.06 ? 268 PHE A CB  1 
ATOM   405  C CG  . PHE A 1 68  ? -0.587  7.295   -2.044  1.00 20.58 ? 268 PHE A CG  1 
ATOM   406  C CD1 . PHE A 1 68  ? -0.727  6.292   -1.082  1.00 20.89 ? 268 PHE A CD1 1 
ATOM   407  C CD2 . PHE A 1 68  ? 0.082   8.449   -1.692  1.00 20.39 ? 268 PHE A CD2 1 
ATOM   408  C CE1 . PHE A 1 68  ? -0.239  6.472   0.192   1.00 20.39 ? 268 PHE A CE1 1 
ATOM   409  C CE2 . PHE A 1 68  ? 0.590   8.622   -0.416  1.00 21.01 ? 268 PHE A CE2 1 
ATOM   410  C CZ  . PHE A 1 68  ? 0.389   7.640   0.535   1.00 20.95 ? 268 PHE A CZ  1 
ATOM   411  N N   . VAL A 1 69  ? -1.104  4.483   -5.711  1.00 22.23 ? 269 VAL A N   1 
ATOM   412  C CA  . VAL A 1 69  ? -1.713  3.892   -6.932  1.00 23.20 ? 269 VAL A CA  1 
ATOM   413  C C   . VAL A 1 69  ? -3.151  3.443   -6.757  1.00 24.33 ? 269 VAL A C   1 
ATOM   414  O O   . VAL A 1 69  ? -3.880  3.280   -7.730  1.00 23.25 ? 269 VAL A O   1 
ATOM   415  C CB  . VAL A 1 69  ? -0.844  2.758   -7.482  1.00 22.63 ? 269 VAL A CB  1 
ATOM   416  C CG1 . VAL A 1 69  ? 0.551   3.300   -7.773  1.00 23.61 ? 269 VAL A CG1 1 
ATOM   417  C CG2 . VAL A 1 69  ? -0.765  1.554   -6.537  1.00 23.84 ? 269 VAL A CG2 1 
ATOM   418  N N   . ALA A 1 70  ? -3.589  3.214   -5.518  1.00 20.95 ? 270 ALA A N   1 
ATOM   419  C CA  . ALA A 1 70  ? -4.966  2.847   -5.267  1.00 21.74 ? 270 ALA A CA  1 
ATOM   420  C C   . ALA A 1 70  ? -5.329  3.199   -3.834  1.00 21.39 ? 270 ALA A C   1 
ATOM   421  O O   . ALA A 1 70  ? -4.452  3.212   -2.943  1.00 19.81 ? 270 ALA A O   1 
ATOM   422  C CB  . ALA A 1 70  ? -5.176  1.361   -5.468  1.00 22.24 ? 270 ALA A CB  1 
ATOM   423  N N   . GLU A 1 71  ? -6.604  3.483   -3.621  1.00 20.00 ? 271 GLU A N   1 
ATOM   424  C CA  . GLU A 1 71  ? -7.107  3.714   -2.280  1.00 19.99 ? 271 GLU A CA  1 
ATOM   425  C C   . GLU A 1 71  ? -8.614  3.550   -2.180  1.00 18.57 ? 271 GLU A C   1 
ATOM   426  O O   . GLU A 1 71  ? -9.345  3.580   -3.179  1.00 20.05 ? 271 GLU A O   1 
ATOM   427  C CB  . GLU A 1 71  ? -6.702  5.104   -1.791  1.00 19.59 ? 271 GLU A CB  1 
ATOM   428  C CG  . GLU A 1 71  ? -7.560  6.228   -2.348  1.00 20.28 ? 271 GLU A CG  1 
ATOM   429  C CD  . GLU A 1 71  ? -7.212  7.566   -1.765  1.00 23.04 ? 271 GLU A CD  1 
ATOM   430  O OE1 . GLU A 1 71  ? -6.477  7.616   -0.742  1.00 19.43 ? 271 GLU A OE1 1 
ATOM   431  O OE2 . GLU A 1 71  ? -7.743  8.572   -2.301  1.00 22.59 ? 271 GLU A OE2 1 
ATOM   432  N N   . SER A 1 72  ? -9.073  3.336   -0.959  1.00 16.07 ? 272 SER A N   1 
ATOM   433  C CA  . SER A 1 72  ? -10.441 3.587   -0.567  1.00 14.91 ? 272 SER A CA  1 
ATOM   434  C C   . SER A 1 72  ? -10.406 4.664   0.485   1.00 16.12 ? 272 SER A C   1 
ATOM   435  O O   . SER A 1 72  ? -9.592  4.609   1.406   1.00 14.00 ? 272 SER A O   1 
ATOM   436  C CB  . SER A 1 72  ? -11.047 2.303   0.002   1.00 15.70 ? 272 SER A CB  1 
ATOM   437  O OG  . SER A 1 72  ? -12.309 2.553   0.560   1.00 16.20 ? 272 SER A OG  1 
ATOM   438  N N   . VAL A 1 73  ? -11.286 5.655   0.381   1.00 16.22 ? 273 VAL A N   1 
ATOM   439  C CA  . VAL A 1 73  ? -11.264 6.785   1.282   1.00 16.87 ? 273 VAL A CA  1 
ATOM   440  C C   . VAL A 1 73  ? -12.657 7.165   1.686   1.00 17.47 ? 273 VAL A C   1 
ATOM   441  O O   . VAL A 1 73  ? -13.581 7.118   0.848   1.00 17.21 ? 273 VAL A O   1 
ATOM   442  C CB  . VAL A 1 73  ? -10.480 7.989   0.692   1.00 18.45 ? 273 VAL A CB  1 
ATOM   443  C CG1 . VAL A 1 73  ? -11.061 8.425   -0.650  1.00 19.76 ? 273 VAL A CG1 1 
ATOM   444  C CG2 . VAL A 1 73  ? -10.449 9.137   1.700   1.00 18.87 ? 273 VAL A CG2 1 
ATOM   445  N N   . GLY A 1 74  ? -12.829 7.482   2.964   1.00 16.78 ? 274 GLY A N   1 
ATOM   446  C CA  . GLY A 1 74  ? -14.099 7.818   3.518   1.00 17.84 ? 274 GLY A CA  1 
ATOM   447  C C   . GLY A 1 74  ? -14.589 9.214   3.171   1.00 18.37 ? 274 GLY A C   1 
ATOM   448  O O   . GLY A 1 74  ? -13.872 10.015  2.622   1.00 19.29 ? 274 GLY A O   1 
ATOM   449  N N   . SER A 1 75  ? -15.843 9.448   3.494   1.00 19.95 ? 275 SER A N   1 
ATOM   450  C CA  . SER A 1 75  ? -16.522 10.737  3.316   1.00 22.69 ? 275 SER A CA  1 
ATOM   451  C C   . SER A 1 75  ? -15.719 11.934  3.822   1.00 22.30 ? 275 SER A C   1 
ATOM   452  O O   . SER A 1 75  ? -15.345 11.956  4.970   1.00 21.19 ? 275 SER A O   1 
ATOM   453  C CB  . SER A 1 75  ? -17.887 10.632  4.054   1.00 24.06 ? 275 SER A CB  1 
ATOM   454  O OG  . SER A 1 75  ? -18.454 11.891  4.354   1.00 27.80 ? 275 SER A OG  1 
ATOM   455  N N   . GLY A 1 76  ? -15.456 12.903  2.948   1.00 22.42 ? 276 GLY A N   1 
ATOM   456  C CA  . GLY A 1 76  ? -14.952 14.227  3.350   1.00 24.18 ? 276 GLY A CA  1 
ATOM   457  C C   . GLY A 1 76  ? -13.443 14.380  3.399   1.00 24.56 ? 276 GLY A C   1 
ATOM   458  O O   . GLY A 1 76  ? -12.922 15.499  3.473   1.00 28.63 ? 276 GLY A O   1 
ATOM   459  N N   . TRP A 1 77  ? -12.713 13.275  3.343   1.00 22.93 ? 277 TRP A N   1 
ATOM   460  C CA  . TRP A 1 77  ? -11.253 13.362  3.384   1.00 21.07 ? 277 TRP A CA  1 
ATOM   461  C C   . TRP A 1 77  ? -10.675 13.667  2.014   1.00 22.59 ? 277 TRP A C   1 
ATOM   462  O O   . TRP A 1 77  ? -11.244 13.277  0.963   1.00 21.37 ? 277 TRP A O   1 
ATOM   463  C CB  . TRP A 1 77  ? -10.637 12.046  3.962   1.00 19.61 ? 277 TRP A CB  1 
ATOM   464  C CG  . TRP A 1 77  ? -11.326 11.578  5.173   1.00 17.79 ? 277 TRP A CG  1 
ATOM   465  C CD1 . TRP A 1 77  ? -12.105 10.438  5.309   1.00 17.88 ? 277 TRP A CD1 1 
ATOM   466  C CD2 . TRP A 1 77  ? -11.352 12.201  6.448   1.00 16.25 ? 277 TRP A CD2 1 
ATOM   467  N NE1 . TRP A 1 77  ? -12.595 10.353  6.554   1.00 16.03 ? 277 TRP A NE1 1 
ATOM   468  C CE2 . TRP A 1 77  ? -12.161 11.404  7.286   1.00 16.72 ? 277 TRP A CE2 1 
ATOM   469  C CE3 . TRP A 1 77  ? -10.741 13.345  6.994   1.00 17.32 ? 277 TRP A CE3 1 
ATOM   470  C CZ2 . TRP A 1 77  ? -12.408 11.729  8.614   1.00 16.50 ? 277 TRP A CZ2 1 
ATOM   471  C CZ3 . TRP A 1 77  ? -10.987 13.657  8.319   1.00 16.48 ? 277 TRP A CZ3 1 
ATOM   472  C CH2 . TRP A 1 77  ? -11.812 12.855  9.122   1.00 17.39 ? 277 TRP A CH2 1 
ATOM   473  N N   . VAL A 1 78  ? -9.494  14.308  2.009   1.00 21.28 ? 278 VAL A N   1 
ATOM   474  C CA  . VAL A 1 78  ? -8.772  14.569  0.788   1.00 23.68 ? 278 VAL A CA  1 
ATOM   475  C C   . VAL A 1 78  ? -8.512  13.274  0.021   1.00 24.03 ? 278 VAL A C   1 
ATOM   476  O O   . VAL A 1 78  ? -8.112  12.268  0.606   1.00 23.03 ? 278 VAL A O   1 
ATOM   477  C CB  . VAL A 1 78  ? -7.423  15.302  1.044   1.00 24.40 ? 278 VAL A CB  1 
ATOM   478  C CG1 . VAL A 1 78  ? -6.424  14.420  1.790   1.00 22.73 ? 278 VAL A CG1 1 
ATOM   479  C CG2 . VAL A 1 78  ? -6.830  15.804  -0.256  1.00 26.72 ? 278 VAL A CG2 1 
ATOM   480  N N   . LYS A 1 79  ? -8.743  13.294  -1.280  1.00 25.06 ? 279 LYS A N   1 
ATOM   481  C CA  . LYS A 1 79  ? -8.472  12.156  -2.155  1.00 26.42 ? 279 LYS A CA  1 
ATOM   482  C C   . LYS A 1 79  ? -7.019  12.163  -2.621  1.00 27.05 ? 279 LYS A C   1 
ATOM   483  O O   . LYS A 1 79  ? -6.489  13.220  -2.978  1.00 27.92 ? 279 LYS A O   1 
ATOM   484  C CB  . LYS A 1 79  ? -9.458  12.176  -3.332  1.00 28.50 ? 279 LYS A CB  1 
ATOM   485  C CG  . LYS A 1 79  ? -10.893 12.111  -2.819  1.00 31.65 ? 279 LYS A CG  1 
ATOM   486  C CD  . LYS A 1 79  ? -11.951 12.145  -3.911  1.00 34.35 ? 279 LYS A CD  1 
ATOM   487  C CE  . LYS A 1 79  ? -13.347 12.106  -3.306  1.00 36.73 ? 279 LYS A CE  1 
ATOM   488  N NZ  . LYS A 1 79  ? -13.626 10.839  -2.555  1.00 36.64 ? 279 LYS A NZ  1 
ATOM   489  N N   . LEU A 1 80  ? -6.357  10.999  -2.595  1.00 26.31 ? 280 LEU A N   1 
ATOM   490  C CA  . LEU A 1 80  ? -4.968  10.885  -3.057  1.00 26.13 ? 280 LEU A CA  1 
ATOM   491  C C   . LEU A 1 80  ? -4.829  10.187  -4.423  1.00 27.37 ? 280 LEU A C   1 
ATOM   492  O O   . LEU A 1 80  ? -3.764  10.243  -5.067  1.00 28.53 ? 280 LEU A O   1 
ATOM   493  C CB  . LEU A 1 80  ? -4.129  10.103  -2.037  1.00 25.60 ? 280 LEU A CB  1 
ATOM   494  C CG  . LEU A 1 80  ? -4.183  10.540  -0.583  1.00 27.09 ? 280 LEU A CG  1 
ATOM   495  C CD1 . LEU A 1 80  ? -3.226  9.663   0.232   1.00 26.95 ? 280 LEU A CD1 1 
ATOM   496  C CD2 . LEU A 1 80  ? -3.827  12.007  -0.464  1.00 27.70 ? 280 LEU A CD2 1 
ATOM   497  N N   . VAL A 1 81  ? -5.895  9.515   -4.853  1.00 26.02 ? 281 VAL A N   1 
ATOM   498  C CA  . VAL A 1 81  ? -5.871  8.742   -6.098  1.00 28.96 ? 281 VAL A CA  1 
ATOM   499  C C   . VAL A 1 81  ? -7.132  9.099   -6.858  1.00 31.96 ? 281 VAL A C   1 
ATOM   500  O O   . VAL A 1 81  ? -8.145  9.393   -6.253  1.00 30.36 ? 281 VAL A O   1 
ATOM   501  C CB  . VAL A 1 81  ? -5.823  7.218   -5.841  1.00 27.82 ? 281 VAL A CB  1 
ATOM   502  C CG1 . VAL A 1 81  ? -5.602  6.432   -7.131  1.00 29.33 ? 281 VAL A CG1 1 
ATOM   503  C CG2 . VAL A 1 81  ? -4.726  6.874   -4.827  1.00 26.49 ? 281 VAL A CG2 1 
ATOM   504  N N   . GLY A 1 82  ? -7.024  9.126   -8.183  1.00 37.54 ? 282 GLY A N   1 
ATOM   505  C CA  . GLY A 1 82  ? -8.141  9.490   -9.049  1.00 41.35 ? 282 GLY A CA  1 
ATOM   506  C C   . GLY A 1 82  ? -7.671  9.798   -10.465 1.00 46.17 ? 282 GLY A C   1 
ATOM   507  O O   . GLY A 1 82  ? -6.455  9.820   -10.737 1.00 43.59 ? 282 GLY A O   1 
ATOM   508  N N   . PRO A 1 83  ? -8.632  10.027  -11.385 1.00 49.65 ? 283 PRO A N   1 
ATOM   509  C CA  . PRO A 1 83  ? -8.322  10.446  -12.760 1.00 52.63 ? 283 PRO A CA  1 
ATOM   510  C C   . PRO A 1 83  ? -7.395  11.671  -12.829 1.00 53.10 ? 283 PRO A C   1 
ATOM   511  O O   . PRO A 1 83  ? -6.306  11.592  -13.399 1.00 51.10 ? 283 PRO A O   1 
ATOM   512  C CB  . PRO A 1 83  ? -9.703  10.766  -13.348 1.00 50.84 ? 283 PRO A CB  1 
ATOM   513  C CG  . PRO A 1 83  ? -10.657 9.926   -12.577 1.00 51.25 ? 283 PRO A CG  1 
ATOM   514  C CD  . PRO A 1 83  ? -10.064 9.710   -11.208 1.00 49.92 ? 283 PRO A CD  1 
ATOM   515  N N   . ASP A 1 84  ? -7.814  12.777  -12.216 1.00 58.18 ? 284 ASP A N   1 
ATOM   516  C CA  . ASP A 1 84  ? -7.083  14.050  -12.312 1.00 61.12 ? 284 ASP A CA  1 
ATOM   517  C C   . ASP A 1 84  ? -5.992  14.236  -11.239 1.00 61.03 ? 284 ASP A C   1 
ATOM   518  O O   . ASP A 1 84  ? -5.209  15.187  -11.318 1.00 58.97 ? 284 ASP A O   1 
ATOM   519  C CB  . ASP A 1 84  ? -8.069  15.230  -12.261 1.00 65.60 ? 284 ASP A CB  1 
ATOM   520  C CG  . ASP A 1 84  ? -8.851  15.303  -10.940 1.00 69.25 ? 284 ASP A CG  1 
ATOM   521  O OD1 . ASP A 1 84  ? -9.093  14.244  -10.313 1.00 68.86 ? 284 ASP A OD1 1 
ATOM   522  O OD2 . ASP A 1 84  ? -9.232  16.427  -10.538 1.00 70.63 ? 284 ASP A OD2 1 
ATOM   523  N N   . ILE A 1 85  ? -5.943  13.327  -10.260 1.00 59.13 ? 285 ILE A N   1 
ATOM   524  C CA  . ILE A 1 85  ? -5.047  13.427  -9.097  1.00 56.96 ? 285 ILE A CA  1 
ATOM   525  C C   . ILE A 1 85  ? -3.773  12.593  -9.297  1.00 53.79 ? 285 ILE A C   1 
ATOM   526  O O   . ILE A 1 85  ? -3.779  11.590  -10.008 1.00 55.36 ? 285 ILE A O   1 
ATOM   527  C CB  . ILE A 1 85  ? -5.777  12.951  -7.811  1.00 58.05 ? 285 ILE A CB  1 
ATOM   528  C CG1 . ILE A 1 85  ? -7.040  13.785  -7.568  1.00 60.22 ? 285 ILE A CG1 1 
ATOM   529  C CG2 . ILE A 1 85  ? -4.873  13.050  -6.592  1.00 57.58 ? 285 ILE A CG2 1 
ATOM   530  C CD1 . ILE A 1 85  ? -7.986  13.200  -6.536  1.00 61.35 ? 285 ILE A CD1 1 
ATOM   531  N N   . LYS A 1 86  ? -2.679  13.030  -8.682  1.00 51.55 ? 286 LYS A N   1 
ATOM   532  C CA  . LYS A 1 86  ? -1.432  12.259  -8.639  1.00 48.50 ? 286 LYS A CA  1 
ATOM   533  C C   . LYS A 1 86  ? -0.652  12.613  -7.365  1.00 43.53 ? 286 LYS A C   1 
ATOM   534  O O   . LYS A 1 86  ? -0.132  13.727  -7.246  1.00 43.25 ? 286 LYS A O   1 
ATOM   535  C CB  . LYS A 1 86  ? -0.584  12.557  -9.880  1.00 52.89 ? 286 LYS A CB  1 
ATOM   536  C CG  . LYS A 1 86  ? 0.718   11.776  -9.972  1.00 54.44 ? 286 LYS A CG  1 
ATOM   537  C CD  . LYS A 1 86  ? 1.655   12.440  -10.970 1.00 57.75 ? 286 LYS A CD  1 
ATOM   538  C CE  . LYS A 1 86  ? 2.906   11.614  -11.197 1.00 60.38 ? 286 LYS A CE  1 
ATOM   539  N NZ  . LYS A 1 86  ? 2.620   10.357  -11.945 1.00 60.68 ? 286 LYS A NZ  1 
ATOM   540  N N   . THR A 1 87  ? -0.575  11.673  -6.409  1.00 35.02 ? 287 THR A N   1 
ATOM   541  C CA  . THR A 1 87  ? 0.073   11.950  -5.132  1.00 32.00 ? 287 THR A CA  1 
ATOM   542  C C   . THR A 1 87  ? 1.380   11.180  -5.020  1.00 30.60 ? 287 THR A C   1 
ATOM   543  O O   . THR A 1 87  ? 1.403   9.961   -4.794  1.00 26.92 ? 287 THR A O   1 
ATOM   544  C CB  . THR A 1 87  ? -0.845  11.647  -3.928  1.00 28.21 ? 287 THR A CB  1 
ATOM   545  O OG1 . THR A 1 87  ? -2.119  12.230  -4.161  1.00 26.20 ? 287 THR A OG1 1 
ATOM   546  C CG2 . THR A 1 87  ? -0.261  12.226  -2.638  1.00 27.24 ? 287 THR A CG2 1 
ATOM   547  N N   . VAL A 1 88  ? 2.469   11.923  -5.220  1.00 30.29 ? 288 VAL A N   1 
ATOM   548  C CA  . VAL A 1 88  ? 3.834   11.456  -5.038  1.00 31.15 ? 288 VAL A CA  1 
ATOM   549  C C   . VAL A 1 88  ? 4.252   11.788  -3.611  1.00 32.12 ? 288 VAL A C   1 
ATOM   550  O O   . VAL A 1 88  ? 3.958   12.875  -3.090  1.00 33.32 ? 288 VAL A O   1 
ATOM   551  C CB  . VAL A 1 88  ? 4.798   12.152  -6.067  1.00 34.11 ? 288 VAL A CB  1 
ATOM   552  C CG1 . VAL A 1 88  ? 6.257   11.812  -5.805  1.00 34.39 ? 288 VAL A CG1 1 
ATOM   553  C CG2 . VAL A 1 88  ? 4.416   11.761  -7.484  1.00 33.98 ? 288 VAL A CG2 1 
ATOM   554  N N   . TRP A 1 89  ? 4.915   10.842  -2.960  1.00 31.52 ? 289 TRP A N   1 
ATOM   555  C CA  . TRP A 1 89  ? 5.538   11.101  -1.679  1.00 30.47 ? 289 TRP A CA  1 
ATOM   556  C C   . TRP A 1 89  ? 6.977   10.599  -1.790  1.00 30.75 ? 289 TRP A C   1 
ATOM   557  O O   . TRP A 1 89  ? 7.225   9.404   -1.835  1.00 29.21 ? 289 TRP A O   1 
ATOM   558  C CB  . TRP A 1 89  ? 4.757   10.391  -0.559  1.00 28.98 ? 289 TRP A CB  1 
ATOM   559  C CG  . TRP A 1 89  ? 5.212   10.650  0.866   1.00 29.65 ? 289 TRP A CG  1 
ATOM   560  C CD1 . TRP A 1 89  ? 6.354   11.301  1.282   1.00 30.03 ? 289 TRP A CD1 1 
ATOM   561  C CD2 . TRP A 1 89  ? 4.549   10.214  2.051   1.00 29.12 ? 289 TRP A CD2 1 
ATOM   562  N NE1 . TRP A 1 89  ? 6.407   11.303  2.661   1.00 31.69 ? 289 TRP A NE1 1 
ATOM   563  C CE2 . TRP A 1 89  ? 5.315   10.642  3.154   1.00 28.60 ? 289 TRP A CE2 1 
ATOM   564  C CE3 . TRP A 1 89  ? 3.366   9.503   2.293   1.00 27.67 ? 289 TRP A CE3 1 
ATOM   565  C CZ2 . TRP A 1 89  ? 4.937   10.386  4.474   1.00 28.99 ? 289 TRP A CZ2 1 
ATOM   566  C CZ3 . TRP A 1 89  ? 2.996   9.246   3.612   1.00 27.73 ? 289 TRP A CZ3 1 
ATOM   567  C CH2 . TRP A 1 89  ? 3.795   9.674   4.681   1.00 27.81 ? 289 TRP A CH2 1 
ATOM   568  N N   . GLU A 1 90  ? 7.919   11.530  -1.900  1.00 30.34 ? 290 GLU A N   1 
ATOM   569  C CA  . GLU A 1 90  ? 9.349   11.192  -1.882  1.00 29.09 ? 290 GLU A CA  1 
ATOM   570  C C   . GLU A 1 90  ? 9.795   11.318  -0.438  1.00 28.84 ? 290 GLU A C   1 
ATOM   571  O O   . GLU A 1 90  ? 10.090  12.433  0.038   1.00 26.33 ? 290 GLU A O   1 
ATOM   572  C CB  . GLU A 1 90  ? 10.142  12.158  -2.780  1.00 32.83 ? 290 GLU A CB  1 
ATOM   573  C CG  . GLU A 1 90  ? 11.637  11.867  -2.850  1.00 34.66 ? 290 GLU A CG  1 
ATOM   574  C CD  . GLU A 1 90  ? 12.284  12.433  -4.122  1.00 38.46 ? 290 GLU A CD  1 
ATOM   575  O OE1 . GLU A 1 90  ? 11.889  13.547  -4.560  1.00 39.62 ? 290 GLU A OE1 1 
ATOM   576  O OE2 . GLU A 1 90  ? 13.151  11.736  -4.704  1.00 39.34 ? 290 GLU A OE2 1 
ATOM   577  N N   . ASP A 1 91  ? 9.809   10.192  0.291   1.00 25.05 ? 291 ASP A N   1 
ATOM   578  C CA  . ASP A 1 91  ? 10.145  10.227  1.693   1.00 25.12 ? 291 ASP A CA  1 
ATOM   579  C C   . ASP A 1 91  ? 11.645  10.092  1.917   1.00 26.10 ? 291 ASP A C   1 
ATOM   580  O O   . ASP A 1 91  ? 12.234  9.036   1.674   1.00 25.44 ? 291 ASP A O   1 
ATOM   581  C CB  . ASP A 1 91  ? 9.439   9.130   2.482   1.00 22.82 ? 291 ASP A CB  1 
ATOM   582  C CG  . ASP A 1 91  ? 9.665   9.271   3.936   1.00 22.36 ? 291 ASP A CG  1 
ATOM   583  O OD1 . ASP A 1 91  ? 10.680  8.783   4.461   1.00 23.21 ? 291 ASP A OD1 1 
ATOM   584  O OD2 . ASP A 1 91  ? 8.827   9.924   4.578   1.00 21.41 ? 291 ASP A OD2 1 
ATOM   585  N N   . THR A 1 92  ? 12.243  11.147  2.467   1.00 28.27 ? 292 THR A N   1 
ATOM   586  C CA  . THR A 1 92  ? 13.686  11.193  2.654   1.00 28.71 ? 292 THR A CA  1 
ATOM   587  C C   . THR A 1 92  ? 14.244  10.010  3.447   1.00 28.83 ? 292 THR A C   1 
ATOM   588  O O   . THR A 1 92  ? 15.303  9.475   3.113   1.00 30.02 ? 292 THR A O   1 
ATOM   589  C CB  . THR A 1 92  ? 14.094  12.503  3.341   1.00 30.51 ? 292 THR A CB  1 
ATOM   590  O OG1 . THR A 1 92  ? 13.281  13.564  2.859   1.00 29.44 ? 292 THR A OG1 1 
ATOM   591  C CG2 . THR A 1 92  ? 15.557  12.850  3.023   1.00 32.26 ? 292 THR A CG2 1 
ATOM   592  N N   . TYR A 1 93  ? 13.535  9.586   4.486   1.00 26.96 ? 293 TYR A N   1 
ATOM   593  C CA  . TYR A 1 93  ? 14.000  8.493   5.305   1.00 26.72 ? 293 TYR A CA  1 
ATOM   594  C C   . TYR A 1 93  ? 13.928  7.165   4.550   1.00 25.21 ? 293 TYR A C   1 
ATOM   595  O O   . TYR A 1 93  ? 14.871  6.368   4.619   1.00 24.82 ? 293 TYR A O   1 
ATOM   596  C CB  . TYR A 1 93  ? 13.234  8.443   6.630   1.00 27.07 ? 293 TYR A CB  1 
ATOM   597  C CG  . TYR A 1 93  ? 13.469  7.208   7.422   1.00 29.78 ? 293 TYR A CG  1 
ATOM   598  C CD1 . TYR A 1 93  ? 14.538  7.098   8.305   1.00 30.21 ? 293 TYR A CD1 1 
ATOM   599  C CD2 . TYR A 1 93  ? 12.605  6.129   7.291   1.00 30.95 ? 293 TYR A CD2 1 
ATOM   600  C CE1 . TYR A 1 93  ? 14.744  5.926   9.026   1.00 35.07 ? 293 TYR A CE1 1 
ATOM   601  C CE2 . TYR A 1 93  ? 12.790  4.967   8.003   1.00 34.41 ? 293 TYR A CE2 1 
ATOM   602  C CZ  . TYR A 1 93  ? 13.855  4.864   8.871   1.00 36.25 ? 293 TYR A CZ  1 
ATOM   603  O OH  . TYR A 1 93  ? 13.998  3.686   9.566   1.00 40.64 ? 293 TYR A OH  1 
ATOM   604  N N   . LEU A 1 94  ? 12.817  6.924   3.841   1.00 23.48 ? 294 LEU A N   1 
ATOM   605  C CA  . LEU A 1 94  ? 12.683  5.691   3.067   1.00 24.24 ? 294 LEU A CA  1 
ATOM   606  C C   . LEU A 1 94  ? 13.686  5.651   1.923   1.00 27.26 ? 294 LEU A C   1 
ATOM   607  O O   . LEU A 1 94  ? 14.150  4.585   1.579   1.00 25.29 ? 294 LEU A O   1 
ATOM   608  C CB  . LEU A 1 94  ? 11.268  5.481   2.529   1.00 24.07 ? 294 LEU A CB  1 
ATOM   609  C CG  . LEU A 1 94  ? 10.170  5.344   3.603   1.00 23.82 ? 294 LEU A CG  1 
ATOM   610  C CD1 . LEU A 1 94  ? 8.830   5.123   2.880   1.00 23.60 ? 294 LEU A CD1 1 
ATOM   611  C CD2 . LEU A 1 94  ? 10.473  4.231   4.582   1.00 25.32 ? 294 LEU A CD2 1 
ATOM   612  N N   . GLN A 1 95  ? 14.003  6.813   1.347   1.00 28.09 ? 295 GLN A N   1 
ATOM   613  C CA  . GLN A 1 95  ? 14.988  6.862   0.261   1.00 32.48 ? 295 GLN A CA  1 
ATOM   614  C C   . GLN A 1 95  ? 16.380  6.509   0.742   1.00 32.35 ? 295 GLN A C   1 
ATOM   615  O O   . GLN A 1 95  ? 17.033  5.655   0.122   1.00 33.04 ? 295 GLN A O   1 
ATOM   616  C CB  . GLN A 1 95  ? 15.024  8.238   -0.354  1.00 34.22 ? 295 GLN A CB  1 
ATOM   617  C CG  . GLN A 1 95  ? 13.916  8.501   -1.334  1.00 36.70 ? 295 GLN A CG  1 
ATOM   618  C CD  . GLN A 1 95  ? 14.218  9.727   -2.158  1.00 39.10 ? 295 GLN A CD  1 
ATOM   619  O OE1 . GLN A 1 95  ? 14.285  10.843  -1.620  1.00 42.04 ? 295 GLN A OE1 1 
ATOM   620  N NE2 . GLN A 1 95  ? 14.409  9.535   -3.460  1.00 35.50 ? 295 GLN A NE2 1 
ATOM   621  N N   . GLU A 1 96  ? 16.810  7.164   1.826   1.00 36.05 ? 296 GLU A N   1 
ATOM   622  C CA  . GLU A 1 96  ? 18.105  6.903   2.484   1.00 38.02 ? 296 GLU A CA  1 
ATOM   623  C C   . GLU A 1 96  ? 18.263  5.414   2.739   1.00 37.54 ? 296 GLU A C   1 
ATOM   624  O O   . GLU A 1 96  ? 19.305  4.833   2.427   1.00 36.91 ? 296 GLU A O   1 
ATOM   625  C CB  . GLU A 1 96  ? 18.235  7.636   3.841   1.00 41.26 ? 296 GLU A CB  1 
ATOM   626  C CG  . GLU A 1 96  ? 18.428  9.147   3.805   1.00 46.23 ? 296 GLU A CG  1 
ATOM   627  C CD  . GLU A 1 96  ? 18.307  9.835   5.179   1.00 52.28 ? 296 GLU A CD  1 
ATOM   628  O OE1 . GLU A 1 96  ? 17.559  9.356   6.068   1.00 53.05 ? 296 GLU A OE1 1 
ATOM   629  O OE2 . GLU A 1 96  ? 18.955  10.889  5.377   1.00 54.98 ? 296 GLU A OE2 1 
ATOM   630  N N   . THR A 1 97  ? 17.210  4.794   3.285   1.00 31.41 ? 297 THR A N   1 
ATOM   631  C CA  . THR A 1 97  ? 17.278  3.424   3.805   1.00 30.91 ? 297 THR A CA  1 
ATOM   632  C C   . THR A 1 97  ? 16.876  2.334   2.806   1.00 29.30 ? 297 THR A C   1 
ATOM   633  O O   . THR A 1 97  ? 16.909  1.161   3.135   1.00 30.66 ? 297 THR A O   1 
ATOM   634  C CB  . THR A 1 97  ? 16.415  3.280   5.081   1.00 30.48 ? 297 THR A CB  1 
ATOM   635  O OG1 . THR A 1 97  ? 15.058  3.640   4.791   1.00 28.39 ? 297 THR A OG1 1 
ATOM   636  C CG2 . THR A 1 97  ? 16.930  4.172   6.193   1.00 31.49 ? 297 THR A CG2 1 
ATOM   637  N N   . GLN A 1 98  ? 16.472  2.719   1.604   1.00 28.71 ? 298 GLN A N   1 
ATOM   638  C CA  . GLN A 1 98  ? 16.049  1.776   0.576   1.00 32.04 ? 298 GLN A CA  1 
ATOM   639  C C   . GLN A 1 98  ? 14.839  0.946   1.030   1.00 30.25 ? 298 GLN A C   1 
ATOM   640  O O   . GLN A 1 98  ? 14.787  -0.269  0.869   1.00 29.13 ? 298 GLN A O   1 
ATOM   641  C CB  . GLN A 1 98  ? 17.218  0.885   0.153   1.00 35.58 ? 298 GLN A CB  1 
ATOM   642  C CG  . GLN A 1 98  ? 18.474  1.685   -0.141  1.00 40.04 ? 298 GLN A CG  1 
ATOM   643  C CD  . GLN A 1 98  ? 19.539  0.874   -0.846  1.00 43.38 ? 298 GLN A CD  1 
ATOM   644  O OE1 . GLN A 1 98  ? 19.876  -0.236  -0.426  1.00 48.49 ? 298 GLN A OE1 1 
ATOM   645  N NE2 . GLN A 1 98  ? 20.076  1.425   -1.924  1.00 45.49 ? 298 GLN A NE2 1 
ATOM   646  N N   . GLY A 1 99  ? 13.858  1.639   1.596   1.00 29.55 ? 299 GLY A N   1 
ATOM   647  C CA  . GLY A 1 99  ? 12.606  1.006   2.005   1.00 29.92 ? 299 GLY A CA  1 
ATOM   648  C C   . GLY A 1 99  ? 12.420  0.853   3.507   1.00 33.27 ? 299 GLY A C   1 
ATOM   649  O O   . GLY A 1 99  ? 11.474  0.198   3.948   1.00 28.26 ? 299 GLY A O   1 
ATOM   650  N N   . GLY A 1 100 ? 13.306  1.434   4.305   1.00 33.47 ? 300 GLY A N   1 
ATOM   651  C CA  . GLY A 1 100 ? 13.155  1.390   5.777   1.00 33.72 ? 300 GLY A CA  1 
ATOM   652  C C   . GLY A 1 100 ? 13.183  -0.018  6.350   1.00 33.09 ? 300 GLY A C   1 
ATOM   653  O O   . GLY A 1 100 ? 13.743  -0.935  5.750   1.00 33.30 ? 300 GLY A O   1 
ATOM   654  N N   . ARG A 1 101 ? 12.545  -0.195  7.508   1.00 31.87 ? 301 ARG A N   1 
ATOM   655  C CA  . ARG A 1 101 ? 12.375  -1.523  8.116   1.00 31.80 ? 301 ARG A CA  1 
ATOM   656  C C   . ARG A 1 101 ? 11.505  -2.469  7.279   1.00 28.04 ? 301 ARG A C   1 
ATOM   657  O O   . ARG A 1 101 ? 11.492  -3.674  7.494   1.00 27.11 ? 301 ARG A O   1 
ATOM   658  C CB  . ARG A 1 101 ? 11.736  -1.385  9.502   1.00 34.82 ? 301 ARG A CB  1 
ATOM   659  C CG  . ARG A 1 101 ? 10.295  -0.917  9.460   1.00 36.74 ? 301 ARG A CG  1 
ATOM   660  C CD  . ARG A 1 101 ? 9.655   -0.941  10.829  1.00 40.93 ? 301 ARG A CD  1 
ATOM   661  N NE  . ARG A 1 101 ? 10.228  0.063   11.720  1.00 44.13 ? 301 ARG A NE  1 
ATOM   662  C CZ  . ARG A 1 101 ? 11.030  -0.191  12.754  1.00 49.86 ? 301 ARG A CZ  1 
ATOM   663  N NH1 . ARG A 1 101 ? 11.390  -1.439  13.055  1.00 51.71 ? 301 ARG A NH1 1 
ATOM   664  N NH2 . ARG A 1 101 ? 11.481  0.820   13.503  1.00 51.60 ? 301 ARG A NH2 1 
ATOM   665  N N   . TYR A 1 102 ? 10.774  -1.907  6.327   1.00 26.74 ? 302 TYR A N   1 
ATOM   666  C CA  . TYR A 1 102 ? 9.882   -2.699  5.454   1.00 25.91 ? 302 TYR A CA  1 
ATOM   667  C C   . TYR A 1 102 ? 10.677  -3.639  4.544   1.00 30.27 ? 302 TYR A C   1 
ATOM   668  O O   . TYR A 1 102 ? 10.137  -4.650  4.112   1.00 28.09 ? 302 TYR A O   1 
ATOM   669  C CB  . TYR A 1 102 ? 8.938   -1.769  4.689   1.00 24.61 ? 302 TYR A CB  1 
ATOM   670  C CG  . TYR A 1 102 ? 8.409   -0.749  5.650   1.00 23.70 ? 302 TYR A CG  1 
ATOM   671  C CD1 . TYR A 1 102 ? 7.581   -1.142  6.693   1.00 23.60 ? 302 TYR A CD1 1 
ATOM   672  C CD2 . TYR A 1 102 ? 8.804   0.570   5.592   1.00 22.39 ? 302 TYR A CD2 1 
ATOM   673  C CE1 . TYR A 1 102 ? 7.150   -0.244  7.646   1.00 22.74 ? 302 TYR A CE1 1 
ATOM   674  C CE2 . TYR A 1 102 ? 8.380   1.479   6.528   1.00 22.50 ? 302 TYR A CE2 1 
ATOM   675  C CZ  . TYR A 1 102 ? 7.527   1.072   7.537   1.00 23.08 ? 302 TYR A CZ  1 
ATOM   676  O OH  . TYR A 1 102 ? 7.152   2.009   8.440   1.00 24.49 ? 302 TYR A OH  1 
ATOM   677  N N   . ARG A 1 103 ? 11.959  -3.317  4.294   1.00 35.55 ? 303 ARG A N   1 
ATOM   678  C CA  . ARG A 1 103 ? 12.888  -4.216  3.559   1.00 37.72 ? 303 ARG A CA  1 
ATOM   679  C C   . ARG A 1 103 ? 12.981  -5.570  4.201   1.00 39.13 ? 303 ARG A C   1 
ATOM   680  O O   . ARG A 1 103 ? 13.208  -6.585  3.516   1.00 39.50 ? 303 ARG A O   1 
ATOM   681  C CB  . ARG A 1 103 ? 14.322  -3.698  3.606   1.00 42.90 ? 303 ARG A CB  1 
ATOM   682  C CG  . ARG A 1 103 ? 14.617  -2.443  2.844   1.00 48.39 ? 303 ARG A CG  1 
ATOM   683  C CD  . ARG A 1 103 ? 16.017  -1.983  3.216   1.00 54.92 ? 303 ARG A CD  1 
ATOM   684  N NE  . ARG A 1 103 ? 16.094  -1.624  4.633   1.00 60.36 ? 303 ARG A NE  1 
ATOM   685  C CZ  . ARG A 1 103 ? 17.190  -1.184  5.248   1.00 64.30 ? 303 ARG A CZ  1 
ATOM   686  N NH1 . ARG A 1 103 ? 18.329  -1.025  4.575   1.00 66.33 ? 303 ARG A NH1 1 
ATOM   687  N NH2 . ARG A 1 103 ? 17.140  -0.890  6.546   1.00 66.22 ? 303 ARG A NH2 1 
ATOM   688  N N   . HIS A 1 104 ? 12.881  -5.558  5.527   1.00 34.67 ? 304 HIS A N   1 
ATOM   689  C CA  . HIS A 1 104 ? 13.064  -6.732  6.354   1.00 37.68 ? 304 HIS A CA  1 
ATOM   690  C C   . HIS A 1 104 ? 11.736  -7.243  6.856   1.00 35.45 ? 304 HIS A C   1 
ATOM   691  O O   . HIS A 1 104 ? 11.679  -7.897  7.897   1.00 32.77 ? 304 HIS A O   1 
ATOM   692  C CB  . HIS A 1 104 ? 13.951  -6.395  7.550   1.00 40.86 ? 304 HIS A CB  1 
ATOM   693  C CG  . HIS A 1 104 ? 15.244  -5.749  7.166   1.00 46.47 ? 304 HIS A CG  1 
ATOM   694  N ND1 . HIS A 1 104 ? 15.662  -4.545  7.694   1.00 48.31 ? 304 HIS A ND1 1 
ATOM   695  C CD2 . HIS A 1 104 ? 16.197  -6.126  6.282   1.00 48.43 ? 304 HIS A CD2 1 
ATOM   696  C CE1 . HIS A 1 104 ? 16.828  -4.221  7.165   1.00 51.59 ? 304 HIS A CE1 1 
ATOM   697  N NE2 . HIS A 1 104 ? 17.171  -5.160  6.300   1.00 53.34 ? 304 HIS A NE2 1 
ATOM   698  N N   . GLN A 1 105 ? 10.674  -6.927  6.116   1.00 35.38 ? 305 GLN A N   1 
ATOM   699  C CA  . GLN A 1 105 ? 9.337   -7.464  6.374   1.00 34.57 ? 305 GLN A CA  1 
ATOM   700  C C   . GLN A 1 105 ? 8.782   -7.105  7.726   1.00 33.06 ? 305 GLN A C   1 
ATOM   701  O O   . GLN A 1 105 ? 8.104   -7.922  8.349   1.00 33.26 ? 305 GLN A O   1 
ATOM   702  C CB  . GLN A 1 105 ? 9.293   -8.986  6.182   1.00 39.99 ? 305 GLN A CB  1 
ATOM   703  C CG  . GLN A 1 105 ? 9.195   -9.386  4.723   1.00 45.00 ? 305 GLN A CG  1 
ATOM   704  C CD  . GLN A 1 105 ? 8.986   -10.878 4.510   1.00 51.12 ? 305 GLN A CD  1 
ATOM   705  O OE1 . GLN A 1 105 ? 9.178   -11.691 5.418   1.00 53.29 ? 305 GLN A OE1 1 
ATOM   706  N NE2 . GLN A 1 105 ? 8.576   -11.241 3.298   1.00 53.54 ? 305 GLN A NE2 1 
ATOM   707  N N   . GLU A 1 106 ? 9.059   -5.898  8.199   1.00 28.84 ? 306 GLU A N   1 
ATOM   708  C CA  . GLU A 1 106 ? 8.459   -5.457  9.446   1.00 27.21 ? 306 GLU A CA  1 
ATOM   709  C C   . GLU A 1 106 ? 7.331   -4.490  9.136   1.00 22.64 ? 306 GLU A C   1 
ATOM   710  O O   . GLU A 1 106 ? 7.303   -3.858  8.068   1.00 21.83 ? 306 GLU A O   1 
ATOM   711  C CB  . GLU A 1 106 ? 9.495   -4.796  10.323  1.00 29.92 ? 306 GLU A CB  1 
ATOM   712  C CG  . GLU A 1 106 ? 10.575  -5.768  10.747  1.00 33.57 ? 306 GLU A CG  1 
ATOM   713  C CD  . GLU A 1 106 ? 11.619  -5.134  11.626  1.00 36.58 ? 306 GLU A CD  1 
ATOM   714  O OE1 . GLU A 1 106 ? 11.562  -3.909  11.814  1.00 39.88 ? 306 GLU A OE1 1 
ATOM   715  O OE2 . GLU A 1 106 ? 12.499  -5.868  12.119  1.00 41.41 ? 306 GLU A OE2 1 
ATOM   716  N N   . SER A 1 107 ? 6.449   -4.348  10.121  1.00 21.85 ? 307 SER A N   1 
ATOM   717  C CA  A SER A 1 107 ? 5.255   -3.491  10.050  0.50 20.95 ? 307 SER A CA  1 
ATOM   718  C CA  B SER A 1 107 ? 5.309   -3.455  9.979   0.50 20.44 ? 307 SER A CA  1 
ATOM   719  C C   . SER A 1 107 ? 5.372   -2.362  11.058  1.00 18.29 ? 307 SER A C   1 
ATOM   720  O O   . SER A 1 107 ? 6.124   -2.463  12.029  1.00 20.99 ? 307 SER A O   1 
ATOM   721  C CB  A SER A 1 107 ? 3.996   -4.301  10.353  0.50 20.58 ? 307 SER A CB  1 
ATOM   722  C CB  B SER A 1 107 ? 4.015   -4.268  10.005  0.50 19.50 ? 307 SER A CB  1 
ATOM   723  O OG  A SER A 1 107 ? 3.673   -4.351  11.743  0.50 22.54 ? 307 SER A OG  1 
ATOM   724  O OG  B SER A 1 107 ? 3.945   -5.205  8.893   0.50 19.87 ? 307 SER A OG  1 
ATOM   725  N N   . THR A 1 108 ? 4.606   -1.304  10.838  1.00 15.54 ? 308 THR A N   1 
ATOM   726  C CA  . THR A 1 108 ? 4.608   -0.133  11.686  1.00 13.64 ? 308 THR A CA  1 
ATOM   727  C C   . THR A 1 108 ? 3.185   0.182   12.153  1.00 12.66 ? 308 THR A C   1 
ATOM   728  O O   . THR A 1 108 ? 2.284   0.272   11.332  1.00 12.56 ? 308 THR A O   1 
ATOM   729  C CB  . THR A 1 108 ? 5.125   1.067   10.916  1.00 16.00 ? 308 THR A CB  1 
ATOM   730  O OG1 . THR A 1 108 ? 6.519   0.843   10.648  1.00 18.99 ? 308 THR A OG1 1 
ATOM   731  C CG2 . THR A 1 108 ? 5.004   2.349   11.702  1.00 17.64 ? 308 THR A CG2 1 
ATOM   732  N N   . VAL A 1 109 ? 3.047   0.385   13.455  1.00 12.78 ? 309 VAL A N   1 
ATOM   733  C CA  . VAL A 1 109 ? 1.728   0.626   14.020  1.00 11.54 ? 309 VAL A CA  1 
ATOM   734  C C   . VAL A 1 109 ? 1.843   1.884   14.887  1.00 11.80 ? 309 VAL A C   1 
ATOM   735  O O   . VAL A 1 109 ? 2.686   1.945   15.793  1.00 13.18 ? 309 VAL A O   1 
ATOM   736  C CB  . VAL A 1 109 ? 1.225   -0.584  14.843  1.00 12.11 ? 309 VAL A CB  1 
ATOM   737  C CG1 . VAL A 1 109 ? -0.096  -0.191  15.522  1.00 12.87 ? 309 VAL A CG1 1 
ATOM   738  C CG2 . VAL A 1 109 ? 1.147   -1.839  13.971  1.00 13.08 ? 309 VAL A CG2 1 
ATOM   739  N N   . VAL A 1 110 ? 1.064   2.909   14.551  1.00 10.53 ? 310 VAL A N   1 
ATOM   740  C CA  . VAL A 1 110 ? 1.119   4.210   15.226  1.00 10.56 ? 310 VAL A CA  1 
ATOM   741  C C   . VAL A 1 110 ? -0.291  4.635   15.658  1.00 11.16 ? 310 VAL A C   1 
ATOM   742  O O   . VAL A 1 110 ? -1.173  4.913   14.833  1.00 10.23 ? 310 VAL A O   1 
ATOM   743  C CB  . VAL A 1 110 ? 1.702   5.284   14.294  1.00 12.13 ? 310 VAL A CB  1 
ATOM   744  C CG1 . VAL A 1 110 ? 1.592   6.679   14.885  1.00 13.19 ? 310 VAL A CG1 1 
ATOM   745  C CG2 . VAL A 1 110 ? 3.156   4.945   13.930  1.00 12.99 ? 310 VAL A CG2 1 
ATOM   746  N N   . ASN A 1 111 ? -0.483  4.686   16.965  1.00 11.66 ? 311 ASN A N   1 
ATOM   747  C CA  . ASN A 1 111 ? -1.825  5.023   17.509  1.00 12.74 ? 311 ASN A CA  1 
ATOM   748  C C   . ASN A 1 111 ? -2.099  6.516   17.492  1.00 13.91 ? 311 ASN A C   1 
ATOM   749  O O   . ASN A 1 111 ? -3.256  6.952   17.446  1.00 13.29 ? 311 ASN A O   1 
ATOM   750  C CB  . ASN A 1 111 ? -1.956  4.539   18.950  1.00 13.31 ? 311 ASN A CB  1 
ATOM   751  C CG  . ASN A 1 111 ? -1.786  3.066   19.116  1.00 14.91 ? 311 ASN A CG  1 
ATOM   752  O OD1 . ASN A 1 111 ? -1.896  2.278   18.184  1.00 15.27 ? 311 ASN A OD1 1 
ATOM   753  N ND2 . ASN A 1 111 ? -1.608  2.663   20.357  1.00 17.01 ? 311 ASN A ND2 1 
ATOM   754  N N   . ASP A 1 112 ? -1.028  7.311   17.493  1.00 13.45 ? 312 ASP A N   1 
ATOM   755  C CA  . ASP A 1 112 ? -1.134  8.780   17.511  1.00 14.02 ? 312 ASP A CA  1 
ATOM   756  C C   . ASP A 1 112 ? 0.153   9.334   16.919  1.00 13.68 ? 312 ASP A C   1 
ATOM   757  O O   . ASP A 1 112 ? 1.214   9.203   17.514  1.00 13.90 ? 312 ASP A O   1 
ATOM   758  C CB  . ASP A 1 112 ? -1.333  9.225   18.964  1.00 15.13 ? 312 ASP A CB  1 
ATOM   759  C CG  . ASP A 1 112 ? -1.392  10.734  19.149  1.00 14.85 ? 312 ASP A CG  1 
ATOM   760  O OD1 . ASP A 1 112 ? -1.184  11.500  18.214  1.00 16.22 ? 312 ASP A OD1 1 
ATOM   761  O OD2 . ASP A 1 112 ? -1.653  11.145  20.322  1.00 19.64 ? 312 ASP A OD2 1 
ATOM   762  N N   . ILE A 1 113 ? 0.082   9.983   15.781  1.00 13.75 ? 313 ILE A N   1 
ATOM   763  C CA  . ILE A 1 113 ? 1.285   10.483  15.128  1.00 13.78 ? 313 ILE A CA  1 
ATOM   764  C C   . ILE A 1 113 ? 2.049   11.474  16.014  1.00 14.22 ? 313 ILE A C   1 
ATOM   765  O O   . ILE A 1 113 ? 3.258   11.606  15.865  1.00 15.58 ? 313 ILE A O   1 
ATOM   766  C CB  . ILE A 1 113 ? 1.011   11.110  13.752  1.00 14.45 ? 313 ILE A CB  1 
ATOM   767  C CG1 . ILE A 1 113 ? 0.087   12.343  13.869  1.00 14.67 ? 313 ILE A CG1 1 
ATOM   768  C CG2 . ILE A 1 113 ? 0.446   10.062  12.785  1.00 14.94 ? 313 ILE A CG2 1 
ATOM   769  C CD1 . ILE A 1 113 ? 0.080   13.167  12.617  1.00 15.32 ? 313 ILE A CD1 1 
ATOM   770  N N   . TYR A 1 114 ? 1.352   12.181  16.903  1.00 14.95 ? 314 TYR A N   1 
ATOM   771  C CA  . TYR A 1 114 ? 2.036   13.162  17.755  1.00 17.62 ? 314 TYR A CA  1 
ATOM   772  C C   . TYR A 1 114 ? 2.767   12.496  18.906  1.00 19.45 ? 314 TYR A C   1 
ATOM   773  O O   . TYR A 1 114 ? 3.549   13.162  19.580  1.00 21.19 ? 314 TYR A O   1 
ATOM   774  C CB  . TYR A 1 114 ? 1.058   14.240  18.214  1.00 17.47 ? 314 TYR A CB  1 
ATOM   775  C CG  . TYR A 1 114 ? 0.479   14.943  17.018  1.00 17.59 ? 314 TYR A CG  1 
ATOM   776  C CD1 . TYR A 1 114 ? 1.261   15.783  16.226  1.00 19.16 ? 314 TYR A CD1 1 
ATOM   777  C CD2 . TYR A 1 114 ? -0.815  14.714  16.635  1.00 20.08 ? 314 TYR A CD2 1 
ATOM   778  C CE1 . TYR A 1 114 ? 0.752   16.415  15.102  1.00 19.63 ? 314 TYR A CE1 1 
ATOM   779  C CE2 . TYR A 1 114 ? -1.337  15.310  15.506  1.00 20.31 ? 314 TYR A CE2 1 
ATOM   780  C CZ  . TYR A 1 114 ? -0.556  16.161  14.746  1.00 19.65 ? 314 TYR A CZ  1 
ATOM   781  O OH  . TYR A 1 114 ? -1.103  16.749  13.618  1.00 22.51 ? 314 TYR A OH  1 
ATOM   782  N N   . GLU A 1 115 ? 2.521   11.217  19.150  1.00 18.19 ? 315 GLU A N   1 
ATOM   783  C CA  . GLU A 1 115 ? 3.270   10.465  20.178  1.00 20.33 ? 315 GLU A CA  1 
ATOM   784  C C   . GLU A 1 115 ? 4.385   9.625   19.623  1.00 18.39 ? 315 GLU A C   1 
ATOM   785  O O   . GLU A 1 115 ? 5.118   8.987   20.388  1.00 19.70 ? 315 GLU A O   1 
ATOM   786  C CB  . GLU A 1 115 ? 2.328   9.562   20.961  1.00 22.74 ? 315 GLU A CB  1 
ATOM   787  C CG  . GLU A 1 115 ? 1.273   10.325  21.744  1.00 28.29 ? 315 GLU A CG  1 
ATOM   788  C CD  . GLU A 1 115 ? 1.858   11.101  22.902  1.00 34.60 ? 315 GLU A CD  1 
ATOM   789  O OE1 . GLU A 1 115 ? 2.519   10.473  23.754  1.00 40.68 ? 315 GLU A OE1 1 
ATOM   790  O OE2 . GLU A 1 115 ? 1.669   12.331  22.952  1.00 39.87 ? 315 GLU A OE2 1 
ATOM   791  N N   . ALA A 1 116 ? 4.569   9.659   18.314  1.00 17.27 ? 316 ALA A N   1 
ATOM   792  C CA  . ALA A 1 116 ? 5.435   8.762   17.616  1.00 17.96 ? 316 ALA A CA  1 
ATOM   793  C C   . ALA A 1 116 ? 6.879   9.262   17.626  1.00 19.56 ? 316 ALA A C   1 
ATOM   794  O O   . ALA A 1 116 ? 7.755   8.494   17.283  1.00 20.95 ? 316 ALA A O   1 
ATOM   795  C CB  . ALA A 1 116 ? 4.964   8.593   16.188  1.00 18.95 ? 316 ALA A CB  1 
ATOM   796  N N   . GLY A 1 117 ? 7.081   10.540  17.925  1.00 18.39 ? 317 GLY A N   1 
ATOM   797  C CA  . GLY A 1 117 ? 8.443   11.095  17.942  1.00 18.98 ? 317 GLY A CA  1 
ATOM   798  C C   . GLY A 1 117 ? 8.990   11.368  16.561  1.00 18.88 ? 317 GLY A C   1 
ATOM   799  O O   . GLY A 1 117 ? 10.115  11.020  16.216  1.00 20.10 ? 317 GLY A O   1 
ATOM   800  N N   . TYR A 1 118 ? 8.162   11.974  15.721  1.00 16.81 ? 318 TYR A N   1 
ATOM   801  C CA  . TYR A 1 118 ? 8.537   12.291  14.372  1.00 16.26 ? 318 TYR A CA  1 
ATOM   802  C C   . TYR A 1 118 ? 9.099   13.697  14.263  1.00 16.85 ? 318 TYR A C   1 
ATOM   803  O O   . TYR A 1 118 ? 8.865   14.559  15.142  1.00 17.92 ? 318 TYR A O   1 
ATOM   804  C CB  . TYR A 1 118 ? 7.279   12.197  13.503  1.00 16.07 ? 318 TYR A CB  1 
ATOM   805  C CG  . TYR A 1 118 ? 6.747   10.776  13.242  1.00 15.84 ? 318 TYR A CG  1 
ATOM   806  C CD1 . TYR A 1 118 ? 7.554   9.641   13.377  1.00 15.58 ? 318 TYR A CD1 1 
ATOM   807  C CD2 . TYR A 1 118 ? 5.433   10.583  12.834  1.00 15.67 ? 318 TYR A CD2 1 
ATOM   808  C CE1 . TYR A 1 118 ? 7.071   8.353   13.133  1.00 16.04 ? 318 TYR A CE1 1 
ATOM   809  C CE2 . TYR A 1 118 ? 4.960   9.301   12.537  1.00 16.19 ? 318 TYR A CE2 1 
ATOM   810  C CZ  . TYR A 1 118 ? 5.780   8.194   12.681  1.00 16.23 ? 318 TYR A CZ  1 
ATOM   811  O OH  . TYR A 1 118 ? 5.395   6.901   12.415  1.00 16.29 ? 318 TYR A OH  1 
ATOM   812  N N   . PHE A 1 119 ? 9.788   13.942  13.162  1.00 18.34 ? 319 PHE A N   1 
ATOM   813  C CA  . PHE A 1 119 ? 10.241  15.292  12.822  1.00 19.87 ? 319 PHE A CA  1 
ATOM   814  C C   . PHE A 1 119 ? 9.125   16.100  12.169  1.00 21.36 ? 319 PHE A C   1 
ATOM   815  O O   . PHE A 1 119 ? 8.258   15.548  11.469  1.00 19.30 ? 319 PHE A O   1 
ATOM   816  C CB  . PHE A 1 119 ? 11.475  15.250  11.909  1.00 20.48 ? 319 PHE A CB  1 
ATOM   817  C CG  . PHE A 1 119 ? 12.747  14.827  12.618  1.00 18.62 ? 319 PHE A CG  1 
ATOM   818  C CD1 . PHE A 1 119 ? 13.271  15.606  13.612  1.00 19.76 ? 319 PHE A CD1 1 
ATOM   819  C CD2 . PHE A 1 119 ? 13.420  13.647  12.277  1.00 19.44 ? 319 PHE A CD2 1 
ATOM   820  C CE1 . PHE A 1 119 ? 14.436  15.206  14.272  1.00 19.20 ? 319 PHE A CE1 1 
ATOM   821  C CE2 . PHE A 1 119 ? 14.605  13.262  12.916  1.00 21.73 ? 319 PHE A CE2 1 
ATOM   822  C CZ  . PHE A 1 119 ? 15.092  14.059  13.923  1.00 19.28 ? 319 PHE A CZ  1 
ATOM   823  N N   . SER A 1 120 ? 9.146   17.412  12.397  1.00 20.81 ? 320 SER A N   1 
ATOM   824  C CA  . SER A 1 120 ? 8.173   18.360  11.800  1.00 22.84 ? 320 SER A CA  1 
ATOM   825  C C   . SER A 1 120 ? 7.865   18.163  10.334  1.00 22.64 ? 320 SER A C   1 
ATOM   826  O O   . SER A 1 120 ? 6.702   18.184  9.935   1.00 22.94 ? 320 SER A O   1 
ATOM   827  C CB  . SER A 1 120 ? 8.657   19.805  11.986  1.00 24.43 ? 320 SER A CB  1 
ATOM   828  O OG  . SER A 1 120 ? 8.821   20.061  13.351  1.00 31.06 ? 320 SER A OG  1 
ATOM   829  N N   . CYS A 1 121 ? 8.872   17.974  9.500   1.00 23.71 ? 321 CYS A N   1 
ATOM   830  C CA  . CYS A 1 121 ? 8.588   17.950  8.073   1.00 25.66 ? 321 CYS A CA  1 
ATOM   831  C C   . CYS A 1 121 ? 7.847   16.661  7.690   1.00 23.41 ? 321 CYS A C   1 
ATOM   832  O O   . CYS A 1 121 ? 7.079   16.654  6.738   1.00 24.78 ? 321 CYS A O   1 
ATOM   833  C CB  . CYS A 1 121 ? 9.841   18.112  7.247   1.00 28.59 ? 321 CYS A CB  1 
ATOM   834  S SG  . CYS A 1 121 ? 11.030  16.895  7.729   1.00 39.05 ? 321 CYS A SG  1 
ATOM   835  N N   . HIS A 1 122 ? 8.042   15.603  8.474   1.00 20.58 ? 322 HIS A N   1 
ATOM   836  C CA  . HIS A 1 122 ? 7.284   14.349  8.284   1.00 19.38 ? 322 HIS A CA  1 
ATOM   837  C C   . HIS A 1 122 ? 5.841   14.510  8.777   1.00 19.10 ? 322 HIS A C   1 
ATOM   838  O O   . HIS A 1 122 ? 4.885   14.192  8.049   1.00 18.34 ? 322 HIS A O   1 
ATOM   839  C CB  . HIS A 1 122 ? 8.004   13.213  9.002   1.00 18.72 ? 322 HIS A CB  1 
ATOM   840  C CG  . HIS A 1 122 ? 7.345   11.862  8.891   1.00 18.01 ? 322 HIS A CG  1 
ATOM   841  N ND1 . HIS A 1 122 ? 7.629   10.862  9.783   1.00 17.58 ? 322 HIS A ND1 1 
ATOM   842  C CD2 . HIS A 1 122 ? 6.437   11.335  8.017   1.00 17.27 ? 322 HIS A CD2 1 
ATOM   843  C CE1 . HIS A 1 122 ? 6.944   9.772   9.476   1.00 17.92 ? 322 HIS A CE1 1 
ATOM   844  N NE2 . HIS A 1 122 ? 6.206   10.036  8.423   1.00 17.13 ? 322 HIS A NE2 1 
ATOM   845  N N   . LEU A 1 123 ? 5.665   15.035  9.987   1.00 19.96 ? 323 LEU A N   1 
ATOM   846  C CA  . LEU A 1 123 ? 4.341   15.376  10.507  1.00 18.96 ? 323 LEU A CA  1 
ATOM   847  C C   . LEU A 1 123 ? 3.504   16.252  9.559   1.00 19.85 ? 323 LEU A C   1 
ATOM   848  O O   . LEU A 1 123 ? 2.283   16.079  9.440   1.00 20.21 ? 323 LEU A O   1 
ATOM   849  C CB  . LEU A 1 123 ? 4.458   16.037  11.860  1.00 19.69 ? 323 LEU A CB  1 
ATOM   850  C CG  . LEU A 1 123 ? 4.913   15.150  12.996  1.00 19.35 ? 323 LEU A CG  1 
ATOM   851  C CD1 . LEU A 1 123 ? 5.431   15.995  14.150  1.00 21.24 ? 323 LEU A CD1 1 
ATOM   852  C CD2 . LEU A 1 123 ? 3.746   14.250  13.443  1.00 19.44 ? 323 LEU A CD2 1 
ATOM   853  N N   . GLU A 1 124 ? 4.158   17.227  8.923   1.00 20.64 ? 324 GLU A N   1 
ATOM   854  C CA  . GLU A 1 124 ? 3.482   18.120  7.976   1.00 22.27 ? 324 GLU A CA  1 
ATOM   855  C C   . GLU A 1 124 ? 2.864   17.348  6.816   1.00 20.90 ? 324 GLU A C   1 
ATOM   856  O O   . GLU A 1 124 ? 1.781   17.679  6.354   1.00 23.11 ? 324 GLU A O   1 
ATOM   857  C CB  . GLU A 1 124 ? 4.450   19.200  7.490   1.00 25.67 ? 324 GLU A CB  1 
ATOM   858  C CG  . GLU A 1 124 ? 4.639   20.262  8.554   1.00 30.75 ? 324 GLU A CG  1 
ATOM   859  C CD  . GLU A 1 124 ? 5.768   21.213  8.211   1.00 34.61 ? 324 GLU A CD  1 
ATOM   860  O OE1 . GLU A 1 124 ? 5.848   21.624  7.036   1.00 36.62 ? 324 GLU A OE1 1 
ATOM   861  O OE2 . GLU A 1 124 ? 6.570   21.534  9.123   1.00 42.11 ? 324 GLU A OE2 1 
ATOM   862  N N   . ILE A 1 125 ? 3.550   16.317  6.368   1.00 19.55 ? 325 ILE A N   1 
ATOM   863  C CA  . ILE A 1 125 ? 3.056   15.509  5.265   1.00 18.93 ? 325 ILE A CA  1 
ATOM   864  C C   . ILE A 1 125 ? 1.875   14.667  5.759   1.00 18.94 ? 325 ILE A C   1 
ATOM   865  O O   . ILE A 1 125 ? 0.823   14.601  5.113   1.00 17.47 ? 325 ILE A O   1 
ATOM   866  C CB  . ILE A 1 125 ? 4.154   14.670  4.649   1.00 21.82 ? 325 ILE A CB  1 
ATOM   867  C CG1 . ILE A 1 125 ? 5.224   15.609  4.057   1.00 23.16 ? 325 ILE A CG1 1 
ATOM   868  C CG2 . ILE A 1 125 ? 3.585   13.749  3.577   1.00 21.75 ? 325 ILE A CG2 1 
ATOM   869  C CD1 . ILE A 1 125 ? 6.480   14.886  3.715   1.00 26.11 ? 325 ILE A CD1 1 
ATOM   870  N N   . LEU A 1 126 ? 2.027   14.062  6.926   1.00 16.72 ? 326 LEU A N   1 
ATOM   871  C CA  . LEU A 1 126 ? 0.920   13.294  7.527   1.00 16.13 ? 326 LEU A CA  1 
ATOM   872  C C   . LEU A 1 126 ? -0.339  14.163  7.706   1.00 17.27 ? 326 LEU A C   1 
ATOM   873  O O   . LEU A 1 126 ? -1.462  13.740  7.387   1.00 17.14 ? 326 LEU A O   1 
ATOM   874  C CB  . LEU A 1 126 ? 1.370   12.665  8.847   1.00 16.88 ? 326 LEU A CB  1 
ATOM   875  C CG  . LEU A 1 126 ? 2.525   11.675  8.726   1.00 17.12 ? 326 LEU A CG  1 
ATOM   876  C CD1 . LEU A 1 126 ? 3.110   11.364  10.096  1.00 17.27 ? 326 LEU A CD1 1 
ATOM   877  C CD2 . LEU A 1 126 ? 2.067   10.382  8.074   1.00 17.69 ? 326 LEU A CD2 1 
ATOM   878  N N   . GLU A 1 127 ? -0.156  15.402  8.167   1.00 18.80 ? 327 GLU A N   1 
ATOM   879  C CA  . GLU A 1 127 ? -1.280  16.322  8.338   1.00 20.29 ? 327 GLU A CA  1 
ATOM   880  C C   . GLU A 1 127 ? -1.943  16.736  7.017   1.00 21.21 ? 327 GLU A C   1 
ATOM   881  O O   . GLU A 1 127 ? -3.185  16.869  6.946   1.00 22.25 ? 327 GLU A O   1 
ATOM   882  C CB  . GLU A 1 127 ? -0.778  17.557  9.102   1.00 20.68 ? 327 GLU A CB  1 
ATOM   883  C CG  . GLU A 1 127 ? -0.523  17.293  10.569  1.00 21.76 ? 327 GLU A CG  1 
ATOM   884  C CD  . GLU A 1 127 ? 0.260   18.395  11.269  1.00 24.57 ? 327 GLU A CD  1 
ATOM   885  O OE1 . GLU A 1 127 ? 0.780   19.283  10.562  1.00 29.96 ? 327 GLU A OE1 1 
ATOM   886  O OE2 . GLU A 1 127 ? 0.328   18.372  12.518  1.00 25.58 ? 327 GLU A OE2 1 
ATOM   887  N N   . GLN A 1 128 ? -1.132  16.951  5.976   1.00 21.70 ? 328 GLN A N   1 
ATOM   888  C CA  . GLN A 1 128 ? -1.627  17.211  4.613   1.00 24.80 ? 328 GLN A CA  1 
ATOM   889  C C   . GLN A 1 128 ? -2.524  16.066  4.094   1.00 24.34 ? 328 GLN A C   1 
ATOM   890  O O   . GLN A 1 128 ? -3.468  16.295  3.312   1.00 22.93 ? 328 GLN A O   1 
ATOM   891  C CB  . GLN A 1 128 ? -0.446  17.466  3.693   1.00 29.09 ? 328 GLN A CB  1 
ATOM   892  C CG  . GLN A 1 128 ? -0.762  17.593  2.225   1.00 35.26 ? 328 GLN A CG  1 
ATOM   893  C CD  . GLN A 1 128 ? 0.481   17.840  1.394   1.00 40.41 ? 328 GLN A CD  1 
ATOM   894  O OE1 . GLN A 1 128 ? 1.578   18.065  1.924   1.00 44.36 ? 328 GLN A OE1 1 
ATOM   895  N NE2 . GLN A 1 128 ? 0.317   17.787  0.077   1.00 44.56 ? 328 GLN A NE2 1 
ATOM   896  N N   . PHE A 1 129 ? -2.269  14.846  4.567   1.00 20.49 ? 329 PHE A N   1 
ATOM   897  C CA  . PHE A 1 129 ? -3.108  13.686  4.207   1.00 21.11 ? 329 PHE A CA  1 
ATOM   898  C C   . PHE A 1 129 ? -4.182  13.401  5.242   1.00 19.74 ? 329 PHE A C   1 
ATOM   899  O O   . PHE A 1 129 ? -4.970  12.424  5.091   1.00 19.50 ? 329 PHE A O   1 
ATOM   900  C CB  . PHE A 1 129 ? -2.234  12.432  3.975   1.00 20.75 ? 329 PHE A CB  1 
ATOM   901  C CG  . PHE A 1 129 ? -1.213  12.591  2.875   1.00 21.43 ? 329 PHE A CG  1 
ATOM   902  C CD1 . PHE A 1 129 ? -1.412  13.488  1.818   1.00 21.62 ? 329 PHE A CD1 1 
ATOM   903  C CD2 . PHE A 1 129 ? -0.028  11.875  2.889   1.00 22.14 ? 329 PHE A CD2 1 
ATOM   904  C CE1 . PHE A 1 129 ? -0.479  13.640  0.814   1.00 22.25 ? 329 PHE A CE1 1 
ATOM   905  C CE2 . PHE A 1 129 ? 0.912   12.022  1.875   1.00 22.77 ? 329 PHE A CE2 1 
ATOM   906  C CZ  . PHE A 1 129 ? 0.689   12.912  0.829   1.00 22.93 ? 329 PHE A CZ  1 
ATOM   907  N N   . GLU A 1 130 ? -4.270  14.260  6.251   1.00 17.93 ? 330 GLU A N   1 
ATOM   908  C CA  . GLU A 1 130 ? -5.265  14.196  7.300   1.00 17.80 ? 330 GLU A CA  1 
ATOM   909  C C   . GLU A 1 130 ? -5.153  12.938  8.203   1.00 16.57 ? 330 GLU A C   1 
ATOM   910  O O   . GLU A 1 130 ? -6.067  12.573  8.926   1.00 17.63 ? 330 GLU A O   1 
ATOM   911  C CB  . GLU A 1 130 ? -6.661  14.305  6.691   1.00 18.86 ? 330 GLU A CB  1 
ATOM   912  C CG  . GLU A 1 130 ? -6.806  15.623  5.935   1.00 19.96 ? 330 GLU A CG  1 
ATOM   913  C CD  . GLU A 1 130 ? -8.156  15.779  5.243   1.00 25.06 ? 330 GLU A CD  1 
ATOM   914  O OE1 . GLU A 1 130 ? -8.646  14.829  4.610   1.00 25.84 ? 330 GLU A OE1 1 
ATOM   915  O OE2 . GLU A 1 130 ? -8.658  16.905  5.269   1.00 30.30 ? 330 GLU A OE2 1 
ATOM   916  N N   . ILE A 1 131 ? -3.942  12.415  8.276   1.00 16.04 ? 331 ILE A N   1 
ATOM   917  C CA  . ILE A 1 131 ? -3.672  11.222  9.062   1.00 15.42 ? 331 ILE A CA  1 
ATOM   918  C C   . ILE A 1 131 ? -3.482  11.565  10.530  1.00 16.21 ? 331 ILE A C   1 
ATOM   919  O O   . ILE A 1 131 ? -2.715  12.496  10.828  1.00 17.79 ? 331 ILE A O   1 
ATOM   920  C CB  . ILE A 1 131 ? -2.396  10.527  8.573   1.00 13.43 ? 331 ILE A CB  1 
ATOM   921  C CG1 . ILE A 1 131 ? -2.485  10.135  7.097   1.00 13.82 ? 331 ILE A CG1 1 
ATOM   922  C CG2 . ILE A 1 131 ? -1.977  9.381   9.531   1.00 13.48 ? 331 ILE A CG2 1 
ATOM   923  C CD1 . ILE A 1 131 ? -1.180  9.833   6.395   1.00 14.50 ? 331 ILE A CD1 1 
ATOM   924  N N   . LYS A 1 132 ? -4.141  10.837  11.434  1.00 14.92 ? 332 LYS A N   1 
ATOM   925  C CA  . LYS A 1 132 ? -3.951  10.923  12.893  1.00 15.32 ? 332 LYS A CA  1 
ATOM   926  C C   . LYS A 1 132 ? -3.301  9.684   13.512  1.00 14.49 ? 332 LYS A C   1 
ATOM   927  O O   . LYS A 1 132 ? -2.700  9.762   14.550  1.00 13.36 ? 332 LYS A O   1 
ATOM   928  C CB  . LYS A 1 132 ? -5.281  11.106  13.608  1.00 17.76 ? 332 LYS A CB  1 
ATOM   929  C CG  . LYS A 1 132 ? -6.215  12.166  13.034  1.00 22.74 ? 332 LYS A CG  1 
ATOM   930  C CD  . LYS A 1 132 ? -5.584  13.527  13.037  1.00 24.61 ? 332 LYS A CD  1 
ATOM   931  C CE  . LYS A 1 132 ? -6.577  14.605  12.533  1.00 26.96 ? 332 LYS A CE  1 
ATOM   932  N NZ  . LYS A 1 132 ? -6.983  14.460  11.103  1.00 26.11 ? 332 LYS A NZ  1 
ATOM   933  N N   . ALA A 1 133 ? -3.443  8.540   12.847  1.00 13.35 ? 333 ALA A N   1 
ATOM   934  C CA  . ALA A 1 133 ? -3.017  7.239   13.371  1.00 12.82 ? 333 ALA A CA  1 
ATOM   935  C C   . ALA A 1 133 ? -2.978  6.281   12.174  1.00 11.52 ? 333 ALA A C   1 
ATOM   936  O O   . ALA A 1 133 ? -3.765  6.469   11.231  1.00 10.47 ? 333 ALA A O   1 
ATOM   937  C CB  . ALA A 1 133 ? -4.000  6.719   14.407  1.00 12.69 ? 333 ALA A CB  1 
ATOM   938  N N   . TYR A 1 134 ? -2.077  5.315   12.144  1.00 9.93  ? 334 TYR A N   1 
ATOM   939  C CA  . TYR A 1 134 ? -2.005  4.455   10.979  1.00 11.28 ? 334 TYR A CA  1 
ATOM   940  C C   . TYR A 1 134 ? -1.244  3.172   11.233  1.00 10.54 ? 334 TYR A C   1 
ATOM   941  O O   . TYR A 1 134 ? -0.445  3.053   12.184  1.00 10.06 ? 334 TYR A O   1 
ATOM   942  C CB  . TYR A 1 134 ? -1.345  5.230   9.794   1.00 10.90 ? 334 TYR A CB  1 
ATOM   943  C CG  . TYR A 1 134 ? 0.108   5.494   9.919   1.00 13.46 ? 334 TYR A CG  1 
ATOM   944  C CD1 . TYR A 1 134 ? 0.597   6.486   10.739  1.00 13.74 ? 334 TYR A CD1 1 
ATOM   945  C CD2 . TYR A 1 134 ? 1.003   4.743   9.166   1.00 15.22 ? 334 TYR A CD2 1 
ATOM   946  C CE1 . TYR A 1 134 ? 1.977   6.729   10.813  1.00 14.84 ? 334 TYR A CE1 1 
ATOM   947  C CE2 . TYR A 1 134 ? 2.377   4.960   9.272   1.00 17.87 ? 334 TYR A CE2 1 
ATOM   948  C CZ  . TYR A 1 134 ? 2.823   5.973   10.072  1.00 16.64 ? 334 TYR A CZ  1 
ATOM   949  O OH  . TYR A 1 134 ? 4.206   6.165   10.144  1.00 16.51 ? 334 TYR A OH  1 
ATOM   950  N N   . ILE A 1 135 ? -1.478  2.229   10.316  1.00 9.85  ? 335 ILE A N   1 
ATOM   951  C CA  . ILE A 1 135 ? -0.667  0.995   10.188  1.00 10.00 ? 335 ILE A CA  1 
ATOM   952  C C   . ILE A 1 135 ? -0.083  1.012   8.789   1.00 9.95  ? 335 ILE A C   1 
ATOM   953  O O   . ILE A 1 135 ? -0.808  1.272   7.846   1.00 10.33 ? 335 ILE A O   1 
ATOM   954  C CB  . ILE A 1 135 ? -1.486  -0.307  10.309  1.00 10.54 ? 335 ILE A CB  1 
ATOM   955  C CG1 . ILE A 1 135 ? -2.271  -0.290  11.653  1.00 11.42 ? 335 ILE A CG1 1 
ATOM   956  C CG2 . ILE A 1 135 ? -0.569  -1.549  10.211  1.00 11.13 ? 335 ILE A CG2 1 
ATOM   957  C CD1 . ILE A 1 135 ? -3.338  -1.367  11.761  1.00 12.51 ? 335 ILE A CD1 1 
ATOM   958  N N   . VAL A 1 136 ? 1.186   0.643   8.659   1.00 9.80  ? 336 VAL A N   1 
ATOM   959  C CA  A VAL A 1 136 ? 1.731   0.419   7.327   0.50 10.11 ? 336 VAL A CA  1 
ATOM   960  C CA  B VAL A 1 136 ? 1.836   0.471   7.341   0.50 10.34 ? 336 VAL A CA  1 
ATOM   961  C C   . VAL A 1 136 ? 2.500   -0.897  7.323   1.00 9.85  ? 336 VAL A C   1 
ATOM   962  O O   . VAL A 1 136 ? 3.222   -1.244  8.276   1.00 10.22 ? 336 VAL A O   1 
ATOM   963  C CB  A VAL A 1 136 ? 2.560   1.639   6.810   0.50 9.86  ? 336 VAL A CB  1 
ATOM   964  C CB  B VAL A 1 136 ? 2.949   1.544   7.064   0.50 10.32 ? 336 VAL A CB  1 
ATOM   965  C CG1 A VAL A 1 136 ? 3.722   1.932   7.726   0.50 10.08 ? 336 VAL A CG1 1 
ATOM   966  C CG1 B VAL A 1 136 ? 3.852   1.141   5.897   0.50 10.76 ? 336 VAL A CG1 1 
ATOM   967  C CG2 A VAL A 1 136 ? 3.038   1.451   5.369   0.50 9.84  ? 336 VAL A CG2 1 
ATOM   968  C CG2 B VAL A 1 136 ? 2.360   2.889   6.751   0.50 10.55 ? 336 VAL A CG2 1 
ATOM   969  N N   . VAL A 1 137 ? 2.339   -1.657  6.238   1.00 11.13 ? 337 VAL A N   1 
ATOM   970  C CA  . VAL A 1 137 ? 2.966   -2.952  6.110   1.00 11.78 ? 337 VAL A CA  1 
ATOM   971  C C   . VAL A 1 137 ? 3.646   -2.984  4.733   1.00 12.09 ? 337 VAL A C   1 
ATOM   972  O O   . VAL A 1 137 ? 3.223   -2.287  3.835   1.00 11.91 ? 337 VAL A O   1 
ATOM   973  C CB  . VAL A 1 137 ? 1.945   -4.119  6.224   1.00 13.07 ? 337 VAL A CB  1 
ATOM   974  C CG1 . VAL A 1 137 ? 1.172   -4.010  7.547   1.00 13.65 ? 337 VAL A CG1 1 
ATOM   975  C CG2 . VAL A 1 137 ? 0.963   -4.164  5.064   1.00 12.91 ? 337 VAL A CG2 1 
ATOM   976  N N   . PRO A 1 138 ? 4.662   -3.813  4.610   1.00 13.57 ? 338 PRO A N   1 
ATOM   977  C CA  . PRO A 1 138 ? 5.329   -3.996  3.295   1.00 15.28 ? 338 PRO A CA  1 
ATOM   978  C C   . PRO A 1 138 ? 4.446   -4.732  2.267   1.00 16.08 ? 338 PRO A C   1 
ATOM   979  O O   . PRO A 1 138 ? 3.564   -5.582  2.604   1.00 16.39 ? 338 PRO A O   1 
ATOM   980  C CB  . PRO A 1 138 ? 6.541   -4.884  3.623   1.00 15.54 ? 338 PRO A CB  1 
ATOM   981  C CG  . PRO A 1 138 ? 6.507   -5.209  5.044   1.00 14.85 ? 338 PRO A CG  1 
ATOM   982  C CD  . PRO A 1 138 ? 5.232   -4.661  5.661   1.00 14.72 ? 338 PRO A CD  1 
ATOM   983  N N   . VAL A 1 139 ? 4.716   -4.434  1.000   1.00 15.22 ? 339 VAL A N   1 
ATOM   984  C CA  . VAL A 1 139 ? 4.172   -5.229  -0.094  1.00 17.66 ? 339 VAL A CA  1 
ATOM   985  C C   . VAL A 1 139 ? 5.422   -5.684  -0.873  1.00 18.51 ? 339 VAL A C   1 
ATOM   986  O O   . VAL A 1 139 ? 6.100   -4.848  -1.434  1.00 19.56 ? 339 VAL A O   1 
ATOM   987  C CB  . VAL A 1 139 ? 3.232   -4.403  -0.986  1.00 16.58 ? 339 VAL A CB  1 
ATOM   988  C CG1 . VAL A 1 139 ? 2.731   -5.216  -2.180  1.00 16.44 ? 339 VAL A CG1 1 
ATOM   989  C CG2 . VAL A 1 139 ? 2.030   -3.857  -0.205  1.00 17.50 ? 339 VAL A CG2 1 
ATOM   990  N N   . PHE A 1 140 ? 5.743   -6.980  -0.816  1.00 23.47 ? 340 PHE A N   1 
ATOM   991  C CA  . PHE A 1 140 ? 6.908   -7.556  -1.561  1.00 25.08 ? 340 PHE A CA  1 
ATOM   992  C C   . PHE A 1 140 ? 6.444   -8.215  -2.871  1.00 25.67 ? 340 PHE A C   1 
ATOM   993  O O   . PHE A 1 140 ? 5.471   -8.969  -2.871  1.00 25.78 ? 340 PHE A O   1 
ATOM   994  C CB  . PHE A 1 140 ? 7.693   -8.567  -0.704  1.00 29.06 ? 340 PHE A CB  1 
ATOM   995  C CG  . PHE A 1 140 ? 8.653   -7.938  0.267   1.00 32.49 ? 340 PHE A CG  1 
ATOM   996  C CD1 . PHE A 1 140 ? 8.226   -7.507  1.506   1.00 36.18 ? 340 PHE A CD1 1 
ATOM   997  C CD2 . PHE A 1 140 ? 9.988   -7.788  -0.061  1.00 36.07 ? 340 PHE A CD2 1 
ATOM   998  C CE1 . PHE A 1 140 ? 9.102   -6.930  2.392   1.00 36.80 ? 340 PHE A CE1 1 
ATOM   999  C CE2 . PHE A 1 140 ? 10.878  -7.215  0.826   1.00 37.57 ? 340 PHE A CE2 1 
ATOM   1000 C CZ  . PHE A 1 140 ? 10.430  -6.776  2.049   1.00 37.31 ? 340 PHE A CZ  1 
ATOM   1001 N N   . ALA A 1 141 ? 7.151   -7.915  -3.961  1.00 27.80 ? 341 ALA A N   1 
ATOM   1002 C CA  . ALA A 1 141 ? 6.949   -8.542  -5.268  1.00 29.44 ? 341 ALA A CA  1 
ATOM   1003 C C   . ALA A 1 141 ? 8.247   -9.263  -5.625  1.00 34.71 ? 341 ALA A C   1 
ATOM   1004 O O   . ALA A 1 141 ? 9.320   -8.629  -5.729  1.00 35.05 ? 341 ALA A O   1 
ATOM   1005 C CB  . ALA A 1 141 ? 6.638   -7.480  -6.316  1.00 30.28 ? 341 ALA A CB  1 
ATOM   1006 N N   . ALA A 1 142 ? 8.138   -10.575 -5.828  1.00 43.66 ? 342 ALA A N   1 
ATOM   1007 C CA  . ALA A 1 142 ? 9.283   -11.456 -5.911  1.00 46.07 ? 342 ALA A CA  1 
ATOM   1008 C C   . ALA A 1 142 ? 9.936   -11.332 -4.530  1.00 48.18 ? 342 ALA A C   1 
ATOM   1009 O O   . ALA A 1 142 ? 9.221   -11.323 -3.510  1.00 53.92 ? 342 ALA A O   1 
ATOM   1010 C CB  . ALA A 1 142 ? 10.208  -11.047 -7.066  1.00 45.29 ? 342 ALA A CB  1 
ATOM   1011 N N   . GLU A 1 143 ? 11.256  -11.200 -4.490  1.00 48.73 ? 343 GLU A N   1 
ATOM   1012 C CA  . GLU A 1 143 ? 11.974  -10.949 -3.251  1.00 52.54 ? 343 GLU A CA  1 
ATOM   1013 C C   . GLU A 1 143 ? 12.283  -9.452  -3.081  1.00 47.44 ? 343 GLU A C   1 
ATOM   1014 O O   . GLU A 1 143 ? 13.150  -9.094  -2.301  1.00 49.16 ? 343 GLU A O   1 
ATOM   1015 C CB  . GLU A 1 143 ? 13.277  -11.772 -3.265  1.00 57.11 ? 343 GLU A CB  1 
ATOM   1016 C CG  . GLU A 1 143 ? 13.830  -12.163 -1.898  1.00 61.42 ? 343 GLU A CG  1 
ATOM   1017 C CD  . GLU A 1 143 ? 13.024  -13.259 -1.208  1.00 65.80 ? 343 GLU A CD  1 
ATOM   1018 O OE1 . GLU A 1 143 ? 12.589  -14.222 -1.881  1.00 65.81 ? 343 GLU A OE1 1 
ATOM   1019 O OE2 . GLU A 1 143 ? 12.841  -13.166 0.027   1.00 73.54 ? 343 GLU A OE2 1 
ATOM   1020 N N   . LYS A 1 144 ? 11.586  -8.581  -3.811  1.00 43.53 ? 344 LYS A N   1 
ATOM   1021 C CA  . LYS A 1 144 ? 11.860  -7.136  -3.759  1.00 40.48 ? 344 LYS A CA  1 
ATOM   1022 C C   . LYS A 1 144 ? 10.725  -6.383  -3.071  1.00 33.17 ? 344 LYS A C   1 
ATOM   1023 O O   . LYS A 1 144 ? 9.565   -6.702  -3.256  1.00 29.17 ? 344 LYS A O   1 
ATOM   1024 C CB  . LYS A 1 144 ? 12.057  -6.571  -5.166  1.00 45.17 ? 344 LYS A CB  1 
ATOM   1025 C CG  . LYS A 1 144 ? 13.397  -6.948  -5.791  1.00 49.56 ? 344 LYS A CG  1 
ATOM   1026 C CD  . LYS A 1 144 ? 13.627  -6.201  -7.092  1.00 52.75 ? 344 LYS A CD  1 
ATOM   1027 C CE  . LYS A 1 144 ? 14.993  -6.517  -7.683  1.00 56.24 ? 344 LYS A CE  1 
ATOM   1028 N NZ  . LYS A 1 144 ? 15.416  -5.499  -8.688  1.00 58.51 ? 344 LYS A NZ  1 
ATOM   1029 N N   . LEU A 1 145 ? 11.073  -5.377  -2.283  1.00 28.92 ? 345 LEU A N   1 
ATOM   1030 C CA  . LEU A 1 145 ? 10.059  -4.523  -1.681  1.00 26.89 ? 345 LEU A CA  1 
ATOM   1031 C C   . LEU A 1 145 ? 9.476   -3.657  -2.796  1.00 25.08 ? 345 LEU A C   1 
ATOM   1032 O O   . LEU A 1 145 ? 10.139  -2.753  -3.324  1.00 27.98 ? 345 LEU A O   1 
ATOM   1033 C CB  . LEU A 1 145 ? 10.694  -3.668  -0.586  1.00 25.04 ? 345 LEU A CB  1 
ATOM   1034 C CG  . LEU A 1 145 ? 9.788   -2.677  0.167   1.00 23.69 ? 345 LEU A CG  1 
ATOM   1035 C CD1 . LEU A 1 145 ? 8.704   -3.417  0.947   1.00 22.97 ? 345 LEU A CD1 1 
ATOM   1036 C CD2 . LEU A 1 145 ? 10.641  -1.793  1.057   1.00 23.59 ? 345 LEU A CD2 1 
ATOM   1037 N N   . TRP A 1 146 ? 8.225   -3.904  -3.133  1.00 23.76 ? 346 TRP A N   1 
ATOM   1038 C CA  . TRP A 1 146 ? 7.543   -3.178  -4.188  1.00 22.07 ? 346 TRP A CA  1 
ATOM   1039 C C   . TRP A 1 146 ? 6.837   -1.917  -3.752  1.00 20.24 ? 346 TRP A C   1 
ATOM   1040 O O   . TRP A 1 146 ? 6.690   -0.941  -4.521  1.00 19.55 ? 346 TRP A O   1 
ATOM   1041 C CB  . TRP A 1 146 ? 6.531   -4.113  -4.845  1.00 22.30 ? 346 TRP A CB  1 
ATOM   1042 C CG  . TRP A 1 146 ? 5.723   -3.514  -5.926  1.00 23.01 ? 346 TRP A CG  1 
ATOM   1043 C CD1 . TRP A 1 146 ? 5.982   -3.552  -7.287  1.00 24.41 ? 346 TRP A CD1 1 
ATOM   1044 C CD2 . TRP A 1 146 ? 4.494   -2.826  -5.777  1.00 23.56 ? 346 TRP A CD2 1 
ATOM   1045 N NE1 . TRP A 1 146 ? 5.002   -2.886  -7.963  1.00 24.88 ? 346 TRP A NE1 1 
ATOM   1046 C CE2 . TRP A 1 146 ? 4.057   -2.458  -7.061  1.00 24.11 ? 346 TRP A CE2 1 
ATOM   1047 C CE3 . TRP A 1 146 ? 3.714   -2.482  -4.668  1.00 22.96 ? 346 TRP A CE3 1 
ATOM   1048 C CZ2 . TRP A 1 146 ? 2.876   -1.760  -7.267  1.00 25.33 ? 346 TRP A CZ2 1 
ATOM   1049 C CZ3 . TRP A 1 146 ? 2.541   -1.771  -4.876  1.00 25.10 ? 346 TRP A CZ3 1 
ATOM   1050 C CH2 . TRP A 1 146 ? 2.138   -1.417  -6.165  1.00 25.28 ? 346 TRP A CH2 1 
ATOM   1051 N N   . GLY A 1 147 ? 6.332   -1.932  -2.521  1.00 18.78 ? 347 GLY A N   1 
ATOM   1052 C CA  . GLY A 1 147 ? 5.497   -0.853  -2.093  1.00 16.52 ? 347 GLY A CA  1 
ATOM   1053 C C   . GLY A 1 147 ? 5.047   -1.069  -0.660  1.00 14.10 ? 347 GLY A C   1 
ATOM   1054 O O   . GLY A 1 147 ? 5.635   -1.848  0.048   1.00 14.17 ? 347 GLY A O   1 
ATOM   1055 N N   . LEU A 1 148 ? 4.032   -0.303  -0.294  1.00 14.12 ? 348 LEU A N   1 
ATOM   1056 C CA  . LEU A 1 148 ? 3.478   -0.284  1.066   1.00 12.82 ? 348 LEU A CA  1 
ATOM   1057 C C   . LEU A 1 148 ? 1.970   -0.338  0.984   1.00 12.69 ? 348 LEU A C   1 
ATOM   1058 O O   . LEU A 1 148 ? 1.335   0.209   0.080   1.00 13.35 ? 348 LEU A O   1 
ATOM   1059 C CB  . LEU A 1 148 ? 3.865   1.020   1.764   1.00 13.83 ? 348 LEU A CB  1 
ATOM   1060 C CG  . LEU A 1 148 ? 5.352   1.301   1.955   1.00 13.41 ? 348 LEU A CG  1 
ATOM   1061 C CD1 . LEU A 1 148 ? 5.590   2.687   2.554   1.00 14.61 ? 348 LEU A CD1 1 
ATOM   1062 C CD2 . LEU A 1 148 ? 6.051   0.220   2.759   1.00 13.59 ? 348 LEU A CD2 1 
ATOM   1063 N N   . LEU A 1 149 ? 1.359   -0.952  2.007   1.00 10.95 ? 349 LEU A N   1 
ATOM   1064 C CA  . LEU A 1 149 ? -0.087  -0.968  2.169   1.00 10.82 ? 349 LEU A CA  1 
ATOM   1065 C C   . LEU A 1 149 ? -0.349  -0.345  3.537   1.00 10.45 ? 349 LEU A C   1 
ATOM   1066 O O   . LEU A 1 149 ? 0.219   -0.788  4.528   1.00 11.58 ? 349 LEU A O   1 
ATOM   1067 C CB  . LEU A 1 149 ? -0.644  -2.394  2.121   1.00 10.74 ? 349 LEU A CB  1 
ATOM   1068 C CG  . LEU A 1 149 ? -2.103  -2.657  2.567   1.00 11.00 ? 349 LEU A CG  1 
ATOM   1069 C CD1 . LEU A 1 149 ? -3.076  -1.906  1.658   1.00 11.87 ? 349 LEU A CD1 1 
ATOM   1070 C CD2 . LEU A 1 149 ? -2.385  -4.139  2.584   1.00 11.78 ? 349 LEU A CD2 1 
ATOM   1071 N N   . ALA A 1 150 ? -1.244  0.611   3.572   1.00 10.46 ? 350 ALA A N   1 
ATOM   1072 C CA  . ALA A 1 150 ? -1.518  1.346   4.807   1.00 9.97  ? 350 ALA A CA  1 
ATOM   1073 C C   . ALA A 1 150 ? -2.979  1.544   5.098   1.00 10.37 ? 350 ALA A C   1 
ATOM   1074 O O   . ALA A 1 150 ? -3.797  1.763   4.197   1.00 10.14 ? 350 ALA A O   1 
ATOM   1075 C CB  . ALA A 1 150 ? -0.790  2.672   4.790   1.00 9.98  ? 350 ALA A CB  1 
ATOM   1076 N N   . ALA A 1 151 ? -3.290  1.529   6.388   1.00 9.48  ? 351 ALA A N   1 
ATOM   1077 C CA  . ALA A 1 151 ? -4.612  1.873   6.904   1.00 9.35  ? 351 ALA A CA  1 
ATOM   1078 C C   . ALA A 1 151 ? -4.480  3.080   7.802   1.00 10.07 ? 351 ALA A C   1 
ATOM   1079 O O   . ALA A 1 151 ? -3.622  3.093   8.702   1.00 9.77  ? 351 ALA A O   1 
ATOM   1080 C CB  . ALA A 1 151 ? -5.220  0.706   7.691   1.00 9.50  ? 351 ALA A CB  1 
ATOM   1081 N N   . TYR A 1 152 ? -5.355  4.062   7.579   1.00 10.14 ? 352 TYR A N   1 
ATOM   1082 C CA  . TYR A 1 152 ? -5.242  5.377   8.228   1.00 10.92 ? 352 TYR A CA  1 
ATOM   1083 C C   . TYR A 1 152 ? -6.512  5.729   8.934   1.00 11.78 ? 352 TYR A C   1 
ATOM   1084 O O   . TYR A 1 152 ? -7.589  5.487   8.380   1.00 11.57 ? 352 TYR A O   1 
ATOM   1085 C CB  . TYR A 1 152 ? -4.924  6.460   7.235   1.00 11.13 ? 352 TYR A CB  1 
ATOM   1086 C CG  . TYR A 1 152 ? -3.704  6.226   6.373   1.00 11.26 ? 352 TYR A CG  1 
ATOM   1087 C CD1 . TYR A 1 152 ? -2.443  6.545   6.830   1.00 11.92 ? 352 TYR A CD1 1 
ATOM   1088 C CD2 . TYR A 1 152 ? -3.825  5.761   5.097   1.00 11.92 ? 352 TYR A CD2 1 
ATOM   1089 C CE1 . TYR A 1 152 ? -1.353  6.416   6.006   1.00 12.15 ? 352 TYR A CE1 1 
ATOM   1090 C CE2 . TYR A 1 152 ? -2.757  5.599   4.279   1.00 12.04 ? 352 TYR A CE2 1 
ATOM   1091 C CZ  . TYR A 1 152 ? -1.502  5.944   4.739   1.00 11.97 ? 352 TYR A CZ  1 
ATOM   1092 O OH  . TYR A 1 152 ? -0.441  5.766   3.884   1.00 14.10 ? 352 TYR A OH  1 
ATOM   1093 N N   . GLN A 1 153 ? -6.391  6.250   10.163  1.00 10.88 ? 353 GLN A N   1 
ATOM   1094 C CA  . GLN A 1 153 ? -7.522  6.892   10.887  1.00 12.62 ? 353 GLN A CA  1 
ATOM   1095 C C   . GLN A 1 153 ? -7.271  8.394   10.784  1.00 13.53 ? 353 GLN A C   1 
ATOM   1096 O O   . GLN A 1 153 ? -6.156  8.859   11.048  1.00 12.45 ? 353 GLN A O   1 
ATOM   1097 C CB  . GLN A 1 153 ? -7.601  6.441   12.332  1.00 13.15 ? 353 GLN A CB  1 
ATOM   1098 C CG  . GLN A 1 153 ? -8.991  6.688   12.954  1.00 14.59 ? 353 GLN A CG  1 
ATOM   1099 C CD  . GLN A 1 153 ? -10.009 5.687   12.506  1.00 16.67 ? 353 GLN A CD  1 
ATOM   1100 O OE1 . GLN A 1 153 ? -9.733  4.537   12.394  1.00 19.05 ? 353 GLN A OE1 1 
ATOM   1101 N NE2 . GLN A 1 153 ? -11.242 6.149   12.203  1.00 19.95 ? 353 GLN A NE2 1 
ATOM   1102 N N   . ASN A 1 154 ? -8.286  9.107   10.283  1.00 14.53 ? 354 ASN A N   1 
ATOM   1103 C CA  . ASN A 1 154 ? -8.249  10.559  10.075  1.00 16.25 ? 354 ASN A CA  1 
ATOM   1104 C C   . ASN A 1 154 ? -9.104  11.317  11.083  1.00 18.56 ? 354 ASN A C   1 
ATOM   1105 O O   . ASN A 1 154 ? -8.870  12.522  11.350  1.00 20.15 ? 354 ASN A O   1 
ATOM   1106 C CB  . ASN A 1 154 ? -8.727  10.942  8.656   1.00 15.58 ? 354 ASN A CB  1 
ATOM   1107 C CG  . ASN A 1 154 ? -7.896  10.341  7.555   1.00 15.84 ? 354 ASN A CG  1 
ATOM   1108 O OD1 . ASN A 1 154 ? -6.856  9.721   7.799   1.00 15.16 ? 354 ASN A OD1 1 
ATOM   1109 N ND2 . ASN A 1 154 ? -8.296  10.544  6.350   1.00 15.63 ? 354 ASN A ND2 1 
ATOM   1110 N N   . SER A 1 155 ? -10.119 10.656  11.606  1.00 18.87 ? 355 SER A N   1 
ATOM   1111 C CA  . SER A 1 155 ? -11.072 11.281  12.530  1.00 21.53 ? 355 SER A CA  1 
ATOM   1112 C C   . SER A 1 155 ? -10.534 11.483  13.928  1.00 22.14 ? 355 SER A C   1 
ATOM   1113 O O   . SER A 1 155 ? -11.074 12.286  14.691  1.00 23.61 ? 355 SER A O   1 
ATOM   1114 C CB  . SER A 1 155 ? -12.350 10.439  12.576  1.00 21.56 ? 355 SER A CB  1 
ATOM   1115 O OG  . SER A 1 155 ? -12.165 9.153   13.150  1.00 23.82 ? 355 SER A OG  1 
ATOM   1116 N N   . GLY A 1 156 ? -9.433  10.801  14.279  1.00 19.70 ? 356 GLY A N   1 
ATOM   1117 C CA  . GLY A 1 156 ? -8.968  10.785  15.643  1.00 19.62 ? 356 GLY A CA  1 
ATOM   1118 C C   . GLY A 1 156 ? -7.853  9.767   15.788  1.00 19.57 ? 356 GLY A C   1 
ATOM   1119 O O   . GLY A 1 156 ? -7.570  9.033   14.844  1.00 18.72 ? 356 GLY A O   1 
ATOM   1120 N N   . THR A 1 157 ? -7.245  9.732   16.964  1.00 18.28 ? 357 THR A N   1 
ATOM   1121 C CA  . THR A 1 157 ? -6.243  8.724   17.313  1.00 17.75 ? 357 THR A CA  1 
ATOM   1122 C C   . THR A 1 157 ? -6.952  7.400   17.378  1.00 17.02 ? 357 THR A C   1 
ATOM   1123 O O   . THR A 1 157 ? -8.189  7.338   17.449  1.00 17.60 ? 357 THR A O   1 
ATOM   1124 C CB  . THR A 1 157 ? -5.564  9.004   18.664  1.00 19.72 ? 357 THR A CB  1 
ATOM   1125 O OG1 . THR A 1 157 ? -6.527  9.058   19.714  1.00 21.49 ? 357 THR A OG1 1 
ATOM   1126 C CG2 . THR A 1 157 ? -4.810  10.310  18.582  1.00 19.91 ? 357 THR A CG2 1 
ATOM   1127 N N   . ARG A 1 158 ? -6.186  6.327   17.312  1.00 13.98 ? 358 ARG A N   1 
ATOM   1128 C CA  . ARG A 1 158 ? -6.777  5.026   17.381  1.00 14.16 ? 358 ARG A CA  1 
ATOM   1129 C C   . ARG A 1 158 ? -5.819  4.046   17.966  1.00 14.25 ? 358 ARG A C   1 
ATOM   1130 O O   . ARG A 1 158 ? -4.673  3.925   17.522  1.00 13.27 ? 358 ARG A O   1 
ATOM   1131 C CB  . ARG A 1 158 ? -7.136  4.547   16.012  1.00 14.08 ? 358 ARG A CB  1 
ATOM   1132 C CG  . ARG A 1 158 ? -7.633  3.113   16.006  1.00 15.13 ? 358 ARG A CG  1 
ATOM   1133 C CD  . ARG A 1 158 ? -8.598  2.881   14.921  1.00 15.79 ? 358 ARG A CD  1 
ATOM   1134 N NE  . ARG A 1 158 ? -9.043  1.498   14.853  1.00 15.71 ? 358 ARG A NE  1 
ATOM   1135 C CZ  . ARG A 1 158 ? -9.799  1.052   13.853  1.00 14.08 ? 358 ARG A CZ  1 
ATOM   1136 N NH1 . ARG A 1 158 ? -10.208 1.878   12.922  1.00 14.18 ? 358 ARG A NH1 1 
ATOM   1137 N NH2 . ARG A 1 158 ? -10.104 -0.219  13.771  1.00 13.09 ? 358 ARG A NH2 1 
ATOM   1138 N N   . GLU A 1 159 ? -6.292  3.242   18.891  1.00 13.21 ? 359 GLU A N   1 
ATOM   1139 C CA  . GLU A 1 159 ? -5.454  2.192   19.396  1.00 13.78 ? 359 GLU A CA  1 
ATOM   1140 C C   . GLU A 1 159 ? -5.635  0.933   18.583  1.00 13.50 ? 359 GLU A C   1 
ATOM   1141 O O   . GLU A 1 159 ? -6.601  0.176   18.742  1.00 13.74 ? 359 GLU A O   1 
ATOM   1142 C CB  . GLU A 1 159 ? -5.707  1.914   20.878  1.00 14.57 ? 359 GLU A CB  1 
ATOM   1143 C CG  . GLU A 1 159 ? -4.795  0.828   21.377  1.00 15.07 ? 359 GLU A CG  1 
ATOM   1144 C CD  . GLU A 1 159 ? -4.783  0.681   22.885  1.00 18.88 ? 359 GLU A CD  1 
ATOM   1145 O OE1 . GLU A 1 159 ? -5.305  1.593   23.582  1.00 20.26 ? 359 GLU A OE1 1 
ATOM   1146 O OE2 . GLU A 1 159 ? -4.268  -0.372  23.308  1.00 21.53 ? 359 GLU A OE2 1 
ATOM   1147 N N   . TRP A 1 160 ? -4.724  0.712   17.638  1.00 12.32 ? 360 TRP A N   1 
ATOM   1148 C CA  . TRP A 1 160 ? -4.816  -0.481  16.793  1.00 11.93 ? 360 TRP A CA  1 
ATOM   1149 C C   . TRP A 1 160 ? -4.498  -1.734  17.602  1.00 12.11 ? 360 TRP A C   1 
ATOM   1150 O O   . TRP A 1 160 ? -3.756  -1.644  18.581  1.00 15.54 ? 360 TRP A O   1 
ATOM   1151 C CB  . TRP A 1 160 ? -3.794  -0.376  15.651  1.00 11.71 ? 360 TRP A CB  1 
ATOM   1152 C CG  . TRP A 1 160 ? -3.872  0.863   14.834  1.00 11.32 ? 360 TRP A CG  1 
ATOM   1153 C CD1 . TRP A 1 160 ? -3.060  1.913   14.924  1.00 11.52 ? 360 TRP A CD1 1 
ATOM   1154 C CD2 . TRP A 1 160 ? -4.824  1.177   13.799  1.00 10.85 ? 360 TRP A CD2 1 
ATOM   1155 N NE1 . TRP A 1 160 ? -3.414  2.874   14.043  1.00 11.63 ? 360 TRP A NE1 1 
ATOM   1156 C CE2 . TRP A 1 160 ? -4.499  2.447   13.321  1.00 10.96 ? 360 TRP A CE2 1 
ATOM   1157 C CE3 . TRP A 1 160 ? -5.870  0.490   13.202  1.00 11.45 ? 360 TRP A CE3 1 
ATOM   1158 C CZ2 . TRP A 1 160 ? -5.225  3.068   12.292  1.00 10.17 ? 360 TRP A CZ2 1 
ATOM   1159 C CZ3 . TRP A 1 160 ? -6.625  1.098   12.210  1.00 11.41 ? 360 TRP A CZ3 1 
ATOM   1160 C CH2 . TRP A 1 160 ? -6.282  2.358   11.726  1.00 10.67 ? 360 TRP A CH2 1 
ATOM   1161 N N   . VAL A 1 161 ? -5.037  -2.864  17.181  1.00 12.50 ? 361 VAL A N   1 
ATOM   1162 C CA  . VAL A 1 161 ? -4.804  -4.102  17.902  1.00 12.98 ? 361 VAL A CA  1 
ATOM   1163 C C   . VAL A 1 161 ? -4.110  -5.081  16.975  1.00 14.04 ? 361 VAL A C   1 
ATOM   1164 O O   . VAL A 1 161 ? -4.097  -4.898  15.760  1.00 13.79 ? 361 VAL A O   1 
ATOM   1165 C CB  . VAL A 1 161 ? -6.063  -4.698  18.516  1.00 13.86 ? 361 VAL A CB  1 
ATOM   1166 C CG1 . VAL A 1 161 ? -6.594  -3.748  19.599  1.00 15.24 ? 361 VAL A CG1 1 
ATOM   1167 C CG2 . VAL A 1 161 ? -7.109  -5.037  17.514  1.00 12.95 ? 361 VAL A CG2 1 
ATOM   1168 N N   . GLU A 1 162 ? -3.476  -6.080  17.568  1.00 14.06 ? 362 GLU A N   1 
ATOM   1169 C CA  . GLU A 1 162 ? -2.639  -6.985  16.763  1.00 15.12 ? 362 GLU A CA  1 
ATOM   1170 C C   . GLU A 1 162 ? -3.386  -7.660  15.650  1.00 15.02 ? 362 GLU A C   1 
ATOM   1171 O O   . GLU A 1 162 ? -2.805  -7.843  14.569  1.00 14.46 ? 362 GLU A O   1 
ATOM   1172 C CB  . GLU A 1 162 ? -1.939  -7.991  17.663  1.00 17.33 ? 362 GLU A CB  1 
ATOM   1173 C CG  . GLU A 1 162 ? -0.889  -8.810  16.917  1.00 21.98 ? 362 GLU A CG  1 
ATOM   1174 C CD  . GLU A 1 162 ? -0.074  -9.682  17.840  1.00 30.16 ? 362 GLU A CD  1 
ATOM   1175 O OE1 . GLU A 1 162 ? -0.126  -9.472  19.074  1.00 37.18 ? 362 GLU A OE1 1 
ATOM   1176 O OE2 . GLU A 1 162 ? 0.630   -10.580 17.329  1.00 38.08 ? 362 GLU A OE2 1 
ATOM   1177 N N   . TRP A 1 163 ? -4.667  -8.009  15.797  1.00 14.53 ? 363 TRP A N   1 
ATOM   1178 C CA  . TRP A 1 163 ? -5.323  -8.720  14.723  1.00 14.98 ? 363 TRP A CA  1 
ATOM   1179 C C   . TRP A 1 163 ? -5.431  -7.830  13.495  1.00 14.09 ? 363 TRP A C   1 
ATOM   1180 O O   . TRP A 1 163 ? -5.428  -8.320  12.394  1.00 14.69 ? 363 TRP A O   1 
ATOM   1181 C CB  . TRP A 1 163 ? -6.671  -9.374  15.073  1.00 16.73 ? 363 TRP A CB  1 
ATOM   1182 C CG  . TRP A 1 163 ? -7.840  -8.530  15.260  1.00 17.41 ? 363 TRP A CG  1 
ATOM   1183 C CD1 . TRP A 1 163 ? -8.385  -8.184  16.462  1.00 18.11 ? 363 TRP A CD1 1 
ATOM   1184 C CD2 . TRP A 1 163 ? -8.684  -7.940  14.251  1.00 17.55 ? 363 TRP A CD2 1 
ATOM   1185 N NE1 . TRP A 1 163 ? -9.497  -7.400  16.269  1.00 18.37 ? 363 TRP A NE1 1 
ATOM   1186 C CE2 . TRP A 1 163 ? -9.718  -7.261  14.922  1.00 18.38 ? 363 TRP A CE2 1 
ATOM   1187 C CE3 . TRP A 1 163 ? -8.671  -7.910  12.852  1.00 18.07 ? 363 TRP A CE3 1 
ATOM   1188 C CZ2 . TRP A 1 163 ? -10.695 -6.546  14.244  1.00 18.09 ? 363 TRP A CZ2 1 
ATOM   1189 C CZ3 . TRP A 1 163 ? -9.689  -7.215  12.188  1.00 18.78 ? 363 TRP A CZ3 1 
ATOM   1190 C CH2 . TRP A 1 163 ? -10.664 -6.563  12.872  1.00 17.39 ? 363 TRP A CH2 1 
ATOM   1191 N N   . GLU A 1 164 ? -5.558  -6.537  13.720  1.00 12.49 ? 364 GLU A N   1 
ATOM   1192 C CA  . GLU A 1 164 ? -5.711  -5.580  12.620  1.00 11.95 ? 364 GLU A CA  1 
ATOM   1193 C C   . GLU A 1 164 ? -4.402  -5.472  11.841  1.00 12.26 ? 364 GLU A C   1 
ATOM   1194 O O   . GLU A 1 164 ? -4.412  -5.526  10.614  1.00 12.40 ? 364 GLU A O   1 
ATOM   1195 C CB  . GLU A 1 164 ? -6.132  -4.223  13.175  1.00 12.87 ? 364 GLU A CB  1 
ATOM   1196 C CG  . GLU A 1 164 ? -7.542  -4.259  13.711  1.00 13.34 ? 364 GLU A CG  1 
ATOM   1197 C CD  . GLU A 1 164 ? -7.914  -3.053  14.564  1.00 12.68 ? 364 GLU A CD  1 
ATOM   1198 O OE1 . GLU A 1 164 ? -7.051  -2.389  15.167  1.00 13.65 ? 364 GLU A OE1 1 
ATOM   1199 O OE2 . GLU A 1 164 ? -9.151  -2.803  14.618  1.00 15.62 ? 364 GLU A OE2 1 
ATOM   1200 N N   . SER A 1 165 ? -3.286  -5.360  12.541  1.00 12.79 ? 365 SER A N   1 
ATOM   1201 C CA  . SER A 1 165 ? -2.017  -5.196  11.866  1.00 13.37 ? 365 SER A CA  1 
ATOM   1202 C C   . SER A 1 165 ? -1.554  -6.533  11.266  1.00 12.86 ? 365 SER A C   1 
ATOM   1203 O O   . SER A 1 165 ? -1.027  -6.572  10.145  1.00 12.44 ? 365 SER A O   1 
ATOM   1204 C CB  . SER A 1 165 ? -0.958  -4.563  12.775  1.00 15.21 ? 365 SER A CB  1 
ATOM   1205 O OG  . SER A 1 165 ? -0.734  -5.362  13.903  1.00 17.23 ? 365 SER A OG  1 
ATOM   1206 N N   . SER A 1 166 ? -1.863  -7.654  11.926  1.00 12.68 ? 366 SER A N   1 
ATOM   1207 C CA  A SER A 1 166 ? -1.465  -8.946  11.353  0.50 12.82 ? 366 SER A CA  1 
ATOM   1208 C CA  B SER A 1 166 ? -1.480  -8.951  11.365  0.50 13.57 ? 366 SER A CA  1 
ATOM   1209 C C   . SER A 1 166 ? -2.307  -9.238  10.115  1.00 12.64 ? 366 SER A C   1 
ATOM   1210 O O   . SER A 1 166 ? -1.833  -9.833  9.117   1.00 12.97 ? 366 SER A O   1 
ATOM   1211 C CB  A SER A 1 166 ? -1.590  -10.076 12.371  0.50 13.07 ? 366 SER A CB  1 
ATOM   1212 C CB  B SER A 1 166 ? -1.617  -10.057 12.415  0.50 14.66 ? 366 SER A CB  1 
ATOM   1213 O OG  A SER A 1 166 ? -2.937  -10.419 12.548  0.50 12.89 ? 366 SER A OG  1 
ATOM   1214 O OG  B SER A 1 166 ? -0.631  -9.875  13.423  0.50 16.79 ? 366 SER A OG  1 
ATOM   1215 N N   . PHE A 1 167 ? -3.566  -8.833  10.115  1.00 12.35 ? 367 PHE A N   1 
ATOM   1216 C CA  . PHE A 1 167 ? -4.378  -9.010  8.964   1.00 12.03 ? 367 PHE A CA  1 
ATOM   1217 C C   . PHE A 1 167 ? -3.900  -8.134  7.806   1.00 11.58 ? 367 PHE A C   1 
ATOM   1218 O O   . PHE A 1 167 ? -3.834  -8.602  6.684   1.00 12.03 ? 367 PHE A O   1 
ATOM   1219 C CB  . PHE A 1 167 ? -5.855  -8.719  9.245   1.00 12.58 ? 367 PHE A CB  1 
ATOM   1220 C CG  . PHE A 1 167 ? -6.701  -8.848  8.019   1.00 13.15 ? 367 PHE A CG  1 
ATOM   1221 C CD1 . PHE A 1 167 ? -6.883  -10.111 7.416   1.00 13.86 ? 367 PHE A CD1 1 
ATOM   1222 C CD2 . PHE A 1 167 ? -7.253  -7.741  7.406   1.00 14.91 ? 367 PHE A CD2 1 
ATOM   1223 C CE1 . PHE A 1 167 ? -7.623  -10.260 6.254   1.00 13.59 ? 367 PHE A CE1 1 
ATOM   1224 C CE2 . PHE A 1 167 ? -8.023  -7.896  6.239   1.00 14.81 ? 367 PHE A CE2 1 
ATOM   1225 C CZ  . PHE A 1 167 ? -8.200  -9.139  5.674   1.00 14.43 ? 367 PHE A CZ  1 
ATOM   1226 N N   . LEU A 1 168 ? -3.589  -6.887  8.094   1.00 11.19 ? 368 LEU A N   1 
ATOM   1227 C CA  . LEU A 1 168 ? -3.086  -5.996  7.037   1.00 11.08 ? 368 LEU A CA  1 
ATOM   1228 C C   . LEU A 1 168 ? -1.811  -6.581  6.447   1.00 11.96 ? 368 LEU A C   1 
ATOM   1229 O O   . LEU A 1 168 ? -1.631  -6.526  5.235   1.00 12.00 ? 368 LEU A O   1 
ATOM   1230 C CB  . LEU A 1 168 ? -2.886  -4.556  7.531   1.00 11.90 ? 368 LEU A CB  1 
ATOM   1231 C CG  . LEU A 1 168 ? -2.885  -3.516  6.395   1.00 12.15 ? 368 LEU A CG  1 
ATOM   1232 C CD1 . LEU A 1 168 ? -4.246  -3.412  5.735   1.00 12.52 ? 368 LEU A CD1 1 
ATOM   1233 C CD2 . LEU A 1 168 ? -2.495  -2.172  6.940   1.00 13.10 ? 368 LEU A CD2 1 
ATOM   1234 N N   . THR A 1 169 ? -0.961  -7.115  7.302   1.00 12.42 ? 369 THR A N   1 
ATOM   1235 C CA  . THR A 1 169 ? 0.267   -7.749  6.842   1.00 13.89 ? 369 THR A CA  1 
ATOM   1236 C C   . THR A 1 169 ? -0.069  -8.894  5.883   1.00 14.58 ? 369 THR A C   1 
ATOM   1237 O O   . THR A 1 169 ? 0.535   -9.046  4.790   1.00 15.02 ? 369 THR A O   1 
ATOM   1238 C CB  . THR A 1 169 ? 1.103   -8.256  8.044   1.00 14.22 ? 369 THR A CB  1 
ATOM   1239 O OG1 . THR A 1 169 ? 1.532   -7.149  8.843   1.00 15.71 ? 369 THR A OG1 1 
ATOM   1240 C CG2 . THR A 1 169 ? 2.313   -9.075  7.589   1.00 15.86 ? 369 THR A CG2 1 
ATOM   1241 N N   . GLN A 1 170 ? -1.058  -9.715  6.270   1.00 14.43 ? 370 GLN A N   1 
ATOM   1242 C CA  . GLN A 1 170 ? -1.474  -10.812 5.427   1.00 15.59 ? 370 GLN A CA  1 
ATOM   1243 C C   . GLN A 1 170 ? -2.008  -10.333 4.057   1.00 14.40 ? 370 GLN A C   1 
ATOM   1244 O O   . GLN A 1 170 ? -1.687  -10.914 2.992   1.00 15.47 ? 370 GLN A O   1 
ATOM   1245 C CB  . GLN A 1 170 ? -2.477  -11.660 6.234   1.00 16.94 ? 370 GLN A CB  1 
ATOM   1246 C CG  . GLN A 1 170 ? -2.638  -13.037 5.728   1.00 18.10 ? 370 GLN A CG  1 
ATOM   1247 C CD  . GLN A 1 170 ? -1.391  -13.879 5.861   1.00 17.15 ? 370 GLN A CD  1 
ATOM   1248 O OE1 . GLN A 1 170 ? -0.564  -13.709 6.732   1.00 17.65 ? 370 GLN A OE1 1 
ATOM   1249 N NE2 . GLN A 1 170 ? -1.265  -14.804 4.960   1.00 19.80 ? 370 GLN A NE2 1 
ATOM   1250 N N   . VAL A 1 171 ? -2.754  -9.233  4.026   1.00 14.32 ? 371 VAL A N   1 
ATOM   1251 C CA  . VAL A 1 171 ? -3.221  -8.658  2.766   1.00 15.23 ? 371 VAL A CA  1 
ATOM   1252 C C   . VAL A 1 171 ? -2.028  -8.109  1.939   1.00 15.21 ? 371 VAL A C   1 
ATOM   1253 O O   . VAL A 1 171 ? -1.985  -8.205  0.691   1.00 16.15 ? 371 VAL A O   1 
ATOM   1254 C CB  . VAL A 1 171 ? -4.280  -7.570  2.967   1.00 17.63 ? 371 VAL A CB  1 
ATOM   1255 C CG1 . VAL A 1 171 ? -4.726  -7.064  1.612   1.00 18.65 ? 371 VAL A CG1 1 
ATOM   1256 C CG2 . VAL A 1 171 ? -5.457  -8.166  3.706   1.00 18.23 ? 371 VAL A CG2 1 
ATOM   1257 N N   . GLY A 1 172 ? -1.025  -7.605  2.617   1.00 13.41 ? 372 GLY A N   1 
ATOM   1258 C CA  . GLY A 1 172 ? 0.154   -7.103  1.951   1.00 14.10 ? 372 GLY A CA  1 
ATOM   1259 C C   . GLY A 1 172 ? 0.816   -8.222  1.191   1.00 15.87 ? 372 GLY A C   1 
ATOM   1260 O O   . GLY A 1 172 ? 1.378   -7.976  0.115   1.00 18.10 ? 372 GLY A O   1 
ATOM   1261 N N   . LEU A 1 173 ? 0.785   -9.419  1.761   1.00 16.77 ? 373 LEU A N   1 
ATOM   1262 C CA  . LEU A 1 173 ? 1.396   -10.606 1.118   1.00 19.36 ? 373 LEU A CA  1 
ATOM   1263 C C   . LEU A 1 173 ? 0.582   -10.940 -0.113  1.00 20.40 ? 373 LEU A C   1 
ATOM   1264 O O   . LEU A 1 173 ? 1.136   -11.250 -1.217  1.00 19.64 ? 373 LEU A O   1 
ATOM   1265 C CB  . LEU A 1 173 ? 1.488   -11.780 2.104   1.00 20.15 ? 373 LEU A CB  1 
ATOM   1266 C CG  . LEU A 1 173 ? 2.444   -11.627 3.305   1.00 21.69 ? 373 LEU A CG  1 
ATOM   1267 C CD1 . LEU A 1 173 ? 2.327   -12.722 4.377   1.00 22.14 ? 373 LEU A CD1 1 
ATOM   1268 C CD2 . LEU A 1 173 ? 3.901   -11.499 2.847   1.00 24.30 ? 373 LEU A CD2 1 
ATOM   1269 N N   . GLN A 1 174 ? -0.731  -10.837 0.020   1.00 19.20 ? 374 GLN A N   1 
ATOM   1270 C CA  . GLN A 1 174 ? -1.627  -11.102 -1.083  1.00 20.22 ? 374 GLN A CA  1 
ATOM   1271 C C   . GLN A 1 174 ? -1.402  -10.134 -2.253  1.00 22.07 ? 374 GLN A C   1 
ATOM   1272 O O   . GLN A 1 174 ? -1.266  -10.557 -3.424  1.00 22.57 ? 374 GLN A O   1 
ATOM   1273 C CB  . GLN A 1 174 ? -3.074  -11.092 -0.590  1.00 19.89 ? 374 GLN A CB  1 
ATOM   1274 C CG  . GLN A 1 174 ? -4.111  -11.197 -1.665  1.00 21.39 ? 374 GLN A CG  1 
ATOM   1275 C CD  . GLN A 1 174 ? -3.987  -12.491 -2.475  1.00 22.39 ? 374 GLN A CD  1 
ATOM   1276 O OE1 . GLN A 1 174 ? -3.510  -13.520 -1.993  1.00 20.62 ? 374 GLN A OE1 1 
ATOM   1277 N NE2 . GLN A 1 174 ? -4.382  -12.419 -3.730  1.00 24.63 ? 374 GLN A NE2 1 
ATOM   1278 N N   . PHE A 1 175 ? -1.333  -8.834  -1.968  1.00 19.03 ? 375 PHE A N   1 
ATOM   1279 C CA  . PHE A 1 175 ? -1.079  -7.844  -2.985  1.00 18.27 ? 375 PHE A CA  1 
ATOM   1280 C C   . PHE A 1 175 ? 0.294   -8.035  -3.655  1.00 19.31 ? 375 PHE A C   1 
ATOM   1281 O O   . PHE A 1 175 ? 0.446   -7.765  -4.854  1.00 21.22 ? 375 PHE A O   1 
ATOM   1282 C CB  . PHE A 1 175 ? -1.165  -6.450  -2.397  1.00 18.47 ? 375 PHE A CB  1 
ATOM   1283 C CG  . PHE A 1 175 ? -2.576  -5.936  -2.179  1.00 19.01 ? 375 PHE A CG  1 
ATOM   1284 C CD1 . PHE A 1 175 ? -3.712  -6.582  -2.677  1.00 19.50 ? 375 PHE A CD1 1 
ATOM   1285 C CD2 . PHE A 1 175 ? -2.780  -4.791  -1.432  1.00 19.34 ? 375 PHE A CD2 1 
ATOM   1286 C CE1 . PHE A 1 175 ? -4.989  -6.058  -2.467  1.00 19.71 ? 375 PHE A CE1 1 
ATOM   1287 C CE2 . PHE A 1 175 ? -4.046  -4.263  -1.236  1.00 19.44 ? 375 PHE A CE2 1 
ATOM   1288 C CZ  . PHE A 1 175 ? -5.164  -4.864  -1.746  1.00 19.69 ? 375 PHE A CZ  1 
ATOM   1289 N N   . GLY A 1 176 ? 1.259   -8.503  -2.881  1.00 18.24 ? 376 GLY A N   1 
ATOM   1290 C CA  . GLY A 1 176 ? 2.610   -8.681  -3.329  1.00 19.32 ? 376 GLY A CA  1 
ATOM   1291 C C   . GLY A 1 176 ? 2.648   -9.761  -4.386  1.00 21.95 ? 376 GLY A C   1 
ATOM   1292 O O   . GLY A 1 176 ? 3.294   -9.581  -5.418  1.00 20.37 ? 376 GLY A O   1 
ATOM   1293 N N   . ILE A 1 177 ? 1.960   -10.855 -4.101  1.00 21.37 ? 377 ILE A N   1 
ATOM   1294 C CA  . ILE A 1 177 ? 1.954   -11.990 -5.053  1.00 23.23 ? 377 ILE A CA  1 
ATOM   1295 C C   . ILE A 1 177 ? 1.199   -11.604 -6.295  1.00 21.12 ? 377 ILE A C   1 
ATOM   1296 O O   . ILE A 1 177 ? 1.610   -11.966 -7.428  1.00 22.19 ? 377 ILE A O   1 
ATOM   1297 C CB  . ILE A 1 177 ? 1.399   -13.289 -4.459  1.00 25.30 ? 377 ILE A CB  1 
ATOM   1298 C CG1 . ILE A 1 177 ? -0.091  -13.180 -4.173  1.00 29.25 ? 377 ILE A CG1 1 
ATOM   1299 C CG2 . ILE A 1 177 ? 2.202   -13.754 -3.258  1.00 27.59 ? 377 ILE A CG2 1 
ATOM   1300 C CD1 . ILE A 1 177 ? -0.997  -13.469 -5.349  1.00 33.31 ? 377 ILE A CD1 1 
ATOM   1301 N N   . ALA A 1 178 ? 0.123   -10.827 -6.165  1.00 22.68 ? 378 ALA A N   1 
ATOM   1302 C CA  . ALA A 1 178 ? -0.647  -10.384 -7.318  1.00 22.70 ? 378 ALA A CA  1 
ATOM   1303 C C   . ALA A 1 178 ? 0.219   -9.527  -8.229  1.00 24.61 ? 378 ALA A C   1 
ATOM   1304 O O   . ALA A 1 178 ? 0.248   -9.711  -9.432  1.00 24.30 ? 378 ALA A O   1 
ATOM   1305 C CB  . ALA A 1 178 ? -1.900  -9.644  -6.895  1.00 25.63 ? 378 ALA A CB  1 
ATOM   1306 N N   . ILE A 1 179 ? 0.984   -8.620  -7.641  1.00 22.68 ? 379 ILE A N   1 
ATOM   1307 C CA  . ILE A 1 179 ? 1.924   -7.822  -8.389  1.00 22.55 ? 379 ILE A CA  1 
ATOM   1308 C C   . ILE A 1 179 ? 3.021   -8.670  -9.054  1.00 22.46 ? 379 ILE A C   1 
ATOM   1309 O O   . ILE A 1 179 ? 3.421   -8.427  -10.192 1.00 23.27 ? 379 ILE A O   1 
ATOM   1310 C CB  . ILE A 1 179 ? 2.569   -6.771  -7.468  1.00 23.02 ? 379 ILE A CB  1 
ATOM   1311 C CG1 . ILE A 1 179 ? 1.499   -5.771  -7.068  1.00 22.86 ? 379 ILE A CG1 1 
ATOM   1312 C CG2 . ILE A 1 179 ? 3.734   -6.078  -8.162  1.00 23.97 ? 379 ILE A CG2 1 
ATOM   1313 C CD1 . ILE A 1 179 ? 1.862   -5.030  -5.788  1.00 24.46 ? 379 ILE A CD1 1 
ATOM   1314 N N   . SER A 1 180 ? 3.515   -9.664  -8.338  1.00 21.46 ? 380 SER A N   1 
ATOM   1315 C CA  . SER A 1 180 ? 4.525   -10.560 -8.865  1.00 22.26 ? 380 SER A CA  1 
ATOM   1316 C C   . SER A 1 180 ? 4.003   -11.289 -10.094 1.00 22.02 ? 380 SER A C   1 
ATOM   1317 O O   . SER A 1 180 ? 4.720   -11.412 -11.085 1.00 22.63 ? 380 SER A O   1 
ATOM   1318 C CB  . SER A 1 180 ? 4.917   -11.574 -7.831  1.00 22.53 ? 380 SER A CB  1 
ATOM   1319 O OG  . SER A 1 180 ? 5.836   -12.483 -8.387  1.00 24.29 ? 380 SER A OG  1 
ATOM   1320 N N   . HIS A 1 181 ? 2.761   -11.740 -10.032 1.00 19.22 ? 381 HIS A N   1 
ATOM   1321 C CA  . HIS A 1 181 ? 2.112   -12.368 -11.212 1.00 19.07 ? 381 HIS A CA  1 
ATOM   1322 C C   . HIS A 1 181 ? 2.038   -11.392 -12.375 1.00 22.32 ? 381 HIS A C   1 
ATOM   1323 O O   . HIS A 1 181 ? 2.340   -11.768 -13.517 1.00 22.27 ? 381 HIS A O   1 
ATOM   1324 C CB  . HIS A 1 181 ? 0.727   -12.882 -10.895 1.00 18.86 ? 381 HIS A CB  1 
ATOM   1325 C CG  . HIS A 1 181 ? 0.702   -13.969 -9.874  1.00 18.50 ? 381 HIS A CG  1 
ATOM   1326 N ND1 . HIS A 1 181 ? 1.785   -14.768 -9.603  1.00 17.66 ? 381 HIS A ND1 1 
ATOM   1327 C CD2 . HIS A 1 181 ? -0.285  -14.380 -9.054  1.00 18.53 ? 381 HIS A CD2 1 
ATOM   1328 C CE1 . HIS A 1 181 ? 1.462   -15.643 -8.669  1.00 18.35 ? 381 HIS A CE1 1 
ATOM   1329 N NE2 . HIS A 1 181 ? 0.214   -15.419 -8.310  1.00 18.77 ? 381 HIS A NE2 1 
ATOM   1330 N N   . ALA A 1 182 ? 1.668   -10.145 -12.091 1.00 22.62 ? 382 ALA A N   1 
ATOM   1331 C CA  . ALA A 1 182 ? 1.558   -9.121  -13.132 1.00 24.56 ? 382 ALA A CA  1 
ATOM   1332 C C   . ALA A 1 182 ? 2.901   -8.849  -13.785 1.00 26.55 ? 382 ALA A C   1 
ATOM   1333 O O   . ALA A 1 182 ? 2.985   -8.781  -15.017 1.00 27.53 ? 382 ALA A O   1 
ATOM   1334 C CB  . ALA A 1 182 ? 0.973   -7.839  -12.545 1.00 27.02 ? 382 ALA A CB  1 
ATOM   1335 N N   . GLU A 1 183 ? 3.957   -8.742  -12.981 1.00 24.82 ? 383 GLU A N   1 
ATOM   1336 C CA  . GLU A 1 183 ? 5.296   -8.509  -13.510 1.00 27.46 ? 383 GLU A CA  1 
ATOM   1337 C C   . GLU A 1 183 ? 5.776   -9.706  -14.312 1.00 27.57 ? 383 GLU A C   1 
ATOM   1338 O O   . GLU A 1 183 ? 6.365   -9.536  -15.374 1.00 28.06 ? 383 GLU A O   1 
ATOM   1339 C CB  . GLU A 1 183 ? 6.294   -8.149  -12.417 1.00 30.65 ? 383 GLU A CB  1 
ATOM   1340 C CG  . GLU A 1 183 ? 5.939   -6.832  -11.732 1.00 33.14 ? 383 GLU A CG  1 
ATOM   1341 C CD  . GLU A 1 183 ? 6.943   -6.416  -10.681 1.00 38.84 ? 383 GLU A CD  1 
ATOM   1342 O OE1 . GLU A 1 183 ? 7.890   -7.187  -10.412 1.00 42.61 ? 383 GLU A OE1 1 
ATOM   1343 O OE2 . GLU A 1 183 ? 6.778   -5.302  -10.127 1.00 43.05 ? 383 GLU A OE2 1 
ATOM   1344 N N   . TYR A 1 184 ? 5.484   -10.915 -13.820 1.00 24.89 ? 384 TYR A N   1 
ATOM   1345 C CA  . TYR A 1 184 ? 5.799   -12.167 -14.521 1.00 24.40 ? 384 TYR A CA  1 
ATOM   1346 C C   . TYR A 1 184 ? 5.211   -12.175 -15.920 1.00 25.81 ? 384 TYR A C   1 
ATOM   1347 O O   . TYR A 1 184 ? 5.901   -12.542 -16.899 1.00 24.85 ? 384 TYR A O   1 
ATOM   1348 C CB  . TYR A 1 184 ? 5.263   -13.394 -13.720 1.00 22.89 ? 384 TYR A CB  1 
ATOM   1349 C CG  . TYR A 1 184 ? 5.405   -14.673 -14.522 1.00 21.33 ? 384 TYR A CG  1 
ATOM   1350 C CD1 . TYR A 1 184 ? 6.616   -15.339 -14.568 1.00 20.93 ? 384 TYR A CD1 1 
ATOM   1351 C CD2 . TYR A 1 184 ? 4.332   -15.189 -15.210 1.00 21.06 ? 384 TYR A CD2 1 
ATOM   1352 C CE1 . TYR A 1 184 ? 6.776   -16.473 -15.330 1.00 22.34 ? 384 TYR A CE1 1 
ATOM   1353 C CE2 . TYR A 1 184 ? 4.489   -16.336 -16.004 1.00 21.97 ? 384 TYR A CE2 1 
ATOM   1354 C CZ  . TYR A 1 184 ? 5.722   -16.954 -16.034 1.00 23.50 ? 384 TYR A CZ  1 
ATOM   1355 O OH  . TYR A 1 184 ? 5.883   -18.097 -16.810 1.00 27.05 ? 384 TYR A OH  1 
ATOM   1356 N N   . LEU A 1 185 ? 3.943   -11.808 -16.016 1.00 24.31 ? 385 LEU A N   1 
ATOM   1357 C CA  . LEU A 1 185 ? 3.220   -11.844 -17.273 1.00 28.55 ? 385 LEU A CA  1 
ATOM   1358 C C   . LEU A 1 185 ? 3.741   -10.760 -18.214 1.00 32.58 ? 385 LEU A C   1 
ATOM   1359 O O   . LEU A 1 185 ? 3.963   -11.022 -19.411 1.00 32.79 ? 385 LEU A O   1 
ATOM   1360 C CB  . LEU A 1 185 ? 1.730   -11.654 -17.035 1.00 28.35 ? 385 LEU A CB  1 
ATOM   1361 C CG  . LEU A 1 185 ? 1.013   -12.795 -16.300 1.00 31.00 ? 385 LEU A CG  1 
ATOM   1362 C CD1 . LEU A 1 185 ? -0.405  -12.368 -15.968 1.00 31.85 ? 385 LEU A CD1 1 
ATOM   1363 C CD2 . LEU A 1 185 ? 1.018   -14.071 -17.140 1.00 32.96 ? 385 LEU A CD2 1 
ATOM   1364 N N   . GLU A 1 186 ? 3.923   -9.563  -17.663 1.00 36.30 ? 386 GLU A N   1 
ATOM   1365 C CA  . GLU A 1 186 ? 4.551   -8.458  -18.399 1.00 44.55 ? 386 GLU A CA  1 
ATOM   1366 C C   . GLU A 1 186 ? 5.888   -8.908  -18.947 1.00 48.10 ? 386 GLU A C   1 
ATOM   1367 O O   . GLU A 1 186 ? 6.097   -8.884  -20.157 1.00 51.39 ? 386 GLU A O   1 
ATOM   1368 C CB  . GLU A 1 186 ? 4.737   -7.215  -17.512 1.00 46.95 ? 386 GLU A CB  1 
ATOM   1369 C CG  . GLU A 1 186 ? 3.479   -6.367  -17.362 1.00 51.22 ? 386 GLU A CG  1 
ATOM   1370 C CD  . GLU A 1 186 ? 3.657   -5.166  -16.441 1.00 58.11 ? 386 GLU A CD  1 
ATOM   1371 O OE1 . GLU A 1 186 ? 4.574   -5.180  -15.585 1.00 61.54 ? 386 GLU A OE1 1 
ATOM   1372 O OE2 . GLU A 1 186 ? 2.862   -4.204  -16.565 1.00 60.48 ? 386 GLU A OE2 1 
ATOM   1373 N N   . GLN A 1 187 ? 6.766   -9.372  -18.061 1.00 53.79 ? 387 GLN A N   1 
ATOM   1374 C CA  . GLN A 1 187 ? 8.135   -9.743  -18.441 1.00 61.55 ? 387 GLN A CA  1 
ATOM   1375 C C   . GLN A 1 187 ? 8.281   -11.006 -19.310 1.00 63.52 ? 387 GLN A C   1 
ATOM   1376 O O   . GLN A 1 187 ? 9.403   -11.385 -19.650 1.00 71.44 ? 387 GLN A O   1 
ATOM   1377 C CB  . GLN A 1 187 ? 9.033   -9.831  -17.196 1.00 65.69 ? 387 GLN A CB  1 
ATOM   1378 C CG  . GLN A 1 187 ? 9.357   -8.466  -16.600 1.00 71.85 ? 387 GLN A CG  1 
ATOM   1379 C CD  . GLN A 1 187 ? 9.721   -8.523  -15.122 1.00 80.45 ? 387 GLN A CD  1 
ATOM   1380 O OE1 . GLN A 1 187 ? 10.234  -9.535  -14.634 1.00 82.92 ? 387 GLN A OE1 1 
ATOM   1381 N NE2 . GLN A 1 187 ? 9.452   -7.431  -14.398 1.00 83.34 ? 387 GLN A NE2 1 
ATOM   1382 N N   . THR A 1 188 ? 7.173   -11.645 -19.695 1.00 61.57 ? 388 THR A N   1 
ATOM   1383 C CA  . THR A 1 188 ? 7.197   -12.614 -20.783 1.00 58.67 ? 388 THR A CA  1 
ATOM   1384 C C   . THR A 1 188 ? 7.154   -11.841 -22.111 1.00 61.33 ? 388 THR A C   1 
ATOM   1385 O O   . THR A 1 188 ? 6.415   -12.219 -23.018 1.00 60.32 ? 388 THR A O   1 
ATOM   1386 C CB  . THR A 1 188 ? 5.992   -13.593 -20.742 1.00 55.63 ? 388 THR A CB  1 
ATOM   1387 O OG1 . THR A 1 188 ? 4.779   -12.893 -21.056 1.00 55.02 ? 388 THR A OG1 1 
ATOM   1388 C CG2 . THR A 1 188 ? 5.836   -14.255 -19.390 1.00 53.00 ? 388 THR A CG2 1 
ATOM   1389 N N   . ARG A 1 189 ? 7.941   -10.765 -22.227 1.00 65.51 ? 389 ARG A N   1 
ATOM   1390 C CA  . ARG A 1 189 ? 7.878   -9.853  -23.390 1.00 67.35 ? 389 ARG A CA  1 
ATOM   1391 C C   . ARG A 1 189 ? 8.491   -10.476 -24.636 1.00 65.70 ? 389 ARG A C   1 
ATOM   1392 O O   . ARG A 1 189 ? 9.712   -10.603 -24.743 1.00 63.78 ? 389 ARG A O   1 
ATOM   1393 C CB  . ARG A 1 189 ? 8.618   -8.534  -23.117 1.00 68.52 ? 389 ARG A CB  1 
ATOM   1394 C CG  . ARG A 1 189 ? 8.012   -7.646  -22.036 1.00 72.10 ? 389 ARG A CG  1 
ATOM   1395 C CD  . ARG A 1 189 ? 9.094   -6.877  -21.294 1.00 72.00 ? 389 ARG A CD  1 
ATOM   1396 N NE  . ARG A 1 189 ? 9.916   -6.115  -22.231 1.00 73.54 ? 389 ARG A NE  1 
ATOM   1397 C CZ  . ARG A 1 189 ? 11.233  -5.930  -22.139 1.00 76.11 ? 389 ARG A CZ  1 
ATOM   1398 N NH1 . ARG A 1 189 ? 11.949  -6.455  -21.142 1.00 76.24 ? 389 ARG A NH1 1 
ATOM   1399 N NH2 . ARG A 1 189 ? 11.848  -5.207  -23.075 1.00 76.84 ? 389 ARG A NH2 1 
ATOM   1400 N N   . LEU A 1 190 ? 7.637   -10.853 -25.578 1.00 63.87 ? 390 LEU A N   1 
ATOM   1401 C CA  . LEU A 1 190 ? 8.087   -11.296 -26.898 1.00 62.95 ? 390 LEU A CA  1 
ATOM   1402 C C   . LEU A 1 190 ? 8.954   -12.558 -26.823 1.00 54.03 ? 390 LEU A C   1 
ATOM   1403 O O   . LEU A 1 190 ? 10.090  -12.568 -27.336 1.00 44.99 ? 390 LEU A O   1 
ATOM   1404 C CB  . LEU A 1 190 ? 8.849   -10.170 -27.635 1.00 69.82 ? 390 LEU A CB  1 
ATOM   1405 C CG  . LEU A 1 190 ? 8.206   -8.772  -27.698 1.00 76.31 ? 390 LEU A CG  1 
ATOM   1406 C CD1 . LEU A 1 190 ? 9.260   -7.685  -27.901 1.00 77.21 ? 390 LEU A CD1 1 
ATOM   1407 C CD2 . LEU A 1 190 ? 7.132   -8.698  -28.779 1.00 75.63 ? 390 LEU A CD2 1 
ATOM   1408 N N   . GLN A 1 191 ? 8.438   -13.578 -26.130 1.00 43.58 ? 391 GLN A N   1 
ATOM   1409 C CA  . GLN A 1 191 ? 8.803   -14.969 -26.404 1.00 38.09 ? 391 GLN A CA  1 
ATOM   1410 C C   . GLN A 1 191 ? 7.609   -15.681 -27.039 1.00 35.31 ? 391 GLN A C   1 
ATOM   1411 O O   . GLN A 1 191 ? 6.468   -15.588 -26.572 1.00 29.17 ? 391 GLN A O   1 
ATOM   1412 C CB  . GLN A 1 191 ? 9.271   -15.758 -25.162 1.00 38.89 ? 391 GLN A CB  1 
ATOM   1413 C CG  . GLN A 1 191 ? 9.285   -17.268 -25.451 1.00 37.11 ? 391 GLN A CG  1 
ATOM   1414 C CD  . GLN A 1 191 ? 10.496  -18.054 -24.946 1.00 39.15 ? 391 GLN A CD  1 
ATOM   1415 O OE1 . GLN A 1 191 ? 11.663  -17.677 -25.144 1.00 36.31 ? 391 GLN A OE1 1 
ATOM   1416 N NE2 . GLN A 1 191 ? 10.216  -19.209 -24.393 1.00 34.92 ? 391 GLN A NE2 1 
ATOM   1417 N N   . SER A 1 192 ? 7.886   -16.409 -28.108 1.00 31.56 ? 392 SER A N   1 
ATOM   1418 C CA  . SER A 1 192 ? 6.870   -17.130 -28.814 1.00 34.65 ? 392 SER A CA  1 
ATOM   1419 C C   . SER A 1 192 ? 6.590   -18.458 -28.115 1.00 37.42 ? 392 SER A C   1 
ATOM   1420 O O   . SER A 1 192 ? 7.460   -19.340 -28.100 1.00 37.56 ? 392 SER A O   1 
ATOM   1421 C CB  . SER A 1 192 ? 7.394   -17.439 -30.186 1.00 34.01 ? 392 SER A CB  1 
ATOM   1422 O OG  . SER A 1 192 ? 8.553   -18.220 -29.981 1.00 35.47 ? 392 SER A OG  1 
ATOM   1423 N N   . GLU A 1 193 ? 5.379   -18.585 -27.574 1.00 45.77 ? 393 GLU A N   1 
ATOM   1424 C CA  . GLU A 1 193 ? 4.840   -19.792 -26.922 1.00 48.37 ? 393 GLU A CA  1 
ATOM   1425 C C   . GLU A 1 193 ? 4.698   -19.566 -25.431 1.00 49.72 ? 393 GLU A C   1 
ATOM   1426 O O   . GLU A 1 193 ? 4.731   -18.428 -24.968 1.00 58.69 ? 393 GLU A O   1 
ATOM   1427 C CB  . GLU A 1 193 ? 5.674   -21.037 -27.194 1.00 52.97 ? 393 GLU A CB  1 
ATOM   1428 C CG  . GLU A 1 193 ? 4.963   -22.355 -26.905 1.00 54.20 ? 393 GLU A CG  1 
ATOM   1429 C CD  . GLU A 1 193 ? 5.949   -23.492 -26.658 1.00 55.47 ? 393 GLU A CD  1 
ATOM   1430 O OE1 . GLU A 1 193 ? 5.542   -24.535 -26.108 1.00 56.47 ? 393 GLU A OE1 1 
ATOM   1431 O OE2 . GLU A 1 193 ? 7.141   -23.335 -26.995 1.00 59.32 ? 393 GLU A OE2 1 
HETATM 1432 C CHA . BLA B 2 .   ? 9.628   8.024   8.359   1.00 19.98 ? 400 BLA A CHA 1 
HETATM 1433 N NA  . BLA B 2 .   ? 8.221   7.850   6.284   1.00 19.61 ? 400 BLA A NA  1 
HETATM 1434 C C1A . BLA B 2 .   ? 8.628   7.391   7.475   1.00 18.48 ? 400 BLA A C1A 1 
HETATM 1435 C C2A . BLA B 2 .   ? 8.029   6.141   7.942   1.00 19.57 ? 400 BLA A C2A 1 
HETATM 1436 C C3A . BLA B 2 .   ? 7.134   5.843   6.826   1.00 17.79 ? 400 BLA A C3A 1 
HETATM 1437 C C4A . BLA B 2 .   ? 7.237   7.016   5.933   1.00 19.69 ? 400 BLA A C4A 1 
HETATM 1438 C CMA . BLA B 2 .   ? 6.245   4.610   6.793   1.00 18.58 ? 400 BLA A CMA 1 
HETATM 1439 C CAA . BLA B 2 .   ? 8.243   5.332   9.194   1.00 19.69 ? 400 BLA A CAA 1 
HETATM 1440 C CBA . BLA B 2 .   ? 7.512   5.776   10.411  1.00 20.67 ? 400 BLA A CBA 1 
HETATM 1441 C CGA . BLA B 2 .   ? 7.735   4.905   11.612  1.00 20.83 ? 400 BLA A CGA 1 
HETATM 1442 O O1A . BLA B 2 .   ? 7.062   5.112   12.625  1.00 21.31 ? 400 BLA A O1A 1 
HETATM 1443 O O2A . BLA B 2 .   ? 8.624   4.012   11.604  1.00 27.11 ? 400 BLA A O2A 1 
HETATM 1444 C CHB . BLA B 2 .   ? 6.522   6.915   4.710   1.00 17.59 ? 400 BLA A CHB 1 
HETATM 1445 N NB  . BLA B 2 .   ? 4.224   6.264   5.366   1.00 14.90 ? 400 BLA A NB  1 
HETATM 1446 C C1B . BLA B 2 .   ? 5.146   6.566   4.426   1.00 16.81 ? 400 BLA A C1B 1 
HETATM 1447 C C2B . BLA B 2 .   ? 4.740   6.417   3.030   1.00 16.94 ? 400 BLA A C2B 1 
HETATM 1448 C C3B . BLA B 2 .   ? 3.365   5.986   3.191   1.00 16.48 ? 400 BLA A C3B 1 
HETATM 1449 C C4B . BLA B 2 .   ? 3.162   5.889   4.650   1.00 16.72 ? 400 BLA A C4B 1 
HETATM 1450 C CMB . BLA B 2 .   ? 5.473   6.662   1.738   1.00 18.53 ? 400 BLA A CMB 1 
HETATM 1451 O OB  . BLA B 2 .   ? 2.034   5.625   5.175   1.00 16.37 ? 400 BLA A OB  1 
HETATM 1452 C CAB . BLA B 2 .   ? 2.527   5.560   2.093   1.00 16.62 ? 400 BLA A CAB 1 
HETATM 1453 C CBB . BLA B 2 .   ? 1.790   4.457   2.321   1.00 16.90 ? 400 BLA A CBB 1 
HETATM 1454 N NC  . BLA B 2 .   ? 9.595   12.486  4.832   1.00 30.89 ? 400 BLA A NC  1 
HETATM 1455 C C1C . BLA B 2 .   ? 9.306   13.373  3.872   1.00 32.13 ? 400 BLA A C1C 1 
HETATM 1456 C C2C . BLA B 2 .   ? 10.095  14.619  3.875   1.00 33.50 ? 400 BLA A C2C 1 
HETATM 1457 C C3C . BLA B 2 .   ? 10.994  14.377  5.017   1.00 31.93 ? 400 BLA A C3C 1 
HETATM 1458 C C4C . BLA B 2 .   ? 10.603  13.040  5.525   1.00 26.91 ? 400 BLA A C4C 1 
HETATM 1459 C CMC . BLA B 2 .   ? 10.012  15.787  2.926   1.00 34.75 ? 400 BLA A CMC 1 
HETATM 1460 O OC  . BLA B 2 .   ? 8.397   13.192  2.984   1.00 36.85 ? 400 BLA A OC  1 
HETATM 1461 C CAC . BLA B 2 .   ? 12.067  15.243  5.599   1.00 34.06 ? 400 BLA A CAC 1 
HETATM 1462 C CBC . BLA B 2 .   ? 11.636  15.537  7.019   1.00 36.15 ? 400 BLA A CBC 1 
HETATM 1463 C CHD . BLA B 2 .   ? 11.269  12.414  6.673   1.00 24.48 ? 400 BLA A CHD 1 
HETATM 1464 N ND  . BLA B 2 .   ? 10.123  10.176  7.077   1.00 21.69 ? 400 BLA A ND  1 
HETATM 1465 C C1D . BLA B 2 .   ? 11.037  11.171  7.394   1.00 22.60 ? 400 BLA A C1D 1 
HETATM 1466 C C2D . BLA B 2 .   ? 11.745  10.997  8.658   1.00 22.02 ? 400 BLA A C2D 1 
HETATM 1467 C C3D . BLA B 2 .   ? 11.290  9.710   9.167   1.00 20.84 ? 400 BLA A C3D 1 
HETATM 1468 C C4D . BLA B 2 .   ? 10.316  9.315   8.132   1.00 21.03 ? 400 BLA A C4D 1 
HETATM 1469 C CMD . BLA B 2 .   ? 12.756  11.937  9.276   1.00 22.44 ? 400 BLA A CMD 1 
HETATM 1470 C CAD . BLA B 2 .   ? 11.650  8.992   10.427  1.00 20.80 ? 400 BLA A CAD 1 
HETATM 1471 C CBD . BLA B 2 .   ? 10.583  9.285   11.451  1.00 19.62 ? 400 BLA A CBD 1 
HETATM 1472 C CGD . BLA B 2 .   ? 10.674  10.738  11.881  1.00 20.37 ? 400 BLA A CGD 1 
HETATM 1473 O O1D . BLA B 2 .   ? 9.840   11.587  11.512  1.00 17.92 ? 400 BLA A O1D 1 
HETATM 1474 O O2D . BLA B 2 .   ? 11.662  11.028  12.603  1.00 21.35 ? 400 BLA A O2D 1 
HETATM 1475 C C1  . GOL C 3 .   ? 2.348   4.186   19.698  1.00 26.74 ? 401 GOL A C1  1 
HETATM 1476 O O1  . GOL C 3 .   ? 1.549   3.645   18.638  1.00 20.55 ? 401 GOL A O1  1 
HETATM 1477 C C2  . GOL C 3 .   ? 3.065   5.510   19.382  1.00 29.25 ? 401 GOL A C2  1 
HETATM 1478 O O2  . GOL C 3 .   ? 4.240   5.396   18.560  1.00 29.18 ? 401 GOL A O2  1 
HETATM 1479 C C3  . GOL C 3 .   ? 2.135   6.443   18.685  1.00 27.36 ? 401 GOL A C3  1 
HETATM 1480 O O3  . GOL C 3 .   ? 0.896   6.372   19.395  1.00 24.42 ? 401 GOL A O3  1 
HETATM 1481 O O   . HOH D 4 .   ? 4.880   9.401   -11.888 1.00 45.47 ? 501 HOH A O   1 
HETATM 1482 O O   . HOH D 4 .   ? 4.369   3.316   17.235  1.00 28.77 ? 502 HOH A O   1 
HETATM 1483 O O   . HOH D 4 .   ? 19.218  12.508  3.510   1.00 45.26 ? 503 HOH A O   1 
HETATM 1484 O O   . HOH D 4 .   ? 0.032   6.945   21.693  1.00 36.92 ? 504 HOH A O   1 
HETATM 1485 O O   . HOH D 4 .   ? 9.621   -23.280 -26.522 1.00 25.38 ? 505 HOH A O   1 
HETATM 1486 O O   . HOH D 4 .   ? -4.100  9.393   -8.795  1.00 35.77 ? 506 HOH A O   1 
HETATM 1487 O O   . HOH D 4 .   ? -3.459  16.623  12.678  1.00 32.47 ? 507 HOH A O   1 
HETATM 1488 O O   . HOH D 4 .   ? 5.903   4.292   -8.162  1.00 33.29 ? 508 HOH A O   1 
HETATM 1489 O O   . HOH D 4 .   ? -13.795 7.764   11.214  1.00 27.63 ? 509 HOH A O   1 
HETATM 1490 O O   . HOH D 4 .   ? 5.350   -7.240  8.185   1.00 36.67 ? 510 HOH A O   1 
HETATM 1491 O O   . HOH D 4 .   ? -3.665  4.693   -9.887  1.00 40.87 ? 511 HOH A O   1 
HETATM 1492 O O   . HOH D 4 .   ? -10.917 17.130  3.812   1.00 33.26 ? 512 HOH A O   1 
HETATM 1493 O O   . HOH D 4 .   ? -4.804  17.694  8.837   1.00 29.75 ? 513 HOH A O   1 
HETATM 1494 O O   . HOH D 4 .   ? -14.119 5.005   12.097  1.00 34.68 ? 514 HOH A O   1 
HETATM 1495 O O   . HOH D 4 .   ? 5.505   12.782  16.607  1.00 16.30 ? 515 HOH A O   1 
HETATM 1496 O O   . HOH D 4 .   ? 12.114  12.351  15.069  1.00 19.75 ? 516 HOH A O   1 
HETATM 1497 O O   . HOH D 4 .   ? 5.444   -11.618 -3.154  1.00 30.51 ? 517 HOH A O   1 
HETATM 1498 O O   . HOH D 4 .   ? -17.851 -1.022  7.847   1.00 31.91 ? 518 HOH A O   1 
HETATM 1499 O O   . HOH D 4 .   ? 1.892   1.013   18.925  1.00 37.49 ? 519 HOH A O   1 
HETATM 1500 O O   . HOH D 4 .   ? 0.962   -7.428  13.855  1.00 28.17 ? 520 HOH A O   1 
HETATM 1501 O O   . HOH D 4 .   ? -14.300 7.892   6.940   1.00 18.33 ? 521 HOH A O   1 
HETATM 1502 O O   . HOH D 4 .   ? 13.805  9.538   13.211  1.00 30.58 ? 522 HOH A O   1 
HETATM 1503 O O   . HOH D 4 .   ? -1.454  -0.326  18.998  1.00 22.60 ? 523 HOH A O   1 
HETATM 1504 O O   . HOH D 4 .   ? 6.413   -26.829 -25.015 1.00 40.06 ? 524 HOH A O   1 
HETATM 1505 O O   . HOH D 4 .   ? 7.785   -0.681  -7.121  1.00 28.90 ? 525 HOH A O   1 
HETATM 1506 O O   . HOH D 4 .   ? 7.935   1.419   12.865  1.00 36.99 ? 526 HOH A O   1 
HETATM 1507 O O   . HOH D 4 .   ? -8.398  -0.652  16.724  1.00 13.64 ? 527 HOH A O   1 
HETATM 1508 O O   . HOH D 4 .   ? 4.194   -8.574  0.717   1.00 34.75 ? 528 HOH A O   1 
HETATM 1509 O O   . HOH D 4 .   ? -5.436  9.747   5.497   1.00 15.45 ? 529 HOH A O   1 
HETATM 1510 O O   . HOH D 4 .   ? -5.056  -10.001 -4.763  1.00 38.20 ? 530 HOH A O   1 
HETATM 1511 O O   . HOH D 4 .   ? 6.983   3.902   15.058  1.00 35.83 ? 531 HOH A O   1 
HETATM 1512 O O   . HOH D 4 .   ? -6.060  10.349  22.066  1.00 36.87 ? 532 HOH A O   1 
HETATM 1513 O O   . HOH D 4 .   ? -9.725  8.226   -4.142  1.00 23.55 ? 533 HOH A O   1 
HETATM 1514 O O   . HOH D 4 .   ? 11.029  -21.141 -22.646 1.00 18.86 ? 534 HOH A O   1 
HETATM 1515 O O   . HOH D 4 .   ? 7.625   18.424  4.728   1.00 32.64 ? 535 HOH A O   1 
HETATM 1516 O O   . HOH D 4 .   ? -3.423  -0.469  25.907  1.00 38.50 ? 536 HOH A O   1 
HETATM 1517 O O   . HOH D 4 .   ? -4.003  3.982   23.868  1.00 34.23 ? 537 HOH A O   1 
HETATM 1518 O O   . HOH D 4 .   ? -13.346 11.567  0.417   1.00 27.51 ? 538 HOH A O   1 
HETATM 1519 O O   . HOH D 4 .   ? 7.470   -11.412 -10.952 1.00 36.01 ? 539 HOH A O   1 
HETATM 1520 O O   . HOH D 4 .   ? 6.458   -17.106 -19.335 1.00 47.48 ? 540 HOH A O   1 
HETATM 1521 O O   . HOH D 4 .   ? -13.669 2.655   -1.867  1.00 27.54 ? 541 HOH A O   1 
HETATM 1522 O O   . HOH D 4 .   ? 6.277   12.696  19.915  1.00 32.78 ? 542 HOH A O   1 
HETATM 1523 O O   . HOH D 4 .   ? -7.180  19.269  5.264   1.00 40.51 ? 543 HOH A O   1 
HETATM 1524 O O   . HOH D 4 .   ? 0.120   -11.829 9.074   1.00 26.11 ? 544 HOH A O   1 
HETATM 1525 O O   . HOH D 4 .   ? -11.424 1.666   -3.632  1.00 27.82 ? 545 HOH A O   1 
HETATM 1526 O O   . HOH D 4 .   ? -15.419 -5.656  4.310   1.00 30.10 ? 546 HOH A O   1 
HETATM 1527 O O   . HOH D 4 .   ? 9.523   7.438   -0.351  1.00 23.64 ? 547 HOH A O   1 
HETATM 1528 O O   . HOH D 4 .   ? -2.992  12.077  16.113  1.00 19.73 ? 548 HOH A O   1 
HETATM 1529 O O   . HOH D 4 .   ? -1.474  4.470   22.512  1.00 34.15 ? 549 HOH A O   1 
HETATM 1530 O O   . HOH D 4 .   ? 7.837   14.848  17.756  1.00 33.36 ? 550 HOH A O   1 
HETATM 1531 O O   . HOH D 4 .   ? 4.528   7.842   7.695   1.00 15.48 ? 551 HOH A O   1 
HETATM 1532 O O   . HOH D 4 .   ? -3.948  15.039  10.649  1.00 27.76 ? 552 HOH A O   1 
HETATM 1533 O O   . HOH D 4 .   ? -15.111 8.960   -0.689  1.00 30.03 ? 553 HOH A O   1 
HETATM 1534 O O   . HOH D 4 .   ? 3.091   -7.616  4.542   1.00 21.52 ? 554 HOH A O   1 
HETATM 1535 O O   . HOH D 4 .   ? -3.318  -11.969 14.911  1.00 38.60 ? 555 HOH A O   1 
HETATM 1536 O O   . HOH D 4 .   ? 3.987   -11.245 -1.142  1.00 31.84 ? 556 HOH A O   1 
HETATM 1537 O O   . HOH D 4 .   ? -10.684 5.646   -4.619  1.00 34.45 ? 557 HOH A O   1 
HETATM 1538 O O   . HOH D 4 .   ? -5.048  18.678  3.212   1.00 36.57 ? 558 HOH A O   1 
HETATM 1539 O O   . HOH D 4 .   ? 5.241   -0.158  15.217  1.00 25.80 ? 559 HOH A O   1 
HETATM 1540 O O   . HOH D 4 .   ? 12.436  0.543   -5.810  1.00 38.49 ? 560 HOH A O   1 
HETATM 1541 O O   . HOH D 4 .   ? -12.801 5.674   -2.068  1.00 23.58 ? 561 HOH A O   1 
HETATM 1542 O O   . HOH D 4 .   ? -2.081  9.154   22.363  1.00 39.67 ? 562 HOH A O   1 
HETATM 1543 O O   . HOH D 4 .   ? -9.635  15.797  -2.438  1.00 30.78 ? 563 HOH A O   1 
HETATM 1544 O O   . HOH D 4 .   ? 2.900   19.356  13.458  1.00 40.16 ? 564 HOH A O   1 
HETATM 1545 O O   . HOH D 4 .   ? 2.000   14.787  -5.513  1.00 43.08 ? 565 HOH A O   1 
HETATM 1546 O O   . HOH D 4 .   ? -3.212  13.551  19.762  1.00 33.74 ? 566 HOH A O   1 
HETATM 1547 O O   . HOH D 4 .   ? 7.050   -5.860  12.555  1.00 36.56 ? 567 HOH A O   1 
HETATM 1548 O O   . HOH D 4 .   ? 16.363  -2.643  0.162   1.00 48.00 ? 568 HOH A O   1 
HETATM 1549 O O   . HOH D 4 .   ? -0.025  20.857  8.216   1.00 40.86 ? 569 HOH A O   1 
HETATM 1550 O O   . HOH D 4 .   ? 0.695   -7.968  -16.667 1.00 33.12 ? 570 HOH A O   1 
HETATM 1551 O O   . HOH D 4 .   ? -0.473  -4.358  16.660  1.00 36.65 ? 571 HOH A O   1 
HETATM 1552 O O   . HOH D 4 .   ? -11.466 -7.269  -8.010  1.00 40.74 ? 572 HOH A O   1 
HETATM 1553 O O   . HOH D 4 .   ? -8.073  3.754   -6.177  1.00 28.97 ? 573 HOH A O   1 
HETATM 1554 O O   . HOH D 4 .   ? -11.654 -3.176  13.079  1.00 21.12 ? 574 HOH A O   1 
HETATM 1555 O O   . HOH D 4 .   ? 11.658  18.765  10.180  1.00 27.90 ? 575 HOH A O   1 
HETATM 1556 O O   . HOH D 4 .   ? -16.296 12.357  0.141   1.00 38.78 ? 576 HOH A O   1 
HETATM 1557 O O   . HOH D 4 .   ? 1.931   -15.388 6.988   1.00 46.93 ? 577 HOH A O   1 
HETATM 1558 O O   . HOH D 4 .   ? 4.658   -3.921  14.574  1.00 43.10 ? 578 HOH A O   1 
HETATM 1559 O O   . HOH D 4 .   ? -12.421 8.270   -3.711  1.00 39.12 ? 579 HOH A O   1 
HETATM 1560 O O   . HOH D 4 .   ? 5.177   15.236  17.933  1.00 29.89 ? 580 HOH A O   1 
HETATM 1561 O O   . HOH D 4 .   ? -13.181 14.559  14.436  1.00 43.62 ? 581 HOH A O   1 
HETATM 1562 O O   . HOH D 4 .   ? -6.954  2.878   -8.529  1.00 43.17 ? 582 HOH A O   1 
HETATM 1563 O O   . HOH D 4 .   ? -2.600  16.336  -0.735  1.00 37.95 ? 583 HOH A O   1 
HETATM 1564 O O   . HOH D 4 .   ? -15.308 7.041   -2.123  1.00 43.23 ? 584 HOH A O   1 
HETATM 1565 O O   . HOH D 4 .   ? -4.014  -11.048 17.477  1.00 35.21 ? 585 HOH A O   1 
HETATM 1566 O O   . HOH D 4 .   ? 5.420   -8.735  5.735   1.00 27.08 ? 586 HOH A O   1 
HETATM 1567 O O   . HOH D 4 .   ? 5.257   -11.234 6.606   1.00 38.39 ? 587 HOH A O   1 
HETATM 1568 O O   . HOH D 4 .   ? -16.741 -4.944  2.059   1.00 40.33 ? 588 HOH A O   1 
HETATM 1569 O O   . HOH D 4 .   ? -4.693  13.894  17.048  1.00 27.54 ? 589 HOH A O   1 
# 
